data_6O0N
#
_entry.id   6O0N
#
_cell.length_a   102.177
_cell.length_b   143.231
_cell.length_c   184.693
_cell.angle_alpha   90.000
_cell.angle_beta   90.000
_cell.angle_gamma   90.000
#
_symmetry.space_group_name_H-M   'P 21 21 21'
#
loop_
_entity.id
_entity.type
_entity.pdbx_description
1 polymer '2-succinyl-5-enolpyruvyl-6-hydroxy-3-cyclohexene-1-carboxylate synthase'
2 non-polymer '1,4-dihydroxy-2-naphthoic acid'
3 water water
#
_entity_poly.entity_id   1
_entity_poly.type   'polypeptide(L)'
_entity_poly.pdbx_seq_one_letter_code
;MGSSHHHHHHSSGLVPRGSHMNPSTTQARVVVDELIRGGVRDVVLCPGSRNAPLAFALQDADRSGRIRLHVRIDERTAGY
LAIGLAIGAGAPVCVAMTSGTAVANLGPAVVEANYARVPLIVLSANRPYELLGTGANQTMEQLGYFGTQVRASISLGLAE
DAPERTSALNATWRSATCRVLAAATGARTANAGPVHFDIPLREPLVPDPEPLGAVTPPGRPAGKPWTYTPPVTFDQPLDI
DLSVDTVVISGHGAGVHPNLAALPTVAEPTAPRSGDNPLHPLALPLLRPQQVIMLGRPTLHRPVSVLLADAEVPVFALTT
GPRWPDVSGNSQATGTRAVTTGAPRPAWLDRCAAMNRHAIAAVREQLAAHPLTTGLHVAAAVSHALRPGDQLVLGASNPV
RDVALAGLDTRGIRVRSNRGVAGIDGTVSTAIGAALAYEGAHERTGSPDSPPRTIALIGDLTFVHDSSGLLIGPTEPIPR
SLTIVVSNDNGGGIFELLEQGDPRFSDVSSRIFGTPHDVDVGALCRAYHVESRQIEVDELGPTLDQPGAGMRVLEVKADR
SSLRQLHAAIKAAL
;
_entity_poly.pdbx_strand_id   A,B,C,D
#
loop_
_chem_comp.id
_chem_comp.type
_chem_comp.name
_chem_comp.formula
DNA non-polymer '1,4-dihydroxy-2-naphthoic acid' 'C11 H8 O4'
#
# COMPACT_ATOMS: atom_id res chain seq x y z
N ASN A 22 25.34 1.48 -24.43
CA ASN A 22 25.04 1.20 -23.03
C ASN A 22 23.52 1.18 -22.82
N PRO A 23 23.06 0.33 -21.90
CA PRO A 23 21.62 0.06 -21.81
C PRO A 23 20.78 1.24 -21.35
N SER A 24 21.20 1.91 -20.28
CA SER A 24 20.37 2.97 -19.69
C SER A 24 20.17 4.14 -20.65
N THR A 25 21.18 4.45 -21.47
CA THR A 25 21.02 5.53 -22.45
C THR A 25 20.04 5.11 -23.55
N THR A 26 20.22 3.91 -24.10
CA THR A 26 19.30 3.42 -25.13
C THR A 26 17.88 3.36 -24.60
N GLN A 27 17.71 2.91 -23.35
CA GLN A 27 16.38 2.85 -22.75
C GLN A 27 15.75 4.23 -22.65
N ALA A 28 16.55 5.24 -22.31
CA ALA A 28 16.00 6.59 -22.16
C ALA A 28 15.58 7.19 -23.49
N ARG A 29 16.26 6.83 -24.58
CA ARG A 29 15.94 7.42 -25.86
C ARG A 29 14.63 6.86 -26.41
N VAL A 30 14.35 5.59 -26.15
CA VAL A 30 13.14 5.00 -26.71
C VAL A 30 11.91 5.41 -25.93
N VAL A 31 12.02 5.61 -24.62
CA VAL A 31 10.87 6.03 -23.84
C VAL A 31 10.49 7.47 -24.18
N VAL A 32 11.48 8.34 -24.40
CA VAL A 32 11.17 9.69 -24.83
C VAL A 32 10.62 9.69 -26.24
N ASP A 33 11.12 8.81 -27.10
CA ASP A 33 10.58 8.71 -28.45
C ASP A 33 9.12 8.29 -28.42
N GLU A 34 8.80 7.26 -27.63
CA GLU A 34 7.41 6.79 -27.57
C GLU A 34 6.50 7.82 -26.93
N LEU A 35 7.01 8.58 -25.95
CA LEU A 35 6.21 9.64 -25.36
C LEU A 35 5.84 10.68 -26.40
N ILE A 36 6.82 11.15 -27.18
CA ILE A 36 6.54 12.12 -28.24
C ILE A 36 5.49 11.57 -29.20
N ARG A 37 5.65 10.31 -29.62
CA ARG A 37 4.63 9.67 -30.45
C ARG A 37 3.29 9.62 -29.73
N GLY A 38 3.32 9.40 -28.42
CA GLY A 38 2.10 9.41 -27.63
C GLY A 38 1.39 10.75 -27.63
N GLY A 39 2.10 11.83 -27.93
CA GLY A 39 1.49 13.14 -28.09
C GLY A 39 1.90 14.19 -27.09
N VAL A 40 2.83 13.91 -26.20
CA VAL A 40 3.28 14.92 -25.23
C VAL A 40 4.19 15.90 -25.94
N ARG A 41 3.92 17.19 -25.78
CA ARG A 41 4.67 18.24 -26.45
C ARG A 41 5.59 19.03 -25.51
N ASP A 42 5.26 19.11 -24.24
CA ASP A 42 6.09 19.80 -23.25
C ASP A 42 6.51 18.83 -22.16
N VAL A 43 7.76 18.94 -21.73
CA VAL A 43 8.31 18.10 -20.66
C VAL A 43 9.00 19.01 -19.66
N VAL A 44 8.66 18.84 -18.38
CA VAL A 44 9.27 19.60 -17.30
C VAL A 44 10.32 18.74 -16.65
N LEU A 45 11.55 19.26 -16.55
CA LEU A 45 12.70 18.52 -16.06
C LEU A 45 13.27 19.19 -14.82
N CYS A 46 13.46 18.41 -13.76
CA CYS A 46 14.15 18.87 -12.58
C CYS A 46 15.52 18.22 -12.49
N PRO A 47 16.59 19.00 -12.35
CA PRO A 47 17.95 18.45 -12.50
C PRO A 47 18.37 17.62 -11.30
N GLY A 48 18.88 16.43 -11.57
CA GLY A 48 19.51 15.59 -10.58
C GLY A 48 20.55 14.74 -11.29
N SER A 49 21.39 14.07 -10.50
CA SER A 49 22.46 13.31 -11.12
C SER A 49 22.00 11.95 -11.60
N ARG A 50 21.12 11.28 -10.83
CA ARG A 50 20.72 9.93 -11.19
C ARG A 50 19.79 9.89 -12.40
N ASN A 51 19.05 10.98 -12.64
CA ASN A 51 18.17 11.05 -13.80
C ASN A 51 18.85 11.66 -15.03
N ALA A 52 20.18 11.52 -15.12
CA ALA A 52 20.91 12.10 -16.24
C ALA A 52 20.55 11.48 -17.59
N PRO A 53 20.49 10.15 -17.76
CA PRO A 53 20.17 9.61 -19.09
C PRO A 53 18.80 10.03 -19.60
N LEU A 54 17.81 10.18 -18.71
CA LEU A 54 16.57 10.80 -19.13
C LEU A 54 16.78 12.26 -19.53
N ALA A 55 17.64 12.97 -18.79
CA ALA A 55 17.89 14.38 -19.09
C ALA A 55 18.59 14.54 -20.44
N PHE A 56 19.52 13.64 -20.76
CA PHE A 56 20.24 13.76 -22.02
C PHE A 56 19.32 13.45 -23.20
N ALA A 57 18.54 12.38 -23.10
CA ALA A 57 17.59 12.06 -24.17
C ALA A 57 16.57 13.17 -24.35
N LEU A 58 16.16 13.81 -23.25
CA LEU A 58 15.22 14.93 -23.34
C LEU A 58 15.87 16.15 -23.98
N GLN A 59 17.15 16.41 -23.64
CA GLN A 59 17.84 17.56 -24.22
C GLN A 59 17.98 17.40 -25.73
N ASP A 60 18.25 16.17 -26.19
CA ASP A 60 18.29 15.91 -27.63
C ASP A 60 16.95 16.23 -28.27
N ALA A 61 15.85 15.89 -27.61
CA ALA A 61 14.54 16.09 -28.21
C ALA A 61 14.17 17.56 -28.29
N ASP A 62 14.60 18.36 -27.31
CA ASP A 62 14.34 19.80 -27.37
C ASP A 62 15.12 20.45 -28.49
N ARG A 63 16.42 20.14 -28.59
CA ARG A 63 17.23 20.68 -29.68
C ARG A 63 16.69 20.24 -31.03
N SER A 64 16.23 18.98 -31.13
CA SER A 64 15.65 18.49 -32.37
C SER A 64 14.33 19.17 -32.70
N GLY A 65 13.67 19.75 -31.71
CA GLY A 65 12.38 20.39 -31.91
C GLY A 65 11.19 19.48 -31.76
N ARG A 66 11.37 18.25 -31.26
CA ARG A 66 10.27 17.31 -31.12
C ARG A 66 9.49 17.52 -29.83
N ILE A 67 10.06 18.19 -28.84
CA ILE A 67 9.34 18.66 -27.65
C ILE A 67 9.89 20.03 -27.25
N ARG A 68 9.20 20.65 -26.30
CA ARG A 68 9.66 21.86 -25.64
C ARG A 68 9.99 21.51 -24.20
N LEU A 69 11.23 21.78 -23.79
CA LEU A 69 11.71 21.39 -22.48
C LEU A 69 11.70 22.59 -21.54
N HIS A 70 11.17 22.41 -20.34
CA HIS A 70 11.14 23.43 -19.31
C HIS A 70 11.89 22.91 -18.09
N VAL A 71 13.07 23.47 -17.82
CA VAL A 71 13.86 23.11 -16.66
C VAL A 71 13.43 23.96 -15.47
N ARG A 72 13.21 23.32 -14.33
CA ARG A 72 12.83 24.00 -13.11
C ARG A 72 13.67 23.48 -11.95
N ILE A 73 13.69 24.23 -10.86
CA ILE A 73 14.51 23.93 -9.71
C ILE A 73 13.72 23.21 -8.62
N ASP A 74 12.58 23.78 -8.24
CA ASP A 74 11.74 23.20 -7.18
C ASP A 74 10.76 22.22 -7.80
N GLU A 75 10.82 20.96 -7.35
CA GLU A 75 9.98 19.91 -7.95
C GLU A 75 8.50 20.15 -7.68
N ARG A 76 8.15 20.65 -6.48
CA ARG A 76 6.74 20.82 -6.15
C ARG A 76 6.07 21.77 -7.13
N THR A 77 6.61 22.97 -7.30
CA THR A 77 6.05 23.91 -8.26
C THR A 77 6.31 23.47 -9.70
N ALA A 78 7.28 22.59 -9.91
CA ALA A 78 7.50 22.03 -11.25
C ALA A 78 6.29 21.24 -11.70
N GLY A 79 5.77 20.38 -10.82
CA GLY A 79 4.60 19.59 -11.18
C GLY A 79 3.38 20.46 -11.47
N TYR A 80 3.22 21.55 -10.73
CA TYR A 80 2.12 22.47 -10.99
C TYR A 80 2.30 23.18 -12.33
N LEU A 81 3.54 23.46 -12.73
CA LEU A 81 3.78 23.98 -14.07
C LEU A 81 3.39 22.96 -15.13
N ALA A 82 3.59 21.68 -14.85
CA ALA A 82 3.22 20.64 -15.80
C ALA A 82 1.69 20.52 -15.90
N ILE A 83 0.99 20.70 -14.79
CA ILE A 83 -0.47 20.73 -14.82
C ILE A 83 -0.96 21.82 -15.76
N GLY A 84 -0.40 23.04 -15.61
CA GLY A 84 -0.79 24.13 -16.49
C GLY A 84 -0.52 23.84 -17.95
N LEU A 85 0.63 23.23 -18.25
CA LEU A 85 0.93 22.88 -19.64
C LEU A 85 -0.06 21.85 -20.18
N ALA A 86 -0.50 20.92 -19.34
CA ALA A 86 -1.52 19.97 -19.77
C ALA A 86 -2.91 20.59 -19.79
N ILE A 87 -3.18 21.53 -18.88
CA ILE A 87 -4.50 22.13 -18.79
C ILE A 87 -4.75 23.08 -19.96
N GLY A 88 -3.71 23.80 -20.40
CA GLY A 88 -3.91 24.83 -21.40
C GLY A 88 -4.16 24.32 -22.81
N ALA A 89 -3.57 23.19 -23.17
CA ALA A 89 -3.73 22.63 -24.51
C ALA A 89 -4.47 21.30 -24.51
N GLY A 90 -4.82 20.77 -23.34
CA GLY A 90 -5.48 19.47 -23.29
C GLY A 90 -4.60 18.34 -23.79
N ALA A 91 -3.30 18.41 -23.52
CA ALA A 91 -2.35 17.40 -23.98
C ALA A 91 -1.65 16.76 -22.79
N PRO A 92 -1.23 15.50 -22.91
CA PRO A 92 -0.44 14.89 -21.84
C PRO A 92 0.88 15.62 -21.67
N VAL A 93 1.32 15.75 -20.42
CA VAL A 93 2.54 16.47 -20.09
C VAL A 93 3.31 15.64 -19.08
N CYS A 94 4.63 15.59 -19.25
CA CYS A 94 5.50 14.74 -18.46
C CYS A 94 6.36 15.58 -17.51
N VAL A 95 6.61 15.05 -16.32
CA VAL A 95 7.53 15.66 -15.36
C VAL A 95 8.62 14.65 -15.09
N ALA A 96 9.87 15.05 -15.32
CA ALA A 96 11.02 14.20 -15.07
C ALA A 96 11.81 14.77 -13.89
N MET A 97 12.18 13.90 -12.96
CA MET A 97 12.93 14.32 -11.78
C MET A 97 13.84 13.19 -11.34
N THR A 98 14.59 13.44 -10.27
CA THR A 98 15.53 12.47 -9.71
C THR A 98 14.84 11.71 -8.57
N SER A 99 15.62 10.83 -7.93
CA SER A 99 15.08 9.96 -6.90
C SER A 99 14.93 10.73 -5.58
N GLY A 100 14.18 10.11 -4.66
CA GLY A 100 14.13 10.62 -3.29
C GLY A 100 13.10 11.71 -3.13
N THR A 101 13.54 12.83 -2.52
CA THR A 101 12.62 13.93 -2.23
C THR A 101 12.03 14.54 -3.49
N ALA A 102 12.74 14.43 -4.62
CA ALA A 102 12.21 14.98 -5.87
C ALA A 102 10.92 14.29 -6.27
N VAL A 103 10.74 13.02 -5.88
CA VAL A 103 9.48 12.33 -6.15
C VAL A 103 8.43 12.75 -5.13
N ALA A 104 8.79 12.80 -3.84
CA ALA A 104 7.83 13.16 -2.80
C ALA A 104 7.31 14.58 -2.99
N ASN A 105 8.11 15.46 -3.59
CA ASN A 105 7.69 16.84 -3.81
C ASN A 105 6.53 16.94 -4.79
N LEU A 106 6.28 15.91 -5.59
CA LEU A 106 5.17 15.93 -6.53
C LEU A 106 3.87 15.43 -5.92
N GLY A 107 3.85 15.13 -4.62
CA GLY A 107 2.63 14.79 -3.93
C GLY A 107 1.50 15.75 -4.22
N PRO A 108 1.67 17.02 -3.83
CA PRO A 108 0.57 17.98 -4.01
C PRO A 108 0.11 18.15 -5.45
N ALA A 109 1.04 18.16 -6.41
CA ALA A 109 0.63 18.32 -7.80
C ALA A 109 -0.13 17.09 -8.28
N VAL A 110 0.26 15.89 -7.84
CA VAL A 110 -0.44 14.68 -8.25
C VAL A 110 -1.87 14.67 -7.74
N VAL A 111 -2.07 15.08 -6.48
CA VAL A 111 -3.41 15.10 -5.90
C VAL A 111 -4.32 16.04 -6.67
N GLU A 112 -3.80 17.21 -7.06
CA GLU A 112 -4.59 18.13 -7.87
C GLU A 112 -4.94 17.50 -9.21
N ALA A 113 -3.98 16.82 -9.84
CA ALA A 113 -4.24 16.18 -11.12
C ALA A 113 -5.22 15.03 -10.98
N ASN A 114 -5.22 14.36 -9.84
CA ASN A 114 -6.12 13.22 -9.64
C ASN A 114 -7.58 13.68 -9.62
N TYR A 115 -7.88 14.73 -8.86
CA TYR A 115 -9.26 15.18 -8.72
C TYR A 115 -9.70 16.10 -9.85
N ALA A 116 -8.76 16.81 -10.49
CA ALA A 116 -9.08 17.61 -11.67
C ALA A 116 -8.95 16.83 -12.97
N ARG A 117 -8.51 15.56 -12.91
CA ARG A 117 -8.40 14.69 -14.07
C ARG A 117 -7.46 15.28 -15.13
N VAL A 118 -6.21 15.47 -14.71
CA VAL A 118 -5.17 16.07 -15.54
C VAL A 118 -4.18 14.98 -15.93
N PRO A 119 -3.83 14.83 -17.20
CA PRO A 119 -2.89 13.76 -17.59
C PRO A 119 -1.44 14.10 -17.26
N LEU A 120 -0.99 13.67 -16.09
CA LEU A 120 0.32 14.03 -15.58
C LEU A 120 1.19 12.78 -15.52
N ILE A 121 2.26 12.76 -16.32
CA ILE A 121 3.21 11.67 -16.33
C ILE A 121 4.35 12.03 -15.37
N VAL A 122 4.41 11.35 -14.23
CA VAL A 122 5.49 11.57 -13.26
C VAL A 122 6.59 10.57 -13.61
N LEU A 123 7.54 11.01 -14.43
CA LEU A 123 8.66 10.19 -14.85
C LEU A 123 9.79 10.34 -13.85
N SER A 124 9.95 9.34 -12.98
CA SER A 124 10.94 9.39 -11.93
C SER A 124 12.07 8.42 -12.25
N ALA A 125 13.29 8.84 -11.93
CA ALA A 125 14.46 7.98 -12.00
C ALA A 125 14.81 7.49 -10.61
N ASN A 126 15.01 6.19 -10.47
CA ASN A 126 15.26 5.58 -9.18
C ASN A 126 16.52 4.74 -9.23
N ARG A 127 17.25 4.69 -8.12
CA ARG A 127 18.32 3.72 -7.98
C ARG A 127 17.72 2.33 -8.08
N PRO A 128 18.52 1.33 -8.49
CA PRO A 128 17.99 -0.02 -8.67
C PRO A 128 17.23 -0.49 -7.44
N TYR A 129 16.06 -1.11 -7.68
CA TYR A 129 15.22 -1.59 -6.58
C TYR A 129 15.96 -2.52 -5.64
N GLU A 130 17.02 -3.17 -6.13
CA GLU A 130 17.87 -4.02 -5.31
C GLU A 130 18.62 -3.24 -4.24
N LEU A 131 18.68 -1.92 -4.36
CA LEU A 131 19.33 -1.06 -3.38
C LEU A 131 18.38 -0.57 -2.29
N LEU A 132 17.10 -0.90 -2.37
CA LEU A 132 16.15 -0.46 -1.36
C LEU A 132 16.37 -1.22 -0.06
N GLY A 133 16.42 -0.49 1.05
CA GLY A 133 16.69 -1.07 2.34
C GLY A 133 18.15 -1.33 2.63
N THR A 134 19.03 -1.16 1.64
CA THR A 134 20.46 -1.35 1.84
C THR A 134 21.11 -0.19 2.56
N GLY A 135 20.41 0.92 2.73
CA GLY A 135 21.02 2.12 3.26
C GLY A 135 21.66 3.01 2.22
N ALA A 136 21.27 2.87 0.96
CA ALA A 136 21.83 3.69 -0.10
C ALA A 136 21.35 5.14 0.05
N ASN A 137 22.10 6.05 -0.54
CA ASN A 137 21.75 7.46 -0.51
C ASN A 137 20.65 7.77 -1.51
N GLN A 138 19.77 8.69 -1.14
CA GLN A 138 18.66 9.13 -1.99
C GLN A 138 17.81 7.94 -2.45
N THR A 139 17.66 6.96 -1.57
CA THR A 139 16.88 5.76 -1.86
C THR A 139 15.73 5.68 -0.87
N MET A 140 14.51 5.52 -1.39
CA MET A 140 13.32 5.38 -0.58
C MET A 140 12.35 4.46 -1.29
N GLU A 141 11.33 4.00 -0.55
CA GLU A 141 10.25 3.26 -1.18
C GLU A 141 9.50 4.19 -2.13
N GLN A 142 9.90 4.16 -3.40
CA GLN A 142 9.42 5.11 -4.39
C GLN A 142 8.24 4.58 -5.20
N LEU A 143 8.37 3.36 -5.75
CA LEU A 143 7.27 2.79 -6.49
C LEU A 143 6.06 2.60 -5.57
N GLY A 144 4.94 3.18 -5.98
CA GLY A 144 3.76 3.16 -5.14
C GLY A 144 3.73 4.21 -4.05
N TYR A 145 4.64 5.18 -4.09
CA TYR A 145 4.61 6.26 -3.11
C TYR A 145 3.30 7.02 -3.16
N PHE A 146 2.69 7.11 -4.33
CA PHE A 146 1.52 7.94 -4.53
C PHE A 146 0.22 7.23 -4.21
N GLY A 147 0.27 5.94 -3.87
CA GLY A 147 -0.94 5.25 -3.43
C GLY A 147 -2.02 5.24 -4.50
N THR A 148 -3.26 5.47 -4.06
CA THR A 148 -4.39 5.46 -4.98
C THR A 148 -4.53 6.74 -5.79
N GLN A 149 -3.64 7.72 -5.59
CA GLN A 149 -3.77 8.99 -6.28
C GLN A 149 -3.55 8.87 -7.77
N VAL A 150 -2.80 7.86 -8.20
CA VAL A 150 -2.40 7.75 -9.60
C VAL A 150 -3.33 6.79 -10.31
N ARG A 151 -3.54 7.06 -11.61
CA ARG A 151 -4.28 6.11 -12.44
C ARG A 151 -3.58 4.76 -12.48
N ALA A 152 -2.25 4.77 -12.45
CA ALA A 152 -1.46 3.55 -12.38
C ALA A 152 -0.05 3.91 -11.94
N SER A 153 0.67 2.91 -11.45
CA SER A 153 2.09 3.03 -11.14
C SER A 153 2.80 1.94 -11.95
N ILE A 154 3.31 2.31 -13.11
CA ILE A 154 4.03 1.39 -13.97
C ILE A 154 5.52 1.54 -13.67
N SER A 155 6.20 0.40 -13.50
CA SER A 155 7.64 0.38 -13.32
C SER A 155 8.27 -0.21 -14.58
N LEU A 156 9.15 0.56 -15.22
CA LEU A 156 9.92 0.04 -16.33
C LEU A 156 11.03 -0.87 -15.82
N GLY A 157 11.33 -1.90 -16.59
CA GLY A 157 12.39 -2.81 -16.20
C GLY A 157 13.75 -2.13 -16.23
N LEU A 158 14.62 -2.56 -15.32
CA LEU A 158 16.02 -2.13 -15.39
C LEU A 158 16.62 -2.55 -16.71
N ALA A 159 17.30 -1.60 -17.37
CA ALA A 159 17.85 -1.88 -18.68
C ALA A 159 18.90 -2.99 -18.62
N GLU A 160 18.82 -3.92 -19.56
CA GLU A 160 19.71 -5.06 -19.63
C GLU A 160 20.79 -4.84 -20.68
N ASP A 161 22.01 -5.27 -20.36
CA ASP A 161 23.11 -5.27 -21.34
C ASP A 161 23.02 -6.55 -22.16
N ALA A 162 22.08 -6.54 -23.10
CA ALA A 162 21.76 -7.72 -23.91
C ALA A 162 21.49 -7.32 -25.34
N PRO A 163 22.53 -7.27 -26.18
CA PRO A 163 22.29 -7.00 -27.62
C PRO A 163 21.47 -8.07 -28.30
N GLU A 164 21.54 -9.33 -27.82
CA GLU A 164 20.72 -10.38 -28.40
C GLU A 164 19.24 -10.07 -28.23
N ARG A 165 18.84 -9.64 -27.03
CA ARG A 165 17.46 -9.34 -26.72
C ARG A 165 17.10 -7.88 -26.99
N THR A 166 17.92 -7.15 -27.75
CA THR A 166 17.69 -5.73 -27.96
C THR A 166 16.35 -5.46 -28.63
N SER A 167 16.03 -6.22 -29.69
CA SER A 167 14.80 -5.98 -30.42
C SER A 167 13.58 -6.22 -29.53
N ALA A 168 13.63 -7.23 -28.67
CA ALA A 168 12.50 -7.52 -27.79
C ALA A 168 12.30 -6.41 -26.76
N LEU A 169 13.40 -5.93 -26.16
CA LEU A 169 13.30 -4.92 -25.11
C LEU A 169 12.75 -3.61 -25.63
N ASN A 170 12.98 -3.29 -26.91
CA ASN A 170 12.35 -2.12 -27.50
C ASN A 170 10.83 -2.23 -27.43
N ALA A 171 10.28 -3.37 -27.82
CA ALA A 171 8.83 -3.56 -27.80
C ALA A 171 8.29 -3.53 -26.37
N THR A 172 8.98 -4.22 -25.46
CA THR A 172 8.55 -4.24 -24.06
C THR A 172 8.51 -2.84 -23.48
N TRP A 173 9.54 -2.04 -23.75
CA TRP A 173 9.59 -0.67 -23.23
C TRP A 173 8.48 0.18 -23.85
N ARG A 174 8.35 0.14 -25.18
CA ARG A 174 7.38 1.00 -25.86
C ARG A 174 5.95 0.63 -25.47
N SER A 175 5.65 -0.67 -25.42
CA SER A 175 4.32 -1.10 -25.03
C SER A 175 3.95 -0.55 -23.64
N ALA A 176 4.90 -0.61 -22.70
CA ALA A 176 4.65 -0.06 -21.38
C ALA A 176 4.47 1.44 -21.42
N THR A 177 5.31 2.15 -22.19
CA THR A 177 5.18 3.58 -22.31
C THR A 177 3.81 3.95 -22.89
N CYS A 178 3.33 3.16 -23.84
CA CYS A 178 2.00 3.39 -24.39
C CYS A 178 0.92 3.19 -23.32
N ARG A 179 1.09 2.18 -22.46
CA ARG A 179 0.17 1.98 -21.35
C ARG A 179 0.19 3.17 -20.41
N VAL A 180 1.39 3.69 -20.10
CA VAL A 180 1.49 4.85 -19.21
C VAL A 180 0.75 6.04 -19.79
N LEU A 181 0.90 6.27 -21.10
CA LEU A 181 0.14 7.33 -21.75
C LEU A 181 -1.35 7.01 -21.77
N ALA A 182 -1.71 5.77 -22.11
CA ALA A 182 -3.11 5.39 -22.19
C ALA A 182 -3.81 5.54 -20.84
N ALA A 183 -3.07 5.34 -19.74
CA ALA A 183 -3.66 5.52 -18.42
C ALA A 183 -3.79 7.00 -18.06
N ALA A 184 -2.78 7.80 -18.41
CA ALA A 184 -2.81 9.21 -18.02
C ALA A 184 -3.86 9.98 -18.81
N THR A 185 -3.96 9.74 -20.11
CA THR A 185 -4.90 10.46 -20.95
C THR A 185 -6.30 9.87 -20.89
N GLY A 186 -6.53 8.87 -20.05
CA GLY A 186 -7.82 8.18 -20.04
C GLY A 186 -8.17 7.60 -21.38
N ALA A 187 -7.18 6.99 -22.06
CA ALA A 187 -7.39 6.55 -23.44
C ALA A 187 -8.49 5.52 -23.54
N ARG A 188 -8.63 4.66 -22.54
CA ARG A 188 -9.68 3.64 -22.54
C ARG A 188 -10.59 3.70 -21.32
N THR A 189 -10.38 4.66 -20.42
CA THR A 189 -11.17 4.74 -19.20
C THR A 189 -12.00 6.01 -19.11
N ALA A 190 -11.78 6.98 -20.00
CA ALA A 190 -12.44 8.29 -19.94
C ALA A 190 -12.20 8.99 -18.62
N ASN A 191 -11.19 8.56 -17.86
CA ASN A 191 -10.87 9.12 -16.55
C ASN A 191 -9.37 9.45 -16.56
N ALA A 192 -9.02 10.57 -17.19
CA ALA A 192 -7.65 11.00 -17.22
C ALA A 192 -7.14 11.28 -15.80
N GLY A 193 -5.83 11.20 -15.63
CA GLY A 193 -5.22 11.42 -14.35
C GLY A 193 -3.71 11.31 -14.37
N PRO A 194 -3.08 11.36 -13.19
CA PRO A 194 -1.62 11.25 -13.12
C PRO A 194 -1.18 9.80 -13.03
N VAL A 195 -0.13 9.47 -13.78
CA VAL A 195 0.51 8.17 -13.73
C VAL A 195 1.94 8.35 -13.22
N HIS A 196 2.41 7.40 -12.44
CA HIS A 196 3.77 7.39 -11.93
C HIS A 196 4.58 6.37 -12.73
N PHE A 197 5.57 6.85 -13.47
CA PHE A 197 6.41 6.02 -14.33
C PHE A 197 7.80 6.00 -13.72
N ASP A 198 8.15 4.88 -13.09
CA ASP A 198 9.43 4.73 -12.39
C ASP A 198 10.42 4.01 -13.29
N ILE A 199 11.58 4.62 -13.50
CA ILE A 199 12.62 4.03 -14.35
C ILE A 199 13.90 3.86 -13.55
N PRO A 200 14.30 2.64 -13.23
CA PRO A 200 15.57 2.43 -12.54
C PRO A 200 16.75 2.57 -13.47
N LEU A 201 17.79 3.23 -12.99
CA LEU A 201 19.01 3.48 -13.75
C LEU A 201 20.20 3.01 -12.93
N ARG A 202 21.20 2.44 -13.61
CA ARG A 202 22.30 1.76 -12.96
C ARG A 202 23.64 2.41 -13.33
N GLU A 203 24.50 2.56 -12.32
CA GLU A 203 25.87 3.04 -12.50
C GLU A 203 25.94 4.37 -13.25
N PRO A 207 26.22 7.98 -21.39
CA PRO A 207 25.97 8.22 -22.82
C PRO A 207 27.25 8.23 -23.65
N ASP A 208 27.77 7.03 -23.95
CA ASP A 208 28.99 6.89 -24.71
C ASP A 208 28.81 7.46 -26.12
N PRO A 209 29.93 7.87 -26.77
CA PRO A 209 29.93 8.39 -28.15
C PRO A 209 29.04 7.61 -29.12
N THR A 216 19.76 3.98 -31.54
CA THR A 216 18.49 3.90 -30.82
C THR A 216 17.47 3.14 -31.66
N PRO A 217 16.87 2.09 -31.09
CA PRO A 217 15.94 1.25 -31.85
C PRO A 217 14.73 2.04 -32.31
N PRO A 218 14.21 1.75 -33.50
CA PRO A 218 13.10 2.53 -34.04
C PRO A 218 11.74 2.02 -33.58
N GLY A 219 10.78 2.93 -33.58
CA GLY A 219 9.39 2.59 -33.32
C GLY A 219 8.66 2.21 -34.59
N ARG A 220 7.35 2.34 -34.55
CA ARG A 220 6.53 2.04 -35.71
C ARG A 220 6.72 3.12 -36.78
N PRO A 221 6.43 2.78 -38.05
CA PRO A 221 6.58 3.78 -39.12
C PRO A 221 5.56 4.89 -38.99
N ALA A 222 5.91 6.04 -39.57
CA ALA A 222 5.06 7.23 -39.58
C ALA A 222 4.73 7.72 -38.18
N GLY A 223 5.64 7.51 -37.23
CA GLY A 223 5.50 8.03 -35.89
C GLY A 223 4.29 7.53 -35.13
N LYS A 224 3.65 6.47 -35.64
CA LYS A 224 2.48 5.92 -34.97
C LYS A 224 2.89 5.37 -33.61
N PRO A 225 2.02 5.48 -32.60
CA PRO A 225 2.34 4.89 -31.30
C PRO A 225 2.47 3.38 -31.40
N TRP A 226 3.32 2.81 -30.54
CA TRP A 226 3.56 1.37 -30.58
C TRP A 226 2.26 0.60 -30.48
N THR A 227 1.40 0.98 -29.53
CA THR A 227 0.05 0.46 -29.41
C THR A 227 -0.92 1.61 -29.62
N TYR A 228 -1.78 1.48 -30.63
CA TYR A 228 -2.71 2.55 -30.99
C TYR A 228 -4.02 2.38 -30.23
N THR A 229 -4.47 3.46 -29.60
CA THR A 229 -5.74 3.47 -28.88
C THR A 229 -6.66 4.53 -29.49
N PRO A 230 -7.61 4.13 -30.34
CA PRO A 230 -8.49 5.08 -31.01
C PRO A 230 -9.43 5.76 -30.02
N PRO A 231 -10.32 6.65 -30.49
CA PRO A 231 -11.27 7.29 -29.57
C PRO A 231 -12.19 6.29 -28.90
N VAL A 232 -12.37 6.45 -27.60
CA VAL A 232 -13.35 5.68 -26.84
C VAL A 232 -14.48 6.61 -26.41
N THR A 233 -15.67 6.04 -26.30
CA THR A 233 -16.87 6.78 -25.94
C THR A 233 -17.63 5.98 -24.89
N PHE A 234 -17.66 6.49 -23.67
CA PHE A 234 -18.51 5.92 -22.63
C PHE A 234 -19.87 6.59 -22.74
N ASP A 235 -20.85 5.86 -23.28
CA ASP A 235 -22.19 6.39 -23.51
C ASP A 235 -23.14 5.80 -22.49
N GLN A 236 -23.91 6.68 -21.84
CA GLN A 236 -24.82 6.28 -20.76
C GLN A 236 -25.96 7.28 -20.71
N PRO A 237 -26.90 7.20 -21.66
CA PRO A 237 -27.93 8.24 -21.78
C PRO A 237 -28.99 8.10 -20.70
N LEU A 238 -29.66 9.22 -20.43
CA LEU A 238 -30.63 9.33 -19.34
C LEU A 238 -31.92 9.98 -19.84
N ASP A 239 -33.06 9.37 -19.51
CA ASP A 239 -34.36 9.91 -19.84
C ASP A 239 -34.69 11.06 -18.89
N ILE A 240 -34.82 12.27 -19.40
CA ILE A 240 -35.12 13.44 -18.58
C ILE A 240 -36.24 14.24 -19.23
N ASP A 241 -37.25 14.58 -18.45
CA ASP A 241 -38.40 15.35 -18.91
C ASP A 241 -38.15 16.82 -18.61
N LEU A 242 -37.93 17.61 -19.67
CA LEU A 242 -37.67 19.03 -19.57
C LEU A 242 -38.89 19.87 -19.24
N SER A 243 -40.10 19.28 -19.32
CA SER A 243 -41.32 20.00 -18.91
C SER A 243 -41.21 20.48 -17.47
N VAL A 244 -40.79 19.59 -16.57
CA VAL A 244 -40.66 19.94 -15.15
C VAL A 244 -39.68 21.10 -15.01
N ASP A 245 -39.92 21.95 -14.00
CA ASP A 245 -39.02 23.05 -13.69
C ASP A 245 -37.61 22.52 -13.45
N THR A 246 -36.69 22.86 -14.35
CA THR A 246 -35.35 22.31 -14.32
C THR A 246 -34.32 23.44 -14.31
N VAL A 247 -33.34 23.32 -13.42
CA VAL A 247 -32.16 24.17 -13.43
C VAL A 247 -30.96 23.27 -13.67
N VAL A 248 -29.97 23.80 -14.39
CA VAL A 248 -28.77 23.06 -14.75
C VAL A 248 -27.60 23.66 -13.98
N ILE A 249 -26.97 22.87 -13.14
CA ILE A 249 -25.77 23.26 -12.41
C ILE A 249 -24.61 22.54 -13.05
N SER A 250 -23.72 23.29 -13.71
CA SER A 250 -22.56 22.72 -14.38
C SER A 250 -21.30 23.20 -13.69
N GLY A 251 -20.51 22.26 -13.18
CA GLY A 251 -19.30 22.56 -12.46
C GLY A 251 -18.05 22.16 -13.21
N HIS A 252 -16.97 21.93 -12.45
CA HIS A 252 -15.68 21.64 -13.05
C HIS A 252 -15.73 20.33 -13.82
N GLY A 253 -15.23 20.37 -15.06
CA GLY A 253 -15.22 19.18 -15.89
C GLY A 253 -16.57 18.79 -16.44
N ALA A 254 -17.45 19.76 -16.68
CA ALA A 254 -18.78 19.48 -17.19
C ALA A 254 -18.75 19.34 -18.70
N GLY A 255 -19.58 18.44 -19.22
CA GLY A 255 -19.65 18.26 -20.66
C GLY A 255 -20.58 19.26 -21.32
N VAL A 256 -20.44 19.36 -22.63
CA VAL A 256 -21.30 20.23 -23.44
C VAL A 256 -22.51 19.44 -23.89
N HIS A 257 -23.70 19.97 -23.62
CA HIS A 257 -24.96 19.30 -23.97
C HIS A 257 -25.83 20.27 -24.76
N PRO A 258 -25.83 20.18 -26.10
CA PRO A 258 -26.70 21.08 -26.88
C PRO A 258 -28.17 20.90 -26.57
N ASN A 259 -28.60 19.68 -26.25
CA ASN A 259 -30.02 19.45 -25.93
C ASN A 259 -30.41 20.07 -24.59
N LEU A 260 -29.46 20.61 -23.82
CA LEU A 260 -29.75 21.26 -22.56
C LEU A 260 -29.41 22.75 -22.57
N ALA A 261 -29.31 23.34 -23.76
CA ALA A 261 -28.90 24.74 -23.90
C ALA A 261 -29.99 25.73 -23.50
N ALA A 262 -31.27 25.33 -23.60
CA ALA A 262 -32.36 26.27 -23.37
C ALA A 262 -32.59 26.55 -21.89
N LEU A 263 -32.37 25.56 -21.03
CA LEU A 263 -32.69 25.71 -19.62
C LEU A 263 -31.76 26.72 -18.95
N PRO A 264 -32.20 27.33 -17.85
CA PRO A 264 -31.32 28.25 -17.11
C PRO A 264 -30.20 27.47 -16.42
N THR A 265 -28.97 27.93 -16.62
CA THR A 265 -27.80 27.23 -16.10
C THR A 265 -27.04 28.13 -15.15
N VAL A 266 -26.65 27.57 -14.01
CA VAL A 266 -25.70 28.20 -13.10
C VAL A 266 -24.37 27.48 -13.32
N ALA A 267 -23.46 28.12 -14.04
CA ALA A 267 -22.20 27.52 -14.44
C ALA A 267 -21.04 28.12 -13.67
N GLU A 268 -20.19 27.27 -13.12
CA GLU A 268 -18.94 27.74 -12.53
C GLU A 268 -18.06 28.33 -13.63
N PRO A 269 -17.10 29.19 -13.26
CA PRO A 269 -16.24 29.79 -14.29
C PRO A 269 -15.49 28.77 -15.13
N THR A 270 -14.91 27.74 -14.51
CA THR A 270 -14.14 26.75 -15.25
C THR A 270 -15.01 25.84 -16.11
N ALA A 271 -16.32 25.93 -16.01
CA ALA A 271 -17.19 25.07 -16.79
C ALA A 271 -17.48 25.68 -18.15
N PRO A 272 -17.69 24.84 -19.16
CA PRO A 272 -18.08 25.37 -20.48
C PRO A 272 -19.58 25.57 -20.60
N ARG A 273 -20.00 26.78 -20.97
CA ARG A 273 -21.42 27.06 -21.14
C ARG A 273 -21.92 26.39 -22.41
N SER A 274 -22.93 25.54 -22.28
CA SER A 274 -23.52 24.88 -23.42
C SER A 274 -24.75 25.61 -23.95
N GLY A 275 -25.17 26.71 -23.32
CA GLY A 275 -26.35 27.42 -23.73
C GLY A 275 -26.20 28.92 -23.52
N ASP A 276 -27.21 29.65 -24.00
CA ASP A 276 -27.23 31.11 -23.93
C ASP A 276 -28.20 31.63 -22.89
N ASN A 277 -28.65 30.77 -21.96
CA ASN A 277 -29.60 31.14 -20.91
C ASN A 277 -28.92 30.97 -19.57
N PRO A 278 -28.19 31.99 -19.10
CA PRO A 278 -27.49 31.87 -17.82
C PRO A 278 -28.42 32.15 -16.64
N LEU A 279 -27.93 31.77 -15.46
CA LEU A 279 -28.63 32.01 -14.20
C LEU A 279 -27.60 32.33 -13.14
N HIS A 280 -27.68 33.51 -12.56
CA HIS A 280 -26.71 33.92 -11.56
C HIS A 280 -26.86 33.07 -10.30
N PRO A 281 -25.75 32.64 -9.69
CA PRO A 281 -25.85 31.78 -8.51
C PRO A 281 -26.59 32.43 -7.34
N LEU A 282 -26.48 33.75 -7.19
CA LEU A 282 -27.21 34.42 -6.12
C LEU A 282 -28.72 34.33 -6.30
N ALA A 283 -29.21 34.12 -7.53
CA ALA A 283 -30.63 34.03 -7.76
C ALA A 283 -31.18 32.63 -7.52
N LEU A 284 -30.33 31.65 -7.23
CA LEU A 284 -30.76 30.27 -7.09
C LEU A 284 -31.57 30.02 -5.82
N PRO A 285 -31.19 30.56 -4.65
CA PRO A 285 -32.03 30.35 -3.46
C PRO A 285 -33.41 30.97 -3.60
N LEU A 286 -33.54 32.06 -4.36
CA LEU A 286 -34.83 32.72 -4.51
C LEU A 286 -35.74 32.00 -5.48
N LEU A 287 -35.24 31.04 -6.25
CA LEU A 287 -36.04 30.17 -7.08
C LEU A 287 -36.32 28.86 -6.35
N ARG A 288 -37.20 28.06 -6.94
CA ARG A 288 -37.58 26.76 -6.38
C ARG A 288 -37.71 25.75 -7.51
N PRO A 289 -36.60 25.17 -7.95
CA PRO A 289 -36.66 24.20 -9.05
C PRO A 289 -37.13 22.84 -8.58
N GLN A 290 -37.84 22.15 -9.47
CA GLN A 290 -38.42 20.85 -9.16
C GLN A 290 -37.48 19.70 -9.47
N GLN A 291 -36.54 19.88 -10.39
CA GLN A 291 -35.49 18.91 -10.65
C GLN A 291 -34.27 19.63 -11.18
N VAL A 292 -33.09 19.04 -10.96
CA VAL A 292 -31.83 19.68 -11.30
C VAL A 292 -30.96 18.68 -12.05
N ILE A 293 -30.30 19.15 -13.11
CA ILE A 293 -29.40 18.34 -13.92
C ILE A 293 -27.98 18.85 -13.65
N MET A 294 -27.17 18.00 -13.02
CA MET A 294 -25.86 18.39 -12.51
C MET A 294 -24.77 17.93 -13.46
N LEU A 295 -24.17 18.88 -14.18
CA LEU A 295 -23.11 18.57 -15.14
C LEU A 295 -21.75 18.72 -14.47
N GLY A 296 -20.93 17.68 -14.57
CA GLY A 296 -19.60 17.73 -13.98
C GLY A 296 -19.64 17.66 -12.47
N ARG A 297 -18.58 18.15 -11.85
CA ARG A 297 -18.46 18.18 -10.39
C ARG A 297 -18.61 19.61 -9.89
N PRO A 298 -19.77 19.99 -9.35
CA PRO A 298 -19.90 21.31 -8.73
C PRO A 298 -19.14 21.35 -7.41
N THR A 299 -18.16 22.24 -7.34
CA THR A 299 -17.28 22.35 -6.18
C THR A 299 -17.40 23.70 -5.51
N LEU A 300 -18.54 24.36 -5.59
CA LEU A 300 -18.59 25.78 -5.30
C LEU A 300 -20.03 26.23 -5.08
N HIS A 301 -20.15 27.45 -4.53
CA HIS A 301 -21.41 28.07 -4.15
C HIS A 301 -22.14 27.37 -2.99
N ARG A 302 -22.24 28.09 -1.87
CA ARG A 302 -23.11 27.66 -0.77
C ARG A 302 -24.55 27.37 -1.20
N PRO A 303 -25.26 28.24 -1.95
CA PRO A 303 -26.66 27.89 -2.32
C PRO A 303 -26.86 26.51 -2.91
N VAL A 304 -26.06 26.12 -3.91
CA VAL A 304 -26.30 24.86 -4.62
C VAL A 304 -26.10 23.69 -3.67
N SER A 305 -25.11 23.78 -2.77
CA SER A 305 -24.93 22.73 -1.77
C SER A 305 -26.13 22.67 -0.84
N VAL A 306 -26.72 23.83 -0.52
CA VAL A 306 -27.97 23.85 0.22
C VAL A 306 -29.09 23.26 -0.63
N LEU A 307 -29.14 23.62 -1.92
CA LEU A 307 -30.19 23.10 -2.80
C LEU A 307 -30.06 21.61 -2.98
N LEU A 308 -28.83 21.13 -3.22
CA LEU A 308 -28.62 19.69 -3.37
C LEU A 308 -28.89 18.93 -2.08
N ALA A 309 -28.92 19.62 -0.94
CA ALA A 309 -29.18 18.94 0.33
C ALA A 309 -30.62 18.48 0.43
N ASP A 310 -31.56 19.28 -0.10
CA ASP A 310 -32.98 18.92 -0.02
C ASP A 310 -33.23 17.61 -0.75
N ALA A 311 -33.70 16.61 -0.01
CA ALA A 311 -34.00 15.32 -0.60
C ALA A 311 -35.18 15.38 -1.56
N GLU A 312 -36.03 16.40 -1.45
CA GLU A 312 -37.30 16.40 -2.18
C GLU A 312 -37.10 16.58 -3.68
N VAL A 313 -36.01 17.22 -4.10
CA VAL A 313 -35.77 17.54 -5.51
C VAL A 313 -34.83 16.50 -6.09
N PRO A 314 -35.19 15.84 -7.19
CA PRO A 314 -34.29 14.86 -7.80
C PRO A 314 -33.10 15.53 -8.48
N VAL A 315 -31.98 14.81 -8.51
CA VAL A 315 -30.74 15.29 -9.11
C VAL A 315 -30.32 14.28 -10.17
N PHE A 316 -30.17 14.74 -11.41
CA PHE A 316 -29.64 13.94 -12.50
C PHE A 316 -28.21 14.36 -12.76
N ALA A 317 -27.28 13.41 -12.62
CA ALA A 317 -25.86 13.69 -12.77
C ALA A 317 -25.39 13.23 -14.14
N LEU A 318 -24.85 14.17 -14.93
CA LEU A 318 -24.24 13.88 -16.22
C LEU A 318 -22.77 14.23 -16.14
N THR A 319 -21.90 13.24 -16.34
CA THR A 319 -20.46 13.42 -16.26
C THR A 319 -19.79 13.01 -17.55
N THR A 320 -18.54 13.44 -17.70
CA THR A 320 -17.69 12.99 -18.81
C THR A 320 -16.88 11.75 -18.47
N GLY A 321 -16.83 11.36 -17.19
CA GLY A 321 -16.04 10.23 -16.76
C GLY A 321 -16.80 9.33 -15.81
N PRO A 322 -16.15 8.25 -15.38
CA PRO A 322 -16.84 7.28 -14.50
C PRO A 322 -17.18 7.83 -13.13
N ARG A 323 -16.49 8.86 -12.64
CA ARG A 323 -16.82 9.46 -11.36
C ARG A 323 -18.03 10.37 -11.49
N TRP A 324 -18.84 10.41 -10.44
CA TRP A 324 -20.00 11.30 -10.40
C TRP A 324 -20.16 11.87 -9.00
N PRO A 325 -20.65 13.10 -8.89
CA PRO A 325 -20.63 13.80 -7.59
C PRO A 325 -21.49 13.10 -6.54
N ASP A 326 -20.92 12.97 -5.35
CA ASP A 326 -21.64 12.44 -4.20
C ASP A 326 -22.46 13.52 -3.49
N VAL A 327 -22.17 14.79 -3.77
CA VAL A 327 -22.79 15.91 -3.04
C VAL A 327 -24.30 15.79 -3.04
N SER A 328 -24.88 15.45 -4.20
CA SER A 328 -26.31 15.24 -4.31
C SER A 328 -26.77 14.17 -3.34
N GLY A 329 -27.54 14.56 -2.32
CA GLY A 329 -28.15 13.57 -1.46
C GLY A 329 -29.11 12.67 -2.21
N ASN A 330 -29.94 13.27 -3.07
CA ASN A 330 -30.88 12.52 -3.89
C ASN A 330 -30.15 11.60 -4.86
N SER A 331 -29.50 12.15 -5.87
CA SER A 331 -28.89 11.38 -6.95
C SER A 331 -29.90 10.39 -7.53
N GLN A 332 -30.92 10.96 -8.18
CA GLN A 332 -31.99 10.13 -8.73
C GLN A 332 -31.47 9.21 -9.82
N ALA A 333 -30.47 9.65 -10.59
CA ALA A 333 -29.85 8.85 -11.64
C ALA A 333 -28.56 9.53 -12.06
N THR A 334 -27.67 8.73 -12.68
CA THR A 334 -26.42 9.23 -13.23
C THR A 334 -26.23 8.67 -14.63
N GLY A 335 -25.62 9.46 -15.50
CA GLY A 335 -25.35 9.01 -16.85
C GLY A 335 -24.39 9.93 -17.56
N THR A 336 -24.27 9.71 -18.87
CA THR A 336 -23.37 10.49 -19.71
C THR A 336 -24.05 11.70 -20.32
N ARG A 337 -25.25 11.54 -20.85
CA ARG A 337 -25.97 12.62 -21.51
C ARG A 337 -27.46 12.48 -21.22
N ALA A 338 -28.24 13.38 -21.79
CA ALA A 338 -29.69 13.39 -21.61
C ALA A 338 -30.38 13.23 -22.95
N VAL A 339 -31.53 12.57 -22.92
CA VAL A 339 -32.45 12.54 -24.05
C VAL A 339 -33.65 13.40 -23.65
N THR A 340 -33.83 14.51 -24.36
CA THR A 340 -34.81 15.51 -23.96
C THR A 340 -36.19 15.12 -24.45
N THR A 341 -37.13 14.99 -23.52
CA THR A 341 -38.54 14.85 -23.85
C THR A 341 -39.29 16.04 -23.27
N GLY A 342 -40.10 16.68 -24.11
CA GLY A 342 -40.80 17.87 -23.67
C GLY A 342 -39.94 19.12 -23.78
N ALA A 343 -40.40 20.17 -23.11
CA ALA A 343 -39.73 21.47 -23.14
C ALA A 343 -40.04 22.21 -21.85
N PRO A 344 -39.17 23.11 -21.41
CA PRO A 344 -39.45 23.88 -20.20
C PRO A 344 -40.58 24.88 -20.44
N ARG A 345 -41.48 24.98 -19.46
CA ARG A 345 -42.60 25.89 -19.59
C ARG A 345 -42.11 27.34 -19.58
N PRO A 346 -42.59 28.20 -20.48
CA PRO A 346 -42.05 29.56 -20.56
C PRO A 346 -42.28 30.38 -19.31
N ALA A 347 -43.32 30.07 -18.53
CA ALA A 347 -43.53 30.76 -17.27
C ALA A 347 -42.34 30.53 -16.33
N TRP A 348 -41.86 29.29 -16.25
CA TRP A 348 -40.71 28.98 -15.42
C TRP A 348 -39.46 29.67 -15.94
N LEU A 349 -39.21 29.60 -17.25
CA LEU A 349 -38.04 30.24 -17.84
C LEU A 349 -38.08 31.75 -17.64
N ASP A 350 -39.27 32.35 -17.74
CA ASP A 350 -39.38 33.79 -17.59
C ASP A 350 -39.12 34.22 -16.15
N ARG A 351 -39.59 33.44 -15.18
CA ARG A 351 -39.29 33.75 -13.78
C ARG A 351 -37.79 33.64 -13.51
N CYS A 352 -37.15 32.59 -14.04
CA CYS A 352 -35.71 32.43 -13.87
C CYS A 352 -34.97 33.62 -14.46
N ALA A 353 -35.30 34.00 -15.69
CA ALA A 353 -34.63 35.13 -16.32
C ALA A 353 -34.83 36.42 -15.55
N ALA A 354 -36.00 36.59 -14.93
CA ALA A 354 -36.25 37.78 -14.15
C ALA A 354 -35.39 37.81 -12.89
N MET A 355 -35.14 36.64 -12.30
CA MET A 355 -34.30 36.59 -11.10
C MET A 355 -32.82 36.72 -11.45
N ASN A 356 -32.40 36.12 -12.57
CA ASN A 356 -31.03 36.32 -13.03
C ASN A 356 -30.75 37.78 -13.33
N ARG A 357 -31.68 38.45 -14.00
CA ARG A 357 -31.56 39.89 -14.23
C ARG A 357 -31.58 40.65 -12.92
N HIS A 358 -32.31 40.15 -11.93
CA HIS A 358 -32.33 40.77 -10.62
C HIS A 358 -30.98 40.66 -9.92
N ALA A 359 -30.39 39.46 -9.90
CA ALA A 359 -29.12 39.25 -9.21
C ALA A 359 -28.00 40.05 -9.87
N ILE A 360 -28.00 40.11 -11.20
CA ILE A 360 -27.01 40.93 -11.91
C ILE A 360 -27.10 42.38 -11.43
N ALA A 361 -28.33 42.91 -11.37
CA ALA A 361 -28.52 44.30 -10.96
C ALA A 361 -28.00 44.53 -9.55
N ALA A 362 -28.31 43.63 -8.62
CA ALA A 362 -27.88 43.79 -7.24
C ALA A 362 -26.36 43.89 -7.14
N VAL A 363 -25.65 42.92 -7.74
CA VAL A 363 -24.19 42.94 -7.69
C VAL A 363 -23.65 44.17 -8.40
N ARG A 364 -24.19 44.49 -9.57
CA ARG A 364 -23.70 45.63 -10.34
C ARG A 364 -23.94 46.94 -9.60
N GLU A 365 -25.15 47.13 -9.07
CA GLU A 365 -25.49 48.40 -8.44
C GLU A 365 -24.77 48.58 -7.11
N GLN A 366 -24.70 47.52 -6.30
CA GLN A 366 -24.01 47.63 -5.01
C GLN A 366 -22.51 47.84 -5.22
N LEU A 367 -21.94 47.22 -6.25
CA LEU A 367 -20.51 47.40 -6.52
C LEU A 367 -20.22 48.84 -6.90
N ALA A 368 -21.07 49.45 -7.72
CA ALA A 368 -20.86 50.83 -8.12
C ALA A 368 -21.03 51.78 -6.94
N ALA A 369 -21.96 51.47 -6.03
CA ALA A 369 -22.19 52.34 -4.88
C ALA A 369 -21.03 52.29 -3.89
N HIS A 370 -20.27 51.20 -3.88
CA HIS A 370 -19.20 51.06 -2.90
C HIS A 370 -18.09 52.06 -3.20
N PRO A 371 -17.61 52.80 -2.21
CA PRO A 371 -16.57 53.81 -2.47
C PRO A 371 -15.17 53.22 -2.62
N LEU A 372 -14.87 52.17 -1.85
CA LEU A 372 -13.53 51.60 -1.79
C LEU A 372 -13.43 50.36 -2.66
N THR A 373 -12.28 50.17 -3.29
CA THR A 373 -12.05 49.03 -4.16
C THR A 373 -11.81 47.78 -3.33
N THR A 374 -12.57 46.73 -3.62
CA THR A 374 -12.48 45.46 -2.92
C THR A 374 -11.93 44.39 -3.85
N GLY A 375 -11.73 43.19 -3.29
CA GLY A 375 -11.34 42.05 -4.11
C GLY A 375 -12.35 41.74 -5.18
N LEU A 376 -13.64 41.97 -4.89
CA LEU A 376 -14.68 41.77 -5.89
C LEU A 376 -14.57 42.79 -7.01
N HIS A 377 -14.17 44.02 -6.68
CA HIS A 377 -14.05 45.06 -7.70
C HIS A 377 -13.01 44.69 -8.75
N VAL A 378 -11.86 44.16 -8.30
CA VAL A 378 -10.82 43.77 -9.24
C VAL A 378 -11.30 42.61 -10.11
N ALA A 379 -12.09 41.70 -9.53
CA ALA A 379 -12.63 40.59 -10.31
C ALA A 379 -13.58 41.09 -11.40
N ALA A 380 -14.41 42.09 -11.08
CA ALA A 380 -15.27 42.68 -12.09
C ALA A 380 -14.45 43.44 -13.14
N ALA A 381 -13.36 44.08 -12.71
CA ALA A 381 -12.49 44.77 -13.67
C ALA A 381 -11.81 43.79 -14.61
N VAL A 382 -11.32 42.66 -14.08
CA VAL A 382 -10.74 41.63 -14.94
C VAL A 382 -11.80 41.08 -15.88
N SER A 383 -13.03 40.91 -15.39
CA SER A 383 -14.10 40.35 -16.22
C SER A 383 -14.43 41.27 -17.39
N HIS A 384 -14.55 42.58 -17.11
CA HIS A 384 -14.89 43.53 -18.17
C HIS A 384 -13.77 43.71 -19.19
N ALA A 385 -12.54 43.39 -18.82
CA ALA A 385 -11.41 43.54 -19.74
C ALA A 385 -11.25 42.35 -20.68
N LEU A 386 -11.74 41.17 -20.28
CA LEU A 386 -11.54 39.97 -21.09
C LEU A 386 -12.27 40.10 -22.43
N ARG A 387 -11.63 39.59 -23.47
CA ARG A 387 -12.16 39.54 -24.82
C ARG A 387 -12.08 38.10 -25.32
N PRO A 388 -12.94 37.73 -26.29
CA PRO A 388 -12.90 36.35 -26.80
C PRO A 388 -11.52 35.97 -27.31
N GLY A 389 -11.14 34.72 -27.05
CA GLY A 389 -9.83 34.21 -27.39
C GLY A 389 -8.86 34.22 -26.22
N ASP A 390 -9.08 35.07 -25.23
CA ASP A 390 -8.20 35.14 -24.08
C ASP A 390 -8.28 33.86 -23.25
N GLN A 391 -7.26 33.64 -22.43
CA GLN A 391 -7.26 32.60 -21.43
C GLN A 391 -7.25 33.23 -20.05
N LEU A 392 -8.06 32.68 -19.14
CA LEU A 392 -8.21 33.22 -17.80
C LEU A 392 -7.89 32.12 -16.80
N VAL A 393 -6.77 32.27 -16.08
CA VAL A 393 -6.40 31.38 -15.00
C VAL A 393 -6.81 32.05 -13.69
N LEU A 394 -7.56 31.33 -12.86
CA LEU A 394 -8.08 31.88 -11.61
C LEU A 394 -7.46 31.15 -10.43
N GLY A 395 -7.00 31.92 -9.45
CA GLY A 395 -6.55 31.37 -8.19
C GLY A 395 -7.58 30.42 -7.62
N ALA A 396 -7.12 29.38 -6.92
CA ALA A 396 -7.93 28.18 -6.77
C ALA A 396 -9.24 28.42 -6.02
N SER A 397 -9.31 29.44 -5.15
CA SER A 397 -10.53 29.54 -4.35
C SER A 397 -11.14 30.94 -4.26
N ASN A 398 -10.36 31.96 -3.93
CA ASN A 398 -10.96 33.28 -3.80
C ASN A 398 -11.32 33.92 -5.14
N PRO A 399 -10.46 33.90 -6.17
CA PRO A 399 -10.87 34.53 -7.45
C PRO A 399 -12.06 33.85 -8.11
N VAL A 400 -12.10 32.51 -8.13
CA VAL A 400 -13.21 31.81 -8.76
C VAL A 400 -14.53 32.23 -8.15
N ARG A 401 -14.55 32.39 -6.82
CA ARG A 401 -15.75 32.87 -6.15
C ARG A 401 -16.08 34.30 -6.57
N ASP A 402 -15.06 35.12 -6.80
CA ASP A 402 -15.29 36.54 -7.05
C ASP A 402 -15.77 36.79 -8.47
N VAL A 403 -15.17 36.13 -9.47
CA VAL A 403 -15.63 36.34 -10.84
C VAL A 403 -17.00 35.73 -11.05
N ALA A 404 -17.31 34.64 -10.34
CA ALA A 404 -18.63 34.04 -10.44
C ALA A 404 -19.70 34.99 -9.92
N LEU A 405 -19.41 35.69 -8.82
CA LEU A 405 -20.32 36.71 -8.32
C LEU A 405 -20.33 37.93 -9.23
N ALA A 406 -19.22 38.23 -9.91
CA ALA A 406 -19.17 39.35 -10.82
C ALA A 406 -19.93 39.08 -12.12
N GLY A 407 -20.36 37.85 -12.36
CA GLY A 407 -21.16 37.54 -13.52
C GLY A 407 -20.40 37.63 -14.84
N LEU A 408 -19.26 36.97 -14.91
CA LEU A 408 -18.48 36.94 -16.14
C LEU A 408 -19.13 36.01 -17.14
N ASP A 409 -19.19 36.45 -18.40
CA ASP A 409 -19.72 35.63 -19.49
C ASP A 409 -18.56 34.85 -20.10
N THR A 410 -18.49 33.56 -19.78
CA THR A 410 -17.39 32.71 -20.22
C THR A 410 -17.53 32.25 -21.66
N ARG A 411 -18.55 32.70 -22.39
CA ARG A 411 -18.73 32.29 -23.77
C ARG A 411 -17.57 32.81 -24.62
N GLY A 412 -16.82 31.89 -25.23
CA GLY A 412 -15.67 32.27 -26.01
C GLY A 412 -14.39 32.42 -25.22
N ILE A 413 -14.40 32.12 -23.93
CA ILE A 413 -13.24 32.24 -23.06
C ILE A 413 -12.86 30.85 -22.54
N ARG A 414 -11.56 30.58 -22.48
CA ARG A 414 -11.06 29.36 -21.86
C ARG A 414 -10.63 29.72 -20.44
N VAL A 415 -11.33 29.16 -19.45
CA VAL A 415 -11.09 29.44 -18.04
C VAL A 415 -10.44 28.23 -17.40
N ARG A 416 -9.32 28.45 -16.72
CA ARG A 416 -8.53 27.39 -16.10
C ARG A 416 -8.40 27.65 -14.62
N SER A 417 -8.41 26.59 -13.83
CA SER A 417 -8.19 26.70 -12.39
C SER A 417 -7.95 25.31 -11.82
N ASN A 418 -7.16 25.26 -10.76
CA ASN A 418 -6.89 24.02 -10.06
C ASN A 418 -8.02 23.78 -9.06
N ARG A 419 -9.14 23.28 -9.59
CA ARG A 419 -10.35 23.06 -8.81
C ARG A 419 -10.46 21.64 -8.26
N GLY A 420 -9.50 20.77 -8.56
CA GLY A 420 -9.51 19.42 -8.01
C GLY A 420 -9.50 19.44 -6.50
N VAL A 421 -8.44 19.97 -5.89
CA VAL A 421 -8.38 20.16 -4.45
C VAL A 421 -8.49 21.62 -4.04
N ALA A 422 -8.53 22.55 -5.01
CA ALA A 422 -8.62 23.99 -4.72
C ALA A 422 -7.48 24.45 -3.81
N GLY A 423 -6.29 23.89 -4.03
CA GLY A 423 -5.18 24.18 -3.16
C GLY A 423 -4.53 25.53 -3.46
N ILE A 424 -3.73 26.00 -2.49
CA ILE A 424 -3.11 27.32 -2.61
C ILE A 424 -1.79 27.26 -3.39
N ASP A 425 -1.30 26.07 -3.69
CA ASP A 425 0.05 25.89 -4.19
C ASP A 425 0.11 26.01 -5.71
N GLY A 426 1.26 26.42 -6.20
CA GLY A 426 1.59 26.39 -7.62
C GLY A 426 0.62 27.10 -8.54
N THR A 427 -0.18 28.02 -8.00
CA THR A 427 -1.08 28.78 -8.87
C THR A 427 -0.29 29.63 -9.86
N VAL A 428 0.77 30.29 -9.37
CA VAL A 428 1.64 31.05 -10.25
C VAL A 428 2.31 30.13 -11.26
N SER A 429 2.69 28.92 -10.82
CA SER A 429 3.32 27.98 -11.74
C SER A 429 2.35 27.48 -12.79
N THR A 430 1.09 27.22 -12.38
CA THR A 430 0.09 26.74 -13.33
C THR A 430 -0.16 27.78 -14.43
N ALA A 431 -0.40 29.03 -14.03
CA ALA A 431 -0.71 30.09 -14.98
C ALA A 431 0.41 30.23 -16.03
N ILE A 432 1.66 30.07 -15.61
CA ILE A 432 2.78 30.13 -16.56
C ILE A 432 2.68 29.00 -17.55
N GLY A 433 2.44 27.78 -17.07
CA GLY A 433 2.31 26.65 -17.97
C GLY A 433 1.10 26.75 -18.88
N ALA A 434 -0.02 27.20 -18.34
CA ALA A 434 -1.22 27.38 -19.17
C ALA A 434 -0.99 28.39 -20.27
N ALA A 435 -0.34 29.51 -19.94
CA ALA A 435 -0.02 30.51 -20.96
C ALA A 435 0.88 29.90 -22.03
N LEU A 436 1.91 29.16 -21.61
CA LEU A 436 2.84 28.56 -22.58
C LEU A 436 2.12 27.58 -23.49
N ALA A 437 1.27 26.73 -22.92
CA ALA A 437 0.58 25.73 -23.73
C ALA A 437 -0.40 26.39 -24.68
N TYR A 438 -1.09 27.43 -24.23
CA TYR A 438 -2.03 28.13 -25.10
C TYR A 438 -1.31 28.86 -26.23
N GLU A 439 -0.18 29.51 -25.89
CA GLU A 439 0.61 30.20 -26.92
C GLU A 439 1.22 29.20 -27.90
N GLY A 440 1.60 28.01 -27.43
CA GLY A 440 2.11 27.00 -28.34
C GLY A 440 1.03 26.43 -29.23
N ALA A 441 -0.18 26.26 -28.70
CA ALA A 441 -1.30 25.81 -29.53
C ALA A 441 -1.63 26.83 -30.60
N HIS A 442 -1.52 28.11 -30.27
CA HIS A 442 -1.76 29.17 -31.26
C HIS A 442 -0.63 29.23 -32.28
N GLU A 443 0.61 28.94 -31.85
CA GLU A 443 1.74 28.96 -32.79
C GLU A 443 1.59 27.88 -33.85
N ARG A 444 1.05 26.72 -33.47
CA ARG A 444 0.81 25.65 -34.44
C ARG A 444 -0.27 26.01 -35.44
N THR A 445 -1.17 26.94 -35.10
CA THR A 445 -2.20 27.37 -36.03
C THR A 445 -1.66 28.27 -37.14
N GLY A 446 -0.41 28.73 -37.03
CA GLY A 446 0.17 29.60 -38.03
C GLY A 446 -0.56 30.91 -38.21
N SER A 447 -1.36 31.32 -37.23
CA SER A 447 -2.21 32.48 -37.38
C SER A 447 -1.37 33.74 -37.54
N PRO A 448 -1.89 34.76 -38.22
CA PRO A 448 -1.13 36.02 -38.36
C PRO A 448 -1.12 36.84 -37.09
N ASP A 449 -2.18 36.79 -36.29
CA ASP A 449 -2.28 37.63 -35.11
C ASP A 449 -1.24 37.23 -34.06
N SER A 450 -1.12 38.07 -33.04
CA SER A 450 -0.18 37.83 -31.95
C SER A 450 -0.67 36.67 -31.08
N PRO A 451 0.21 36.12 -30.25
CA PRO A 451 -0.23 35.07 -29.32
C PRO A 451 -1.34 35.58 -28.44
N PRO A 452 -2.28 34.71 -28.06
CA PRO A 452 -3.47 35.16 -27.34
C PRO A 452 -3.14 35.53 -25.90
N ARG A 453 -4.00 36.36 -25.33
CA ARG A 453 -3.79 36.85 -23.97
C ARG A 453 -4.10 35.75 -22.95
N THR A 454 -3.29 35.70 -21.90
CA THR A 454 -3.51 34.81 -20.76
C THR A 454 -3.47 35.68 -19.50
N ILE A 455 -4.62 35.99 -18.96
CA ILE A 455 -4.73 36.83 -17.77
C ILE A 455 -5.00 35.94 -16.57
N ALA A 456 -4.24 36.13 -15.50
CA ALA A 456 -4.38 35.36 -14.28
C ALA A 456 -4.77 36.28 -13.13
N LEU A 457 -5.78 35.88 -12.36
CA LEU A 457 -6.23 36.62 -11.18
C LEU A 457 -6.01 35.74 -9.96
N ILE A 458 -5.12 36.17 -9.06
CA ILE A 458 -4.80 35.41 -7.86
C ILE A 458 -4.79 36.36 -6.67
N GLY A 459 -5.02 35.80 -5.49
CA GLY A 459 -4.89 36.58 -4.27
C GLY A 459 -3.44 36.83 -3.90
N ASP A 460 -3.23 37.87 -3.08
CA ASP A 460 -1.87 38.20 -2.66
C ASP A 460 -1.24 37.05 -1.88
N LEU A 461 -2.01 36.41 -1.01
CA LEU A 461 -1.48 35.27 -0.26
C LEU A 461 -1.10 34.13 -1.18
N THR A 462 -1.88 33.90 -2.23
CA THR A 462 -1.55 32.87 -3.21
C THR A 462 -0.27 33.21 -3.96
N PHE A 463 -0.07 34.50 -4.27
CA PHE A 463 1.10 34.89 -5.05
C PHE A 463 2.37 34.73 -4.22
N VAL A 464 2.42 35.31 -3.02
CA VAL A 464 3.62 35.23 -2.20
C VAL A 464 3.96 33.80 -1.85
N HIS A 465 2.94 32.95 -1.70
CA HIS A 465 3.19 31.55 -1.35
C HIS A 465 3.95 30.83 -2.45
N ASP A 466 3.52 30.98 -3.70
CA ASP A 466 4.19 30.37 -4.84
C ASP A 466 4.93 31.42 -5.66
N SER A 467 5.57 32.38 -4.99
CA SER A 467 6.39 33.35 -5.71
C SER A 467 7.55 32.67 -6.42
N SER A 468 8.04 31.56 -5.86
CA SER A 468 9.14 30.81 -6.47
C SER A 468 8.74 30.24 -7.83
N GLY A 469 7.45 30.19 -8.14
CA GLY A 469 7.03 29.75 -9.46
C GLY A 469 7.45 30.71 -10.56
N LEU A 470 7.64 31.99 -10.20
CA LEU A 470 8.13 32.97 -11.17
C LEU A 470 9.54 32.67 -11.63
N LEU A 471 10.31 31.90 -10.85
CA LEU A 471 11.66 31.54 -11.25
C LEU A 471 11.63 30.81 -12.59
N ILE A 472 12.25 31.41 -13.60
CA ILE A 472 12.41 30.78 -14.91
C ILE A 472 13.83 31.09 -15.38
N GLY A 473 14.58 30.04 -15.72
CA GLY A 473 15.93 30.20 -16.20
C GLY A 473 16.00 30.97 -17.49
N PRO A 474 17.16 31.58 -17.77
CA PRO A 474 17.30 32.38 -18.99
C PRO A 474 17.12 31.57 -20.27
N THR A 475 17.53 30.30 -20.27
CA THR A 475 17.32 29.46 -21.44
C THR A 475 15.93 28.85 -21.49
N GLU A 476 15.20 28.87 -20.38
CA GLU A 476 13.89 28.24 -20.30
C GLU A 476 12.83 29.10 -20.99
N PRO A 477 11.78 28.48 -21.52
CA PRO A 477 10.74 29.25 -22.20
C PRO A 477 10.06 30.24 -21.27
N ILE A 478 9.79 31.43 -21.80
CA ILE A 478 9.05 32.46 -21.08
C ILE A 478 7.75 32.69 -21.83
N PRO A 479 6.64 32.95 -21.15
CA PRO A 479 5.39 33.24 -21.87
C PRO A 479 5.52 34.52 -22.68
N ARG A 480 4.66 34.64 -23.69
CA ARG A 480 4.68 35.80 -24.58
C ARG A 480 3.62 36.84 -24.23
N SER A 481 2.48 36.44 -23.68
CA SER A 481 1.40 37.36 -23.36
C SER A 481 0.68 36.89 -22.09
N LEU A 482 1.41 36.81 -20.98
CA LEU A 482 0.88 36.40 -19.70
C LEU A 482 0.92 37.57 -18.73
N THR A 483 -0.21 37.84 -18.07
CA THR A 483 -0.32 38.91 -17.10
C THR A 483 -1.00 38.37 -15.85
N ILE A 484 -0.37 38.57 -14.71
CA ILE A 484 -0.85 38.06 -13.44
C ILE A 484 -1.39 39.23 -12.63
N VAL A 485 -2.70 39.26 -12.42
CA VAL A 485 -3.33 40.29 -11.60
C VAL A 485 -3.40 39.77 -10.17
N VAL A 486 -2.69 40.45 -9.26
CA VAL A 486 -2.56 40.03 -7.88
C VAL A 486 -3.43 40.94 -7.04
N SER A 487 -4.59 40.44 -6.61
CA SER A 487 -5.46 41.18 -5.71
C SER A 487 -4.88 41.14 -4.30
N ASN A 488 -4.41 42.28 -3.81
CA ASN A 488 -3.70 42.36 -2.55
C ASN A 488 -4.62 43.00 -1.50
N ASP A 489 -4.94 42.22 -0.46
CA ASP A 489 -5.66 42.79 0.68
C ASP A 489 -5.25 42.16 2.01
N ASN A 490 -4.13 41.41 2.04
CA ASN A 490 -3.62 40.78 3.25
C ASN A 490 -4.60 39.76 3.83
N GLY A 491 -5.34 39.08 2.96
CA GLY A 491 -6.33 38.10 3.42
C GLY A 491 -6.44 36.94 2.46
N GLY A 492 -6.93 35.83 3.00
CA GLY A 492 -7.12 34.62 2.21
C GLY A 492 -8.25 33.74 2.73
N ARG A 511 -4.71 29.12 16.13
CA ARG A 511 -5.45 28.74 14.94
C ARG A 511 -5.18 29.72 13.79
N ILE A 512 -6.16 30.59 13.51
CA ILE A 512 -5.99 31.58 12.46
C ILE A 512 -4.92 32.59 12.85
N PHE A 513 -4.84 32.93 14.13
CA PHE A 513 -3.85 33.86 14.66
C PHE A 513 -3.87 35.20 13.94
N HIS A 517 0.73 39.02 6.67
CA HIS A 517 2.14 38.83 6.29
C HIS A 517 2.81 40.16 5.98
N ASP A 518 2.09 41.05 5.30
CA ASP A 518 2.59 42.36 4.90
C ASP A 518 3.92 42.24 4.14
N VAL A 519 3.79 41.78 2.90
CA VAL A 519 4.94 41.55 2.02
C VAL A 519 4.84 42.48 0.82
N ASP A 520 5.99 43.01 0.40
CA ASP A 520 6.06 43.88 -0.77
C ASP A 520 6.02 43.01 -2.03
N VAL A 521 4.91 43.09 -2.77
CA VAL A 521 4.80 42.34 -4.01
C VAL A 521 5.86 42.80 -5.01
N GLY A 522 6.13 44.10 -5.05
CA GLY A 522 7.12 44.61 -5.97
C GLY A 522 8.52 44.07 -5.70
N ALA A 523 8.90 43.99 -4.43
CA ALA A 523 10.20 43.46 -4.08
C ALA A 523 10.29 41.97 -4.40
N LEU A 524 9.15 41.27 -4.38
CA LEU A 524 9.15 39.85 -4.68
C LEU A 524 9.44 39.60 -6.15
N CYS A 525 8.78 40.34 -7.04
CA CYS A 525 9.06 40.23 -8.47
C CYS A 525 10.44 40.77 -8.79
N ARG A 526 10.94 41.70 -7.99
CA ARG A 526 12.30 42.19 -8.14
C ARG A 526 13.30 41.04 -8.04
N ALA A 527 13.13 40.18 -7.02
CA ALA A 527 14.06 39.09 -6.79
C ALA A 527 14.07 38.10 -7.95
N TYR A 528 12.90 37.85 -8.54
CA TYR A 528 12.78 36.90 -9.64
C TYR A 528 12.86 37.57 -11.00
N HIS A 529 13.29 38.82 -11.06
N HIS A 529 13.25 38.84 -11.05
CA HIS A 529 13.48 39.59 -12.31
CA HIS A 529 13.48 39.59 -12.28
C HIS A 529 12.29 39.46 -13.25
C HIS A 529 12.29 39.47 -13.25
N VAL A 530 11.14 39.95 -12.78
CA VAL A 530 9.91 39.94 -13.54
C VAL A 530 9.29 41.34 -13.46
N GLU A 531 8.79 41.83 -14.59
CA GLU A 531 8.18 43.14 -14.64
C GLU A 531 6.98 43.21 -13.70
N SER A 532 6.93 44.26 -12.88
CA SER A 532 5.87 44.44 -11.91
C SER A 532 5.46 45.91 -11.87
N ARG A 533 4.24 46.15 -11.38
CA ARG A 533 3.69 47.50 -11.32
C ARG A 533 2.44 47.55 -10.44
N GLN A 534 2.35 48.54 -9.56
CA GLN A 534 1.18 48.70 -8.70
C GLN A 534 0.19 49.64 -9.37
N ILE A 535 -1.02 49.12 -9.63
CA ILE A 535 -2.01 49.78 -10.47
C ILE A 535 -3.33 49.84 -9.72
N GLU A 536 -4.14 50.85 -10.04
CA GLU A 536 -5.48 50.96 -9.48
C GLU A 536 -6.50 50.24 -10.39
N VAL A 537 -7.69 50.02 -9.84
CA VAL A 537 -8.65 49.12 -10.46
C VAL A 537 -9.11 49.66 -11.82
N ASP A 538 -9.44 50.95 -11.88
CA ASP A 538 -9.96 51.52 -13.12
C ASP A 538 -8.91 51.56 -14.23
N GLU A 539 -7.63 51.44 -13.90
CA GLU A 539 -6.57 51.37 -14.90
C GLU A 539 -6.33 49.95 -15.39
N LEU A 540 -7.04 48.96 -14.84
CA LEU A 540 -6.77 47.57 -15.19
C LEU A 540 -7.12 47.30 -16.65
N GLY A 541 -8.27 47.79 -17.11
CA GLY A 541 -8.67 47.64 -18.49
C GLY A 541 -7.64 48.13 -19.49
N PRO A 542 -7.23 49.40 -19.37
CA PRO A 542 -6.21 49.93 -20.29
C PRO A 542 -4.86 49.22 -20.18
N THR A 543 -4.43 48.89 -18.96
CA THR A 543 -3.12 48.23 -18.79
C THR A 543 -3.11 46.86 -19.45
N LEU A 544 -4.22 46.12 -19.34
CA LEU A 544 -4.29 44.81 -19.98
C LEU A 544 -4.30 44.94 -21.49
N ASP A 545 -4.94 45.98 -22.02
CA ASP A 545 -5.04 46.17 -23.46
C ASP A 545 -3.75 46.68 -24.10
N GLN A 546 -2.83 47.27 -23.32
CA GLN A 546 -1.57 47.78 -23.80
C GLN A 546 -0.49 46.71 -23.66
N PRO A 547 -0.24 45.91 -24.69
CA PRO A 547 0.72 44.81 -24.55
C PRO A 547 2.12 45.34 -24.27
N GLY A 548 2.77 44.75 -23.27
CA GLY A 548 4.13 45.15 -22.95
C GLY A 548 5.08 43.96 -22.90
N ALA A 549 5.65 43.73 -21.72
CA ALA A 549 6.57 42.62 -21.57
C ALA A 549 5.83 41.30 -21.66
N GLY A 550 6.58 40.26 -22.04
CA GLY A 550 5.98 38.95 -22.22
C GLY A 550 5.26 38.44 -20.99
N MET A 551 5.87 38.63 -19.81
CA MET A 551 5.32 38.17 -18.55
C MET A 551 5.45 39.26 -17.50
N ARG A 552 4.33 39.68 -16.93
CA ARG A 552 4.34 40.75 -15.94
C ARG A 552 3.23 40.50 -14.95
N VAL A 553 3.34 41.13 -13.79
CA VAL A 553 2.32 41.08 -12.76
C VAL A 553 1.85 42.50 -12.48
N LEU A 554 0.55 42.65 -12.23
CA LEU A 554 -0.07 43.93 -11.93
C LEU A 554 -0.71 43.84 -10.55
N GLU A 555 -0.12 44.51 -9.57
CA GLU A 555 -0.64 44.50 -8.21
C GLU A 555 -1.70 45.58 -8.08
N VAL A 556 -2.89 45.20 -7.60
CA VAL A 556 -3.98 46.13 -7.33
C VAL A 556 -4.31 46.04 -5.85
N LYS A 557 -4.16 47.17 -5.15
CA LYS A 557 -4.46 47.18 -3.72
C LYS A 557 -5.96 47.12 -3.50
N ALA A 558 -6.37 46.21 -2.62
CA ALA A 558 -7.77 46.04 -2.27
C ALA A 558 -7.93 46.13 -0.76
N ASP A 559 -9.17 46.36 -0.33
CA ASP A 559 -9.49 46.58 1.07
C ASP A 559 -10.46 45.51 1.53
N ARG A 560 -10.20 44.95 2.72
CA ARG A 560 -11.04 43.90 3.29
C ARG A 560 -11.91 44.40 4.43
N SER A 561 -11.76 45.66 4.85
CA SER A 561 -12.55 46.17 5.97
C SER A 561 -14.02 46.30 5.60
N SER A 562 -14.31 46.93 4.46
CA SER A 562 -15.67 47.18 4.02
C SER A 562 -16.29 45.99 3.28
N LEU A 563 -15.60 44.84 3.27
CA LEU A 563 -16.12 43.69 2.53
C LEU A 563 -17.46 43.22 3.10
N ARG A 564 -17.59 43.21 4.42
CA ARG A 564 -18.86 42.82 5.04
C ARG A 564 -19.98 43.75 4.62
N GLN A 565 -19.69 45.06 4.55
CA GLN A 565 -20.71 46.02 4.14
C GLN A 565 -21.11 45.82 2.69
N LEU A 566 -20.14 45.53 1.82
CA LEU A 566 -20.46 45.27 0.41
C LEU A 566 -21.32 44.02 0.28
N HIS A 567 -20.92 42.93 0.93
CA HIS A 567 -21.70 41.70 0.85
C HIS A 567 -23.06 41.85 1.52
N ALA A 568 -23.14 42.67 2.58
CA ALA A 568 -24.44 42.90 3.21
C ALA A 568 -25.35 43.71 2.30
N ALA A 569 -24.81 44.72 1.62
CA ALA A 569 -25.61 45.51 0.69
C ALA A 569 -26.14 44.64 -0.44
N ILE A 570 -25.33 43.68 -0.90
CA ILE A 570 -25.77 42.78 -1.97
C ILE A 570 -26.85 41.83 -1.46
N LYS A 571 -26.67 41.30 -0.24
CA LYS A 571 -27.70 40.43 0.34
C LYS A 571 -29.01 41.17 0.54
N ALA A 572 -28.94 42.42 1.04
CA ALA A 572 -30.14 43.18 1.33
C ALA A 572 -30.88 43.62 0.08
N ALA A 573 -30.18 43.69 -1.07
CA ALA A 573 -30.81 44.07 -2.33
C ALA A 573 -31.46 42.90 -3.04
N LEU A 574 -31.19 41.67 -2.62
CA LEU A 574 -31.78 40.50 -3.26
C LEU A 574 -33.25 40.35 -2.87
N ASN B 22 23.57 -20.73 -16.28
CA ASN B 22 22.17 -20.37 -16.13
C ASN B 22 21.98 -19.49 -14.90
N PRO B 23 21.42 -18.29 -15.10
CA PRO B 23 21.31 -17.36 -13.97
C PRO B 23 20.30 -17.79 -12.92
N SER B 24 19.13 -18.28 -13.33
CA SER B 24 18.08 -18.61 -12.37
C SER B 24 18.52 -19.71 -11.40
N THR B 25 19.23 -20.72 -11.92
CA THR B 25 19.66 -21.83 -11.06
C THR B 25 20.81 -21.41 -10.15
N THR B 26 21.71 -20.57 -10.66
CA THR B 26 22.79 -20.07 -9.81
C THR B 26 22.24 -19.24 -8.66
N GLN B 27 21.24 -18.40 -8.95
CA GLN B 27 20.58 -17.62 -7.91
C GLN B 27 19.93 -18.53 -6.87
N ALA B 28 19.14 -19.49 -7.34
CA ALA B 28 18.40 -20.36 -6.43
C ALA B 28 19.33 -21.13 -5.50
N ARG B 29 20.39 -21.73 -6.08
CA ARG B 29 21.31 -22.52 -5.26
C ARG B 29 22.08 -21.65 -4.26
N VAL B 30 22.24 -20.36 -4.53
CA VAL B 30 22.97 -19.49 -3.61
C VAL B 30 22.09 -19.07 -2.45
N VAL B 31 20.87 -18.62 -2.73
CA VAL B 31 19.98 -18.19 -1.65
C VAL B 31 19.55 -19.37 -0.79
N VAL B 32 19.55 -20.58 -1.35
CA VAL B 32 19.29 -21.76 -0.55
C VAL B 32 20.47 -22.03 0.37
N ASP B 33 21.69 -21.89 -0.15
CA ASP B 33 22.87 -22.13 0.66
C ASP B 33 22.92 -21.21 1.88
N GLU B 34 22.63 -19.92 1.68
CA GLU B 34 22.69 -18.97 2.79
C GLU B 34 21.56 -19.22 3.78
N LEU B 35 20.38 -19.62 3.29
CA LEU B 35 19.28 -19.94 4.19
C LEU B 35 19.67 -21.12 5.10
N ILE B 36 20.26 -22.16 4.51
CA ILE B 36 20.78 -23.27 5.31
C ILE B 36 21.81 -22.77 6.32
N ARG B 37 22.72 -21.91 5.86
CA ARG B 37 23.69 -21.30 6.76
C ARG B 37 23.01 -20.50 7.86
N GLY B 38 21.88 -19.87 7.54
CA GLY B 38 21.13 -19.09 8.50
C GLY B 38 20.36 -19.89 9.53
N GLY B 39 20.42 -21.21 9.48
CA GLY B 39 19.75 -22.04 10.45
C GLY B 39 18.45 -22.65 9.98
N VAL B 40 18.20 -22.68 8.67
CA VAL B 40 16.99 -23.29 8.14
C VAL B 40 17.23 -24.79 8.00
N ARG B 41 16.50 -25.59 8.78
CA ARG B 41 16.60 -27.03 8.71
C ARG B 41 15.44 -27.67 7.96
N ASP B 42 14.27 -27.05 7.96
CA ASP B 42 13.12 -27.55 7.23
C ASP B 42 12.66 -26.50 6.23
N VAL B 43 12.11 -26.99 5.11
CA VAL B 43 11.55 -26.13 4.07
C VAL B 43 10.29 -26.79 3.54
N VAL B 44 9.17 -26.07 3.60
CA VAL B 44 7.92 -26.51 3.01
C VAL B 44 7.87 -26.02 1.57
N LEU B 45 7.39 -26.88 0.66
CA LEU B 45 7.44 -26.59 -0.76
C LEU B 45 6.12 -26.97 -1.42
N CYS B 46 5.62 -26.08 -2.28
CA CYS B 46 4.40 -26.31 -3.05
C CYS B 46 4.72 -26.17 -4.53
N PRO B 47 4.57 -27.23 -5.33
CA PRO B 47 5.11 -27.23 -6.68
C PRO B 47 4.26 -26.41 -7.65
N GLY B 48 4.92 -25.98 -8.73
CA GLY B 48 4.23 -25.29 -9.80
C GLY B 48 5.20 -24.92 -10.89
N SER B 49 4.69 -24.20 -11.89
CA SER B 49 5.46 -23.91 -13.09
C SER B 49 6.65 -23.00 -12.79
N ARG B 50 6.37 -21.82 -12.23
CA ARG B 50 7.43 -20.86 -11.92
C ARG B 50 8.30 -21.30 -10.75
N ASN B 51 8.00 -22.44 -10.11
CA ASN B 51 8.68 -22.90 -8.92
C ASN B 51 9.93 -23.69 -9.22
N ALA B 52 10.19 -23.99 -10.51
CA ALA B 52 11.21 -24.99 -10.85
C ALA B 52 12.59 -24.63 -10.31
N PRO B 53 13.17 -23.46 -10.61
CA PRO B 53 14.58 -23.23 -10.21
C PRO B 53 14.83 -23.40 -8.72
N LEU B 54 13.93 -22.92 -7.87
CA LEU B 54 14.11 -23.09 -6.43
C LEU B 54 13.82 -24.52 -6.01
N ALA B 55 12.81 -25.16 -6.62
CA ALA B 55 12.48 -26.54 -6.25
C ALA B 55 13.65 -27.48 -6.47
N PHE B 56 14.38 -27.30 -7.58
CA PHE B 56 15.57 -28.10 -7.82
C PHE B 56 16.64 -27.82 -6.76
N ALA B 57 16.89 -26.53 -6.49
CA ALA B 57 17.91 -26.16 -5.51
C ALA B 57 17.57 -26.73 -4.13
N LEU B 58 16.28 -26.72 -3.77
CA LEU B 58 15.87 -27.28 -2.48
C LEU B 58 16.05 -28.79 -2.46
N GLN B 59 15.76 -29.46 -3.59
CA GLN B 59 15.87 -30.92 -3.62
C GLN B 59 17.30 -31.37 -3.40
N ASP B 60 18.26 -30.70 -4.04
CA ASP B 60 19.67 -31.03 -3.84
C ASP B 60 20.10 -30.78 -2.42
N ALA B 61 19.52 -29.78 -1.76
CA ALA B 61 19.82 -29.55 -0.35
C ALA B 61 19.20 -30.63 0.53
N ASP B 62 18.01 -31.11 0.16
CA ASP B 62 17.37 -32.17 0.93
C ASP B 62 18.02 -33.52 0.66
N ARG B 63 18.32 -33.82 -0.60
CA ARG B 63 18.95 -35.08 -0.95
C ARG B 63 20.33 -35.19 -0.31
N SER B 64 21.07 -34.08 -0.25
CA SER B 64 22.35 -34.04 0.44
C SER B 64 22.22 -34.10 1.95
N GLY B 65 21.01 -34.02 2.48
CA GLY B 65 20.80 -34.04 3.92
C GLY B 65 20.99 -32.72 4.62
N ARG B 66 21.12 -31.62 3.88
CA ARG B 66 21.32 -30.32 4.52
C ARG B 66 20.03 -29.72 5.06
N ILE B 67 18.90 -29.99 4.40
CA ILE B 67 17.58 -29.63 4.92
C ILE B 67 16.69 -30.85 4.83
N ARG B 68 15.55 -30.78 5.51
CA ARG B 68 14.48 -31.75 5.41
C ARG B 68 13.30 -31.06 4.75
N LEU B 69 13.00 -31.46 3.52
CA LEU B 69 11.99 -30.80 2.72
C LEU B 69 10.65 -31.50 2.87
N HIS B 70 9.57 -30.72 2.82
CA HIS B 70 8.20 -31.22 2.92
C HIS B 70 7.38 -30.64 1.77
N VAL B 71 6.92 -31.50 0.87
CA VAL B 71 6.05 -31.08 -0.22
C VAL B 71 4.60 -31.20 0.25
N ARG B 72 3.84 -30.13 0.09
CA ARG B 72 2.40 -30.15 0.35
C ARG B 72 1.66 -29.63 -0.87
N ILE B 73 0.42 -30.08 -1.02
CA ILE B 73 -0.40 -29.74 -2.18
C ILE B 73 -1.13 -28.42 -1.96
N ASP B 74 -1.70 -28.22 -0.78
CA ASP B 74 -2.45 -27.02 -0.46
C ASP B 74 -1.52 -26.01 0.21
N GLU B 75 -1.44 -24.81 -0.38
CA GLU B 75 -0.50 -23.81 0.13
C GLU B 75 -0.94 -23.25 1.47
N ARG B 76 -2.25 -23.09 1.70
CA ARG B 76 -2.70 -22.53 2.96
C ARG B 76 -2.25 -23.40 4.14
N THR B 77 -2.53 -24.69 4.08
CA THR B 77 -2.08 -25.59 5.14
C THR B 77 -0.57 -25.77 5.12
N ALA B 78 0.06 -25.58 3.95
CA ALA B 78 1.51 -25.64 3.87
C ALA B 78 2.16 -24.56 4.72
N GLY B 79 1.61 -23.35 4.68
CA GLY B 79 2.11 -22.29 5.55
C GLY B 79 1.95 -22.63 7.02
N TYR B 80 0.86 -23.30 7.37
CA TYR B 80 0.67 -23.72 8.75
C TYR B 80 1.57 -24.88 9.11
N LEU B 81 1.88 -25.77 8.15
CA LEU B 81 2.90 -26.78 8.38
C LEU B 81 4.25 -26.14 8.73
N ALA B 82 4.54 -24.98 8.15
CA ALA B 82 5.78 -24.29 8.45
C ALA B 82 5.76 -23.67 9.84
N ILE B 83 4.62 -23.12 10.24
CA ILE B 83 4.49 -22.52 11.57
C ILE B 83 4.83 -23.56 12.63
N GLY B 84 4.29 -24.76 12.49
CA GLY B 84 4.59 -25.83 13.44
C GLY B 84 6.06 -26.18 13.47
N LEU B 85 6.69 -26.31 12.30
CA LEU B 85 8.12 -26.59 12.26
C LEU B 85 8.92 -25.48 12.92
N ALA B 86 8.44 -24.24 12.87
CA ALA B 86 9.17 -23.14 13.48
C ALA B 86 9.01 -23.13 15.00
N ILE B 87 7.80 -23.41 15.50
CA ILE B 87 7.57 -23.35 16.93
C ILE B 87 7.99 -24.62 17.66
N GLY B 88 8.07 -25.75 16.95
CA GLY B 88 8.46 -26.99 17.61
C GLY B 88 9.92 -27.02 18.02
N ALA B 89 10.77 -26.25 17.33
CA ALA B 89 12.20 -26.27 17.61
C ALA B 89 12.74 -24.86 17.84
N GLY B 90 12.17 -23.86 17.17
CA GLY B 90 12.61 -22.50 17.30
C GLY B 90 13.38 -21.95 16.12
N ALA B 91 13.64 -22.76 15.10
CA ALA B 91 14.42 -22.35 13.95
C ALA B 91 13.55 -21.65 12.92
N PRO B 92 14.14 -20.80 12.08
CA PRO B 92 13.37 -20.21 10.98
C PRO B 92 13.00 -21.27 9.95
N VAL B 93 11.77 -21.21 9.48
CA VAL B 93 11.25 -22.14 8.49
C VAL B 93 10.87 -21.33 7.24
N CYS B 94 11.25 -21.85 6.08
CA CYS B 94 10.98 -21.21 4.82
C CYS B 94 9.98 -22.04 4.02
N VAL B 95 9.07 -21.36 3.30
CA VAL B 95 8.15 -22.02 2.39
C VAL B 95 8.33 -21.45 1.00
N ALA B 96 8.14 -22.31 0.01
CA ALA B 96 8.36 -21.94 -1.39
C ALA B 96 7.11 -22.27 -2.20
N MET B 97 6.67 -21.31 -3.01
CA MET B 97 5.51 -21.51 -3.86
C MET B 97 5.66 -20.69 -5.12
N THR B 98 4.75 -20.91 -6.06
CA THR B 98 4.73 -20.13 -7.28
C THR B 98 3.84 -18.89 -7.11
N SER B 99 3.70 -18.16 -8.21
CA SER B 99 2.96 -16.92 -8.28
C SER B 99 1.46 -17.18 -8.23
N GLY B 100 0.70 -16.08 -8.16
CA GLY B 100 -0.74 -16.16 -8.20
C GLY B 100 -1.34 -16.56 -6.87
N THR B 101 -2.45 -17.28 -6.96
CA THR B 101 -3.22 -17.65 -5.78
C THR B 101 -2.40 -18.41 -4.75
N ALA B 102 -1.28 -19.01 -5.15
CA ALA B 102 -0.47 -19.78 -4.21
C ALA B 102 0.04 -18.91 -3.07
N VAL B 103 0.55 -17.72 -3.39
CA VAL B 103 1.04 -16.83 -2.34
C VAL B 103 -0.12 -16.24 -1.54
N ALA B 104 -1.26 -15.99 -2.19
CA ALA B 104 -2.42 -15.48 -1.48
C ALA B 104 -2.91 -16.45 -0.43
N ASN B 105 -2.70 -17.75 -0.66
CA ASN B 105 -3.13 -18.77 0.29
C ASN B 105 -2.36 -18.71 1.61
N LEU B 106 -1.24 -17.99 1.64
CA LEU B 106 -0.47 -17.86 2.88
C LEU B 106 -0.89 -16.67 3.71
N GLY B 107 -1.89 -15.91 3.28
CA GLY B 107 -2.45 -14.86 4.08
C GLY B 107 -2.69 -15.29 5.51
N PRO B 108 -3.55 -16.28 5.72
CA PRO B 108 -3.85 -16.71 7.10
C PRO B 108 -2.62 -17.15 7.87
N ALA B 109 -1.70 -17.87 7.22
CA ALA B 109 -0.49 -18.28 7.91
C ALA B 109 0.39 -17.09 8.26
N VAL B 110 0.53 -16.13 7.33
CA VAL B 110 1.36 -14.96 7.59
C VAL B 110 0.76 -14.11 8.70
N VAL B 111 -0.56 -13.93 8.70
CA VAL B 111 -1.21 -13.15 9.74
C VAL B 111 -0.96 -13.77 11.11
N GLU B 112 -1.05 -15.10 11.21
CA GLU B 112 -0.77 -15.76 12.47
C GLU B 112 0.69 -15.59 12.87
N ALA B 113 1.61 -15.73 11.91
CA ALA B 113 3.03 -15.58 12.22
C ALA B 113 3.35 -14.16 12.69
N ASN B 114 2.56 -13.18 12.26
CA ASN B 114 2.78 -11.79 12.69
C ASN B 114 2.50 -11.64 14.18
N TYR B 115 1.29 -11.99 14.60
CA TYR B 115 0.90 -11.80 15.99
C TYR B 115 1.55 -12.80 16.92
N ALA B 116 2.09 -13.90 16.40
CA ALA B 116 2.71 -14.93 17.22
C ALA B 116 4.23 -14.87 17.15
N ARG B 117 4.80 -13.97 16.37
CA ARG B 117 6.25 -13.79 16.24
C ARG B 117 6.94 -15.10 15.88
N VAL B 118 6.62 -15.58 14.68
CA VAL B 118 7.09 -16.86 14.15
C VAL B 118 7.98 -16.58 12.95
N PRO B 119 9.24 -17.05 12.96
CA PRO B 119 10.16 -16.70 11.86
C PRO B 119 9.84 -17.42 10.55
N LEU B 120 8.74 -17.01 9.90
CA LEU B 120 8.28 -17.64 8.68
C LEU B 120 8.79 -16.85 7.48
N ILE B 121 9.61 -17.47 6.65
CA ILE B 121 10.12 -16.85 5.44
C ILE B 121 9.27 -17.35 4.28
N VAL B 122 8.38 -16.50 3.79
CA VAL B 122 7.57 -16.83 2.61
C VAL B 122 8.43 -16.55 1.39
N LEU B 123 8.85 -17.60 0.70
CA LEU B 123 9.69 -17.50 -0.48
C LEU B 123 8.82 -17.80 -1.71
N SER B 124 8.52 -16.77 -2.49
CA SER B 124 7.60 -16.90 -3.61
C SER B 124 8.34 -16.67 -4.91
N ALA B 125 8.15 -17.58 -5.86
CA ALA B 125 8.62 -17.39 -7.23
C ALA B 125 7.55 -16.65 -8.02
N ASN B 126 7.98 -15.72 -8.86
CA ASN B 126 7.06 -14.84 -9.56
C ASN B 126 7.49 -14.69 -11.01
N ARG B 127 6.51 -14.55 -11.89
CA ARG B 127 6.82 -14.09 -13.24
C ARG B 127 7.41 -12.68 -13.15
N PRO B 128 8.34 -12.34 -14.04
CA PRO B 128 9.06 -11.06 -13.91
C PRO B 128 8.10 -9.88 -13.77
N TYR B 129 8.46 -8.94 -12.89
CA TYR B 129 7.64 -7.75 -12.66
C TYR B 129 7.40 -6.97 -13.93
N GLU B 130 8.23 -7.17 -14.96
CA GLU B 130 7.99 -6.54 -16.25
C GLU B 130 6.68 -7.00 -16.87
N LEU B 131 6.23 -8.20 -16.51
CA LEU B 131 5.00 -8.78 -17.04
C LEU B 131 3.76 -8.39 -16.25
N LEU B 132 3.91 -7.72 -15.11
CA LEU B 132 2.76 -7.35 -14.30
C LEU B 132 1.98 -6.23 -15.00
N GLY B 133 0.66 -6.40 -15.08
CA GLY B 133 -0.20 -5.46 -15.77
C GLY B 133 -0.39 -5.74 -17.24
N THR B 134 0.34 -6.69 -17.81
CA THR B 134 0.23 -7.05 -19.21
C THR B 134 -0.80 -8.14 -19.47
N GLY B 135 -1.46 -8.64 -18.43
CA GLY B 135 -2.43 -9.69 -18.58
C GLY B 135 -1.87 -11.09 -18.63
N ALA B 136 -0.60 -11.27 -18.27
CA ALA B 136 0.01 -12.59 -18.27
C ALA B 136 -0.69 -13.50 -17.28
N ASN B 137 -0.77 -14.79 -17.65
CA ASN B 137 -1.45 -15.76 -16.79
C ASN B 137 -0.69 -15.93 -15.48
N GLN B 138 -1.44 -16.06 -14.38
CA GLN B 138 -0.89 -16.39 -13.07
C GLN B 138 0.05 -15.32 -12.54
N THR B 139 -0.18 -14.05 -12.87
CA THR B 139 0.57 -12.95 -12.29
C THR B 139 -0.38 -11.98 -11.62
N MET B 140 0.09 -11.35 -10.55
CA MET B 140 -0.73 -10.43 -9.77
C MET B 140 0.18 -9.47 -9.01
N GLU B 141 -0.43 -8.55 -8.28
CA GLU B 141 0.30 -7.63 -7.40
C GLU B 141 0.79 -8.45 -6.21
N GLN B 142 1.90 -9.15 -6.44
CA GLN B 142 2.41 -10.12 -5.47
C GLN B 142 3.26 -9.45 -4.39
N LEU B 143 4.24 -8.66 -4.80
CA LEU B 143 5.11 -7.99 -3.83
C LEU B 143 4.29 -6.97 -3.03
N GLY B 144 4.29 -7.13 -1.70
CA GLY B 144 3.48 -6.30 -0.85
C GLY B 144 2.06 -6.77 -0.70
N TYR B 145 1.74 -7.99 -1.16
CA TYR B 145 0.40 -8.53 -0.97
C TYR B 145 0.02 -8.56 0.51
N PHE B 146 0.94 -8.97 1.36
CA PHE B 146 0.69 -9.04 2.80
C PHE B 146 0.77 -7.68 3.48
N GLY B 147 1.31 -6.67 2.81
CA GLY B 147 1.29 -5.32 3.37
C GLY B 147 2.10 -5.23 4.64
N THR B 148 1.44 -4.76 5.71
CA THR B 148 2.10 -4.52 6.98
C THR B 148 2.15 -5.75 7.88
N GLN B 149 1.49 -6.85 7.49
CA GLN B 149 1.55 -8.06 8.29
C GLN B 149 2.95 -8.66 8.31
N VAL B 150 3.68 -8.51 7.21
CA VAL B 150 5.01 -9.07 7.07
C VAL B 150 6.02 -8.16 7.77
N ARG B 151 7.09 -8.76 8.33
CA ARG B 151 8.14 -7.97 8.95
C ARG B 151 8.84 -7.08 7.94
N ALA B 152 9.14 -7.63 6.76
CA ALA B 152 9.80 -6.89 5.69
C ALA B 152 9.62 -7.66 4.39
N SER B 153 9.31 -6.94 3.32
CA SER B 153 9.16 -7.54 1.99
C SER B 153 10.42 -7.21 1.19
N ILE B 154 11.29 -8.20 1.03
CA ILE B 154 12.55 -8.04 0.31
C ILE B 154 12.44 -8.79 -1.01
N SER B 155 12.76 -8.11 -2.10
CA SER B 155 12.69 -8.69 -3.44
C SER B 155 14.10 -8.92 -3.97
N LEU B 156 14.36 -10.12 -4.44
CA LEU B 156 15.61 -10.42 -5.12
C LEU B 156 15.56 -9.89 -6.54
N GLY B 157 16.68 -9.33 -7.00
CA GLY B 157 16.76 -8.92 -8.38
C GLY B 157 16.61 -10.10 -9.33
N LEU B 158 16.00 -9.84 -10.47
CA LEU B 158 15.97 -10.84 -11.54
C LEU B 158 17.40 -11.17 -11.95
N ALA B 159 17.78 -12.43 -11.79
CA ALA B 159 19.13 -12.87 -12.12
C ALA B 159 19.45 -12.56 -13.58
N GLU B 160 20.38 -11.65 -13.83
CA GLU B 160 20.72 -11.24 -15.17
C GLU B 160 21.91 -12.03 -15.69
N ASP B 161 21.94 -12.23 -17.01
CA ASP B 161 23.00 -12.99 -17.67
C ASP B 161 24.26 -12.11 -17.73
N ALA B 162 25.01 -12.13 -16.64
CA ALA B 162 26.25 -11.35 -16.52
C ALA B 162 27.26 -12.15 -15.72
N PRO B 163 27.93 -13.12 -16.35
CA PRO B 163 28.93 -13.92 -15.63
C PRO B 163 30.16 -13.12 -15.23
N GLU B 164 30.43 -11.99 -15.88
CA GLU B 164 31.55 -11.14 -15.47
C GLU B 164 31.34 -10.56 -14.08
N ARG B 165 30.11 -10.55 -13.58
CA ARG B 165 29.79 -10.07 -12.24
C ARG B 165 29.31 -11.19 -11.32
N THR B 166 29.64 -12.44 -11.63
CA THR B 166 29.18 -13.56 -10.81
C THR B 166 29.68 -13.43 -9.38
N SER B 167 30.87 -12.86 -9.18
CA SER B 167 31.38 -12.68 -7.83
C SER B 167 30.71 -11.51 -7.10
N ALA B 168 30.19 -10.54 -7.85
CA ALA B 168 29.50 -9.40 -7.26
C ALA B 168 28.03 -9.69 -7.01
N LEU B 169 27.36 -10.36 -7.94
CA LEU B 169 25.96 -10.73 -7.75
C LEU B 169 25.79 -11.68 -6.57
N ASN B 170 26.79 -12.52 -6.30
CA ASN B 170 26.70 -13.45 -5.19
C ASN B 170 26.64 -12.71 -3.86
N ALA B 171 27.50 -11.69 -3.69
CA ALA B 171 27.55 -10.97 -2.43
C ALA B 171 26.22 -10.30 -2.10
N THR B 172 25.61 -9.65 -3.10
CA THR B 172 24.33 -8.98 -2.87
C THR B 172 23.22 -9.98 -2.63
N TRP B 173 23.24 -11.12 -3.32
CA TRP B 173 22.24 -12.15 -3.10
C TRP B 173 22.33 -12.71 -1.69
N ARG B 174 23.55 -13.01 -1.24
CA ARG B 174 23.73 -13.56 0.10
C ARG B 174 23.49 -12.50 1.17
N SER B 175 23.91 -11.26 0.92
CA SER B 175 23.65 -10.19 1.86
C SER B 175 22.16 -9.99 2.09
N ALA B 176 21.37 -10.04 1.00
CA ALA B 176 19.93 -9.86 1.12
C ALA B 176 19.28 -11.01 1.85
N THR B 177 19.74 -12.24 1.60
CA THR B 177 19.16 -13.40 2.28
C THR B 177 19.36 -13.31 3.78
N CYS B 178 20.51 -12.79 4.22
CA CYS B 178 20.73 -12.60 5.65
C CYS B 178 19.78 -11.55 6.22
N ARG B 179 19.48 -10.50 5.44
CA ARG B 179 18.48 -9.52 5.87
C ARG B 179 17.12 -10.17 6.05
N VAL B 180 16.73 -11.05 5.11
CA VAL B 180 15.50 -11.81 5.26
C VAL B 180 15.55 -12.65 6.53
N LEU B 181 16.70 -13.27 6.80
CA LEU B 181 16.83 -14.11 7.98
C LEU B 181 16.90 -13.28 9.27
N ALA B 182 17.67 -12.19 9.26
CA ALA B 182 17.75 -11.33 10.44
C ALA B 182 16.43 -10.62 10.71
N ALA B 183 15.56 -10.50 9.71
CA ALA B 183 14.25 -9.91 9.93
C ALA B 183 13.26 -10.94 10.45
N ALA B 184 13.26 -12.14 9.88
CA ALA B 184 12.31 -13.17 10.30
C ALA B 184 12.56 -13.62 11.73
N THR B 185 13.82 -13.70 12.13
CA THR B 185 14.17 -14.20 13.45
C THR B 185 14.25 -13.10 14.50
N GLY B 186 14.12 -11.84 14.11
CA GLY B 186 14.28 -10.74 15.06
C GLY B 186 15.70 -10.65 15.61
N ALA B 187 16.70 -10.84 14.75
CA ALA B 187 18.08 -10.90 15.21
C ALA B 187 18.56 -9.56 15.74
N ARG B 188 18.00 -8.46 15.25
CA ARG B 188 18.37 -7.13 15.73
C ARG B 188 17.20 -6.31 16.22
N THR B 189 15.96 -6.80 16.08
CA THR B 189 14.79 -6.09 16.57
C THR B 189 14.14 -6.78 17.76
N ALA B 190 14.52 -8.02 18.06
CA ALA B 190 13.88 -8.85 19.09
C ALA B 190 12.39 -9.01 18.83
N ASN B 191 12.01 -9.03 17.54
CA ASN B 191 10.61 -9.17 17.13
C ASN B 191 10.57 -10.03 15.86
N ALA B 192 10.46 -11.34 16.06
CA ALA B 192 10.38 -12.27 14.95
C ALA B 192 9.03 -12.17 14.26
N GLY B 193 8.95 -12.76 13.07
CA GLY B 193 7.71 -12.77 12.32
C GLY B 193 7.91 -13.07 10.84
N PRO B 194 6.82 -12.99 10.07
CA PRO B 194 6.88 -13.40 8.66
C PRO B 194 7.63 -12.38 7.80
N VAL B 195 8.37 -12.90 6.82
CA VAL B 195 9.11 -12.10 5.86
C VAL B 195 8.75 -12.58 4.46
N HIS B 196 8.44 -11.63 3.58
CA HIS B 196 8.06 -11.93 2.20
C HIS B 196 9.29 -11.80 1.31
N PHE B 197 9.74 -12.91 0.74
CA PHE B 197 10.94 -12.97 -0.10
C PHE B 197 10.49 -13.39 -1.49
N ASP B 198 10.40 -12.41 -2.40
CA ASP B 198 9.91 -12.65 -3.76
C ASP B 198 11.09 -12.72 -4.73
N ILE B 199 11.12 -13.78 -5.53
CA ILE B 199 12.21 -14.00 -6.49
C ILE B 199 11.63 -14.14 -7.89
N PRO B 200 11.75 -13.12 -8.75
CA PRO B 200 11.31 -13.27 -10.14
C PRO B 200 12.29 -14.10 -10.95
N LEU B 201 11.73 -14.94 -11.83
CA LEU B 201 12.52 -15.87 -12.64
C LEU B 201 12.00 -15.84 -14.06
N ARG B 202 12.90 -16.07 -15.02
CA ARG B 202 12.54 -16.04 -16.43
C ARG B 202 12.84 -17.36 -17.12
N VAL B 215 30.12 -24.97 -10.59
CA VAL B 215 30.06 -24.95 -9.13
C VAL B 215 29.31 -23.70 -8.63
N THR B 216 28.49 -23.88 -7.60
CA THR B 216 27.80 -22.76 -7.00
C THR B 216 28.81 -21.79 -6.39
N PRO B 217 28.64 -20.48 -6.58
CA PRO B 217 29.53 -19.50 -5.93
C PRO B 217 29.57 -19.72 -4.42
N PRO B 218 30.76 -19.91 -3.86
CA PRO B 218 30.85 -20.27 -2.44
C PRO B 218 30.52 -19.08 -1.54
N GLY B 219 30.07 -19.40 -0.34
CA GLY B 219 29.80 -18.41 0.68
C GLY B 219 31.03 -18.09 1.49
N ARG B 220 30.81 -17.77 2.77
CA ARG B 220 31.93 -17.53 3.66
C ARG B 220 32.52 -18.86 4.14
N PRO B 221 33.80 -18.90 4.50
CA PRO B 221 34.38 -20.12 5.02
C PRO B 221 33.82 -20.48 6.38
N ALA B 222 33.97 -21.75 6.74
CA ALA B 222 33.45 -22.37 7.96
C ALA B 222 31.91 -22.40 7.98
N GLY B 223 31.26 -22.17 6.84
CA GLY B 223 29.81 -22.21 6.78
C GLY B 223 29.11 -21.16 7.59
N LYS B 224 29.72 -19.98 7.76
CA LYS B 224 29.14 -18.88 8.51
C LYS B 224 28.26 -18.02 7.60
N PRO B 225 27.27 -17.33 8.17
CA PRO B 225 26.42 -16.47 7.33
C PRO B 225 27.22 -15.35 6.69
N TRP B 226 26.78 -14.95 5.49
CA TRP B 226 27.48 -13.91 4.75
C TRP B 226 27.61 -12.64 5.58
N THR B 227 26.54 -12.22 6.24
CA THR B 227 26.57 -11.11 7.18
C THR B 227 26.19 -11.65 8.55
N TYR B 228 27.17 -11.78 9.44
CA TYR B 228 26.94 -12.36 10.76
C TYR B 228 26.23 -11.36 11.65
N THR B 229 25.22 -11.85 12.36
CA THR B 229 24.50 -11.03 13.35
C THR B 229 24.49 -11.77 14.69
N PRO B 230 25.17 -11.25 15.70
CA PRO B 230 25.32 -11.99 16.97
C PRO B 230 24.06 -11.90 17.82
N PRO B 231 24.03 -12.56 18.98
CA PRO B 231 22.84 -12.45 19.85
C PRO B 231 22.62 -11.03 20.32
N VAL B 232 21.37 -10.59 20.24
CA VAL B 232 21.00 -9.24 20.63
C VAL B 232 20.23 -9.31 21.94
N THR B 233 20.28 -8.22 22.69
CA THR B 233 19.56 -8.09 23.94
C THR B 233 18.85 -6.76 23.99
N PHE B 234 17.55 -6.78 24.27
CA PHE B 234 16.78 -5.58 24.54
C PHE B 234 16.44 -5.58 26.04
N ASP B 235 16.91 -4.55 26.74
CA ASP B 235 16.85 -4.52 28.19
C ASP B 235 16.08 -3.30 28.68
N GLN B 236 15.11 -3.54 29.56
CA GLN B 236 14.27 -2.47 30.08
C GLN B 236 13.90 -2.81 31.53
N PRO B 237 14.82 -2.59 32.46
CA PRO B 237 14.54 -2.90 33.86
C PRO B 237 13.53 -1.93 34.46
N LEU B 238 12.87 -2.38 35.52
CA LEU B 238 11.79 -1.60 36.11
C LEU B 238 11.68 -1.93 37.59
N ASP B 239 11.64 -0.89 38.43
CA ASP B 239 11.48 -1.07 39.86
C ASP B 239 10.06 -1.57 40.17
N ILE B 240 9.98 -2.76 40.79
CA ILE B 240 8.70 -3.33 41.19
C ILE B 240 8.83 -3.82 42.63
N ASP B 241 7.84 -3.50 43.45
CA ASP B 241 7.83 -3.87 44.87
C ASP B 241 7.01 -5.15 45.03
N LEU B 242 7.67 -6.24 45.42
CA LEU B 242 6.98 -7.50 45.61
C LEU B 242 6.27 -7.60 46.96
N SER B 243 6.58 -6.71 47.91
CA SER B 243 5.87 -6.74 49.18
C SER B 243 4.38 -6.46 48.99
N VAL B 244 4.04 -5.55 48.07
CA VAL B 244 2.66 -5.30 47.74
C VAL B 244 2.03 -6.58 47.21
N ASP B 245 0.78 -6.83 47.59
CA ASP B 245 0.07 -8.03 47.16
C ASP B 245 -0.04 -8.08 45.64
N THR B 246 0.74 -8.96 45.02
CA THR B 246 0.91 -8.98 43.58
C THR B 246 0.55 -10.35 43.01
N VAL B 247 -0.16 -10.34 41.89
CA VAL B 247 -0.42 -11.54 41.11
C VAL B 247 0.20 -11.34 39.73
N VAL B 248 0.58 -12.44 39.09
CA VAL B 248 1.22 -12.42 37.78
C VAL B 248 0.25 -13.02 36.77
N ILE B 249 0.12 -12.35 35.62
CA ILE B 249 -0.70 -12.84 34.51
C ILE B 249 0.26 -13.12 33.36
N SER B 250 0.46 -14.40 33.06
CA SER B 250 1.39 -14.84 32.04
C SER B 250 0.63 -15.19 30.77
N GLY B 251 0.92 -14.47 29.70
CA GLY B 251 0.26 -14.66 28.43
C GLY B 251 1.16 -15.29 27.38
N HIS B 252 0.65 -15.30 26.14
CA HIS B 252 1.36 -15.94 25.04
C HIS B 252 2.63 -15.15 24.71
N GLY B 253 3.75 -15.87 24.64
CA GLY B 253 5.03 -15.25 24.36
C GLY B 253 5.75 -14.68 25.56
N ALA B 254 5.33 -15.02 26.77
CA ALA B 254 5.96 -14.48 27.96
C ALA B 254 7.32 -15.11 28.21
N GLY B 255 8.22 -14.32 28.81
CA GLY B 255 9.51 -14.83 29.20
C GLY B 255 9.50 -15.40 30.61
N VAL B 256 10.61 -16.04 30.98
CA VAL B 256 10.78 -16.63 32.29
C VAL B 256 11.59 -15.67 33.16
N HIS B 257 11.06 -15.35 34.33
CA HIS B 257 11.71 -14.40 35.24
C HIS B 257 11.88 -15.07 36.60
N PRO B 258 13.10 -15.45 36.99
CA PRO B 258 13.28 -16.13 38.28
C PRO B 258 12.87 -15.28 39.47
N ASN B 259 12.87 -13.95 39.32
CA ASN B 259 12.49 -13.08 40.44
C ASN B 259 11.04 -13.32 40.85
N LEU B 260 10.20 -13.71 39.92
CA LEU B 260 8.76 -13.83 40.14
C LEU B 260 8.30 -15.28 40.30
N ALA B 261 9.24 -16.19 40.56
CA ALA B 261 8.88 -17.61 40.64
C ALA B 261 7.98 -17.90 41.83
N ALA B 262 8.08 -17.11 42.90
CA ALA B 262 7.30 -17.36 44.10
C ALA B 262 5.92 -16.73 44.06
N LEU B 263 5.71 -15.71 43.24
CA LEU B 263 4.43 -15.02 43.21
C LEU B 263 3.33 -15.93 42.65
N PRO B 264 2.08 -15.68 43.02
CA PRO B 264 0.97 -16.42 42.40
C PRO B 264 0.74 -15.93 40.98
N THR B 265 0.74 -16.88 40.04
CA THR B 265 0.68 -16.56 38.62
C THR B 265 -0.50 -17.27 37.97
N VAL B 266 -1.33 -16.50 37.27
CA VAL B 266 -2.37 -17.06 36.41
C VAL B 266 -1.75 -17.18 35.02
N ALA B 267 -1.23 -18.36 34.70
CA ALA B 267 -0.45 -18.56 33.50
C ALA B 267 -1.25 -19.32 32.45
N GLU B 268 -1.28 -18.79 31.22
CA GLU B 268 -1.91 -19.47 30.12
C GLU B 268 -1.17 -20.76 29.79
N PRO B 269 -1.82 -21.70 29.09
CA PRO B 269 -1.13 -22.96 28.75
C PRO B 269 0.14 -22.77 27.94
N THR B 270 0.13 -21.90 26.93
CA THR B 270 1.29 -21.67 26.10
C THR B 270 2.35 -20.78 26.77
N ALA B 271 2.13 -20.38 28.00
CA ALA B 271 3.09 -19.55 28.71
C ALA B 271 4.00 -20.40 29.57
N PRO B 272 5.31 -20.16 29.56
CA PRO B 272 6.22 -20.94 30.42
C PRO B 272 6.12 -20.47 31.86
N ARG B 273 6.02 -21.44 32.77
CA ARG B 273 5.86 -21.14 34.19
C ARG B 273 7.22 -20.90 34.83
N SER B 274 7.35 -19.78 35.55
CA SER B 274 8.60 -19.44 36.22
C SER B 274 8.75 -20.12 37.58
N GLY B 275 7.65 -20.54 38.19
CA GLY B 275 7.72 -21.13 39.52
C GLY B 275 6.77 -22.29 39.74
N ASP B 276 6.47 -22.59 41.01
CA ASP B 276 5.63 -23.71 41.38
C ASP B 276 4.47 -23.25 42.26
N ASN B 277 3.99 -22.03 42.07
CA ASN B 277 2.90 -21.45 42.84
C ASN B 277 1.78 -21.07 41.87
N PRO B 278 0.97 -22.04 41.44
CA PRO B 278 -0.05 -21.76 40.43
C PRO B 278 -1.29 -21.11 41.04
N LEU B 279 -2.01 -20.39 40.19
CA LEU B 279 -3.27 -19.75 40.57
C LEU B 279 -4.27 -19.95 39.44
N HIS B 280 -5.40 -20.57 39.76
CA HIS B 280 -6.39 -20.86 38.73
C HIS B 280 -7.08 -19.58 38.28
N PRO B 281 -7.41 -19.45 36.99
CA PRO B 281 -8.03 -18.20 36.52
C PRO B 281 -9.38 -17.92 37.16
N LEU B 282 -10.18 -18.94 37.43
CA LEU B 282 -11.46 -18.73 38.10
C LEU B 282 -11.28 -18.18 39.51
N ALA B 283 -10.10 -18.38 40.11
CA ALA B 283 -9.81 -17.86 41.44
C ALA B 283 -9.46 -16.37 41.41
N LEU B 284 -9.09 -15.84 40.25
CA LEU B 284 -8.68 -14.44 40.16
C LEU B 284 -9.80 -13.46 40.53
N PRO B 285 -11.04 -13.60 40.04
CA PRO B 285 -12.08 -12.64 40.45
C PRO B 285 -12.40 -12.68 41.94
N LEU B 286 -12.13 -13.79 42.62
CA LEU B 286 -12.43 -13.91 44.04
C LEU B 286 -11.34 -13.32 44.91
N LEU B 287 -10.23 -12.85 44.34
CA LEU B 287 -9.13 -12.27 45.08
C LEU B 287 -9.09 -10.76 44.85
N ARG B 288 -8.39 -10.07 45.76
CA ARG B 288 -8.25 -8.61 45.73
C ARG B 288 -6.76 -8.27 45.67
N PRO B 289 -6.17 -8.25 44.49
CA PRO B 289 -4.76 -7.89 44.37
C PRO B 289 -4.55 -6.38 44.37
N GLN B 290 -3.46 -5.94 45.00
CA GLN B 290 -3.05 -4.56 44.95
C GLN B 290 -2.15 -4.25 43.76
N GLN B 291 -1.73 -5.28 43.02
CA GLN B 291 -0.73 -5.12 41.97
C GLN B 291 -0.80 -6.32 41.05
N VAL B 292 -0.39 -6.12 39.80
CA VAL B 292 -0.40 -7.20 38.80
C VAL B 292 0.74 -6.98 37.83
N ILE B 293 1.52 -8.04 37.59
CA ILE B 293 2.57 -8.05 36.60
C ILE B 293 2.09 -8.85 35.40
N MET B 294 2.18 -8.25 34.21
CA MET B 294 1.57 -8.77 32.99
C MET B 294 2.68 -9.21 32.04
N LEU B 295 2.93 -10.52 32.01
CA LEU B 295 3.99 -11.08 31.17
C LEU B 295 3.43 -11.49 29.81
N GLY B 296 4.13 -11.13 28.74
CA GLY B 296 3.71 -11.54 27.41
C GLY B 296 2.47 -10.81 26.96
N ARG B 297 1.61 -11.53 26.25
CA ARG B 297 0.35 -11.00 25.74
C ARG B 297 -0.78 -11.91 26.21
N PRO B 298 -1.38 -11.63 27.36
CA PRO B 298 -2.55 -12.41 27.79
C PRO B 298 -3.75 -12.05 26.94
N THR B 299 -4.38 -13.09 26.37
CA THR B 299 -5.59 -12.97 25.57
C THR B 299 -6.79 -13.63 26.21
N LEU B 300 -6.61 -14.82 26.77
CA LEU B 300 -7.69 -15.64 27.28
C LEU B 300 -8.38 -14.98 28.46
N HIS B 301 -9.56 -15.53 28.79
CA HIS B 301 -10.28 -15.28 30.04
C HIS B 301 -10.86 -13.87 30.11
N ARG B 302 -12.19 -13.77 30.05
CA ARG B 302 -12.85 -12.49 30.33
C ARG B 302 -12.49 -11.94 31.71
N PRO B 303 -12.43 -12.73 32.80
CA PRO B 303 -12.00 -12.15 34.09
C PRO B 303 -10.65 -11.44 34.03
N VAL B 304 -9.67 -11.97 33.31
CA VAL B 304 -8.39 -11.27 33.15
C VAL B 304 -8.64 -9.91 32.50
N SER B 305 -9.39 -9.89 31.40
CA SER B 305 -9.74 -8.62 30.77
C SER B 305 -10.58 -7.75 31.69
N VAL B 306 -11.45 -8.38 32.48
CA VAL B 306 -12.27 -7.62 33.44
C VAL B 306 -11.37 -6.94 34.46
N LEU B 307 -10.41 -7.68 35.03
CA LEU B 307 -9.52 -7.12 36.03
C LEU B 307 -8.59 -6.06 35.44
N LEU B 308 -8.10 -6.29 34.21
CA LEU B 308 -7.15 -5.35 33.61
C LEU B 308 -7.73 -3.94 33.49
N ALA B 309 -9.05 -3.83 33.30
CA ALA B 309 -9.69 -2.53 33.19
C ALA B 309 -9.85 -1.83 34.54
N ASP B 310 -9.83 -2.59 35.64
CA ASP B 310 -9.93 -2.00 36.98
C ASP B 310 -8.77 -1.05 37.22
N ALA B 311 -9.06 0.24 37.33
CA ALA B 311 -8.01 1.25 37.35
C ALA B 311 -7.21 1.23 38.64
N GLU B 312 -7.86 0.94 39.78
CA GLU B 312 -7.17 1.03 41.06
C GLU B 312 -5.96 0.11 41.14
N VAL B 313 -6.02 -1.03 40.46
CA VAL B 313 -4.90 -1.97 40.44
C VAL B 313 -3.89 -1.54 39.38
N PRO B 314 -2.67 -1.20 39.76
CA PRO B 314 -1.65 -0.86 38.75
C PRO B 314 -1.11 -2.11 38.05
N VAL B 315 -0.81 -1.94 36.77
CA VAL B 315 -0.37 -3.04 35.92
C VAL B 315 1.07 -2.77 35.47
N PHE B 316 1.88 -3.82 35.46
CA PHE B 316 3.27 -3.75 34.99
C PHE B 316 3.43 -4.76 33.86
N ALA B 317 3.67 -4.26 32.66
CA ALA B 317 3.76 -5.11 31.47
C ALA B 317 5.23 -5.42 31.20
N LEU B 318 5.60 -6.69 31.32
CA LEU B 318 6.95 -7.15 31.00
C LEU B 318 6.86 -8.06 29.78
N THR B 319 7.39 -7.60 28.65
CA THR B 319 7.42 -8.37 27.42
C THR B 319 8.85 -8.73 27.05
N THR B 320 8.98 -9.53 25.99
CA THR B 320 10.29 -9.91 25.48
C THR B 320 10.73 -9.09 24.28
N GLY B 321 9.80 -8.42 23.60
CA GLY B 321 10.13 -7.63 22.44
C GLY B 321 9.56 -6.23 22.51
N PRO B 322 9.61 -5.50 21.40
CA PRO B 322 9.13 -4.11 21.40
C PRO B 322 7.63 -4.00 21.59
N ARG B 323 6.86 -5.01 21.20
CA ARG B 323 5.41 -4.97 21.36
C ARG B 323 5.02 -5.12 22.83
N TRP B 324 3.95 -4.43 23.21
CA TRP B 324 3.36 -4.60 24.52
C TRP B 324 1.85 -4.38 24.40
N PRO B 325 1.04 -5.13 25.13
CA PRO B 325 -0.40 -5.15 24.88
C PRO B 325 -1.16 -4.00 25.54
N ASP B 326 -2.20 -3.54 24.85
CA ASP B 326 -3.11 -2.54 25.36
C ASP B 326 -4.31 -3.16 26.07
N VAL B 327 -4.20 -4.44 26.46
CA VAL B 327 -5.31 -5.13 27.12
C VAL B 327 -5.67 -4.43 28.43
N SER B 328 -4.69 -3.77 29.05
CA SER B 328 -4.93 -2.92 30.21
C SER B 328 -4.75 -1.47 29.81
N GLY B 329 -5.72 -0.63 30.15
CA GLY B 329 -5.59 0.79 29.96
C GLY B 329 -4.87 1.51 31.06
N ASN B 330 -4.70 0.84 32.21
CA ASN B 330 -4.06 1.42 33.39
C ASN B 330 -2.62 0.93 33.56
N SER B 331 -2.01 0.41 32.49
CA SER B 331 -0.63 -0.05 32.55
C SER B 331 0.29 1.07 33.01
N GLN B 332 0.87 0.92 34.20
CA GLN B 332 1.72 1.97 34.76
C GLN B 332 3.03 2.09 34.00
N ALA B 333 3.60 0.97 33.58
CA ALA B 333 4.94 0.98 33.02
C ALA B 333 5.18 -0.33 32.28
N THR B 334 6.13 -0.30 31.34
CA THR B 334 6.47 -1.46 30.53
C THR B 334 7.98 -1.67 30.54
N GLY B 335 8.39 -2.94 30.43
CA GLY B 335 9.80 -3.25 30.43
C GLY B 335 10.04 -4.67 29.94
N THR B 336 11.31 -5.07 30.00
CA THR B 336 11.73 -6.43 29.65
C THR B 336 11.89 -7.31 30.88
N ARG B 337 12.49 -6.78 31.95
CA ARG B 337 12.66 -7.49 33.20
C ARG B 337 12.30 -6.56 34.35
N ALA B 338 12.32 -7.11 35.56
CA ALA B 338 11.94 -6.37 36.75
C ALA B 338 12.99 -6.56 37.84
N VAL B 339 13.28 -5.48 38.56
CA VAL B 339 14.16 -5.51 39.73
C VAL B 339 13.27 -5.40 40.97
N THR B 340 13.31 -6.42 41.82
CA THR B 340 12.35 -6.57 42.89
C THR B 340 12.83 -5.91 44.18
N THR B 341 11.86 -5.56 45.02
CA THR B 341 12.13 -4.98 46.35
C THR B 341 11.19 -5.66 47.33
N GLY B 342 11.75 -6.44 48.24
CA GLY B 342 10.93 -7.14 49.21
C GLY B 342 10.44 -8.47 48.68
N ALA B 343 9.44 -9.01 49.39
CA ALA B 343 8.85 -10.30 49.07
C ALA B 343 7.38 -10.26 49.45
N PRO B 344 6.54 -11.03 48.78
CA PRO B 344 5.10 -11.01 49.12
C PRO B 344 4.86 -11.62 50.49
N ARG B 345 3.91 -11.04 51.21
CA ARG B 345 3.62 -11.49 52.57
C ARG B 345 3.16 -12.95 52.55
N PRO B 346 3.60 -13.77 53.51
CA PRO B 346 3.14 -15.16 53.54
C PRO B 346 1.64 -15.28 53.70
N ALA B 347 0.99 -14.30 54.34
CA ALA B 347 -0.46 -14.28 54.39
C ALA B 347 -1.05 -14.19 52.99
N TRP B 348 -0.46 -13.34 52.14
CA TRP B 348 -0.94 -13.21 50.77
C TRP B 348 -0.80 -14.52 50.00
N LEU B 349 0.34 -15.20 50.18
CA LEU B 349 0.54 -16.47 49.48
C LEU B 349 -0.48 -17.51 49.91
N ASP B 350 -0.73 -17.62 51.22
CA ASP B 350 -1.69 -18.59 51.71
C ASP B 350 -3.10 -18.28 51.22
N ARG B 351 -3.44 -16.99 51.06
CA ARG B 351 -4.75 -16.62 50.56
C ARG B 351 -4.96 -17.11 49.14
N CYS B 352 -3.98 -16.87 48.27
CA CYS B 352 -4.12 -17.25 46.86
C CYS B 352 -4.11 -18.77 46.70
N ALA B 353 -3.21 -19.46 47.41
CA ALA B 353 -3.18 -20.92 47.32
C ALA B 353 -4.50 -21.53 47.76
N ALA B 354 -5.11 -20.97 48.81
CA ALA B 354 -6.42 -21.45 49.23
C ALA B 354 -7.46 -21.22 48.14
N MET B 355 -7.43 -20.06 47.51
CA MET B 355 -8.38 -19.80 46.43
C MET B 355 -8.09 -20.67 45.22
N ASN B 356 -6.81 -20.90 44.91
CA ASN B 356 -6.45 -21.78 43.81
C ASN B 356 -7.00 -23.19 44.05
N ARG B 357 -6.76 -23.74 45.23
CA ARG B 357 -7.32 -25.05 45.56
C ARG B 357 -8.84 -25.02 45.55
N HIS B 358 -9.44 -23.88 45.91
CA HIS B 358 -10.89 -23.76 45.89
C HIS B 358 -11.42 -23.80 44.47
N ALA B 359 -10.70 -23.19 43.53
CA ALA B 359 -11.16 -23.19 42.14
C ALA B 359 -10.97 -24.54 41.48
N ILE B 360 -9.83 -25.18 41.73
CA ILE B 360 -9.59 -26.51 41.16
C ILE B 360 -10.62 -27.51 41.67
N ALA B 361 -10.93 -27.44 42.97
CA ALA B 361 -11.89 -28.37 43.55
C ALA B 361 -13.26 -28.20 42.91
N ALA B 362 -13.69 -26.95 42.71
CA ALA B 362 -14.97 -26.72 42.04
C ALA B 362 -14.98 -27.32 40.65
N VAL B 363 -13.86 -27.21 39.93
CA VAL B 363 -13.76 -27.82 38.61
C VAL B 363 -13.79 -29.33 38.71
N ARG B 364 -13.04 -29.89 39.66
CA ARG B 364 -13.02 -31.34 39.84
C ARG B 364 -14.39 -31.87 40.26
N GLU B 365 -14.99 -31.25 41.28
CA GLU B 365 -16.22 -31.78 41.85
C GLU B 365 -17.35 -31.75 40.82
N GLN B 366 -17.50 -30.63 40.11
CA GLN B 366 -18.59 -30.52 39.14
C GLN B 366 -18.35 -31.41 37.94
N LEU B 367 -17.11 -31.51 37.48
CA LEU B 367 -16.80 -32.40 36.36
C LEU B 367 -17.14 -33.84 36.70
N ALA B 368 -16.71 -34.30 37.88
CA ALA B 368 -17.05 -35.65 38.33
C ALA B 368 -18.55 -35.80 38.52
N ALA B 369 -19.19 -34.80 39.16
CA ALA B 369 -20.62 -34.87 39.40
C ALA B 369 -21.41 -34.82 38.11
N HIS B 370 -20.86 -34.22 37.06
CA HIS B 370 -21.58 -34.12 35.80
C HIS B 370 -21.72 -35.50 35.18
N PRO B 371 -22.93 -35.96 34.87
CA PRO B 371 -23.09 -37.34 34.39
C PRO B 371 -22.47 -37.58 33.02
N LEU B 372 -22.65 -36.66 32.09
CA LEU B 372 -22.22 -36.85 30.71
C LEU B 372 -20.75 -36.44 30.55
N THR B 373 -20.21 -36.66 29.35
CA THR B 373 -18.83 -36.31 29.02
C THR B 373 -18.84 -35.20 27.99
N THR B 374 -18.16 -34.10 28.31
CA THR B 374 -18.15 -32.88 27.50
C THR B 374 -16.75 -32.62 26.97
N GLY B 375 -16.61 -31.50 26.25
CA GLY B 375 -15.30 -31.09 25.78
C GLY B 375 -14.35 -30.73 26.90
N LEU B 376 -14.90 -30.32 28.06
CA LEU B 376 -14.07 -30.11 29.23
C LEU B 376 -13.62 -31.43 29.83
N HIS B 377 -14.48 -32.44 29.78
CA HIS B 377 -14.11 -33.78 30.28
C HIS B 377 -12.92 -34.33 29.51
N VAL B 378 -12.98 -34.29 28.18
CA VAL B 378 -11.87 -34.81 27.38
C VAL B 378 -10.63 -33.96 27.59
N ALA B 379 -10.79 -32.64 27.80
CA ALA B 379 -9.63 -31.78 28.03
C ALA B 379 -8.93 -32.13 29.33
N ALA B 380 -9.71 -32.48 30.37
CA ALA B 380 -9.10 -32.90 31.62
C ALA B 380 -8.40 -34.24 31.49
N ALA B 381 -8.91 -35.14 30.65
CA ALA B 381 -8.28 -36.43 30.48
C ALA B 381 -6.93 -36.33 29.79
N VAL B 382 -6.85 -35.51 28.73
CA VAL B 382 -5.59 -35.34 28.01
C VAL B 382 -4.51 -34.80 28.93
N SER B 383 -4.85 -33.81 29.74
CA SER B 383 -3.86 -33.19 30.62
C SER B 383 -3.33 -34.19 31.65
N HIS B 384 -4.17 -35.11 32.11
CA HIS B 384 -3.73 -36.08 33.12
C HIS B 384 -2.80 -37.13 32.51
N ALA B 385 -2.97 -37.45 31.24
CA ALA B 385 -2.12 -38.42 30.56
C ALA B 385 -0.79 -37.82 30.10
N LEU B 386 -0.57 -36.53 30.34
CA LEU B 386 0.66 -35.89 29.93
C LEU B 386 1.80 -36.21 30.91
N ARG B 387 2.99 -36.40 30.35
CA ARG B 387 4.19 -36.67 31.12
C ARG B 387 5.28 -35.68 30.72
N PRO B 388 6.21 -35.38 31.63
CA PRO B 388 7.29 -34.44 31.27
C PRO B 388 8.06 -34.91 30.06
N GLY B 389 8.33 -33.98 29.15
CA GLY B 389 8.97 -34.27 27.89
C GLY B 389 8.03 -34.29 26.70
N ASP B 390 6.72 -34.25 26.93
CA ASP B 390 5.75 -34.26 25.85
C ASP B 390 5.62 -32.88 25.21
N GLN B 391 4.99 -32.86 24.05
CA GLN B 391 4.63 -31.61 23.38
C GLN B 391 3.12 -31.59 23.19
N LEU B 392 2.46 -30.58 23.75
CA LEU B 392 1.01 -30.43 23.67
C LEU B 392 0.68 -29.36 22.65
N VAL B 393 -0.20 -29.71 21.71
CA VAL B 393 -0.66 -28.79 20.67
C VAL B 393 -2.17 -28.64 20.82
N LEU B 394 -2.64 -27.41 20.95
CA LEU B 394 -4.03 -27.15 21.26
C LEU B 394 -4.70 -26.35 20.16
N GLY B 395 -5.92 -26.76 19.80
CA GLY B 395 -6.77 -25.93 18.96
C GLY B 395 -7.01 -24.60 19.64
N ALA B 396 -6.89 -23.51 18.87
CA ALA B 396 -6.73 -22.20 19.48
C ALA B 396 -8.00 -21.63 20.10
N SER B 397 -9.16 -22.28 19.90
CA SER B 397 -10.40 -21.67 20.38
C SER B 397 -10.89 -22.29 21.69
N ASN B 398 -11.39 -23.52 21.63
CA ASN B 398 -11.90 -24.18 22.82
C ASN B 398 -10.80 -24.87 23.63
N PRO B 399 -9.98 -25.75 23.04
CA PRO B 399 -9.03 -26.53 23.86
C PRO B 399 -8.15 -25.71 24.78
N VAL B 400 -7.64 -24.57 24.32
CA VAL B 400 -6.80 -23.73 25.19
C VAL B 400 -7.59 -23.29 26.42
N ARG B 401 -8.85 -22.89 26.23
CA ARG B 401 -9.69 -22.53 27.36
C ARG B 401 -9.99 -23.76 28.21
N ASP B 402 -10.34 -24.87 27.58
CA ASP B 402 -10.70 -26.07 28.32
C ASP B 402 -9.51 -26.68 29.05
N VAL B 403 -8.31 -26.55 28.49
CA VAL B 403 -7.12 -27.08 29.16
C VAL B 403 -6.78 -26.23 30.39
N ALA B 404 -6.82 -24.91 30.24
CA ALA B 404 -6.49 -24.03 31.37
C ALA B 404 -7.50 -24.15 32.50
N LEU B 405 -8.77 -24.42 32.16
CA LEU B 405 -9.77 -24.57 33.21
C LEU B 405 -9.55 -25.85 34.00
N ALA B 406 -9.17 -26.93 33.31
CA ALA B 406 -8.76 -28.15 33.99
C ALA B 406 -7.48 -27.98 34.79
N GLY B 407 -6.79 -26.83 34.64
CA GLY B 407 -5.65 -26.52 35.48
C GLY B 407 -4.42 -27.37 35.23
N LEU B 408 -4.18 -27.77 33.98
CA LEU B 408 -3.05 -28.62 33.67
C LEU B 408 -1.73 -28.00 34.12
N ASP B 409 -0.83 -28.84 34.62
CA ASP B 409 0.51 -28.40 34.99
C ASP B 409 1.38 -28.38 33.74
N THR B 410 1.92 -27.20 33.40
CA THR B 410 2.70 -27.05 32.18
C THR B 410 4.17 -27.43 32.38
N ARG B 411 4.69 -27.29 33.60
CA ARG B 411 6.12 -27.52 33.87
C ARG B 411 6.61 -28.80 33.23
N GLY B 412 7.75 -28.72 32.55
CA GLY B 412 8.33 -29.84 31.85
C GLY B 412 7.63 -30.23 30.57
N ILE B 413 6.62 -29.47 30.15
CA ILE B 413 5.85 -29.79 28.95
C ILE B 413 5.86 -28.58 28.03
N ARG B 414 5.97 -28.84 26.72
CA ARG B 414 6.08 -27.80 25.71
C ARG B 414 4.71 -27.66 25.05
N VAL B 415 3.99 -26.60 25.41
CA VAL B 415 2.63 -26.37 24.92
C VAL B 415 2.69 -25.39 23.77
N ARG B 416 2.13 -25.80 22.62
CA ARG B 416 2.10 -24.97 21.42
C ARG B 416 0.65 -24.72 21.02
N SER B 417 0.35 -23.49 20.62
CA SER B 417 -0.97 -23.16 20.13
C SER B 417 -0.88 -21.90 19.27
N ASN B 418 -1.71 -21.83 18.24
CA ASN B 418 -1.74 -20.70 17.32
C ASN B 418 -2.55 -19.58 17.95
N ARG B 419 -1.92 -18.90 18.91
CA ARG B 419 -2.57 -17.85 19.69
C ARG B 419 -2.35 -16.45 19.11
N GLY B 420 -1.69 -16.34 17.97
CA GLY B 420 -1.50 -15.05 17.34
C GLY B 420 -2.82 -14.43 16.91
N VAL B 421 -3.54 -15.13 16.03
CA VAL B 421 -4.87 -14.71 15.59
C VAL B 421 -5.95 -15.64 16.12
N ALA B 422 -5.60 -16.83 16.62
CA ALA B 422 -6.54 -17.77 17.20
C ALA B 422 -7.60 -18.20 16.18
N GLY B 423 -7.18 -18.38 14.93
CA GLY B 423 -8.07 -18.88 13.91
C GLY B 423 -8.20 -20.39 13.93
N ILE B 424 -9.28 -20.88 13.33
CA ILE B 424 -9.50 -22.32 13.25
C ILE B 424 -8.64 -22.98 12.18
N ASP B 425 -7.98 -22.20 11.35
CA ASP B 425 -7.23 -22.76 10.23
C ASP B 425 -5.93 -23.41 10.71
N GLY B 426 -5.51 -24.45 9.97
CA GLY B 426 -4.17 -24.98 10.07
C GLY B 426 -3.78 -25.64 11.36
N THR B 427 -4.76 -26.04 12.20
CA THR B 427 -4.40 -26.65 13.47
C THR B 427 -3.75 -28.01 13.27
N VAL B 428 -4.28 -28.80 12.33
CA VAL B 428 -3.73 -30.13 12.07
C VAL B 428 -2.30 -30.02 11.55
N SER B 429 -2.09 -29.19 10.53
CA SER B 429 -0.77 -29.06 9.93
C SER B 429 0.24 -28.50 10.93
N THR B 430 -0.20 -27.60 11.80
CA THR B 430 0.70 -27.03 12.80
C THR B 430 1.11 -28.08 13.82
N ALA B 431 0.19 -28.98 14.19
CA ALA B 431 0.56 -30.09 15.06
C ALA B 431 1.51 -31.05 14.36
N ILE B 432 1.30 -31.29 13.07
CA ILE B 432 2.17 -32.19 12.31
C ILE B 432 3.58 -31.62 12.25
N GLY B 433 3.70 -30.33 11.92
CA GLY B 433 5.02 -29.73 11.82
C GLY B 433 5.73 -29.68 13.17
N ALA B 434 5.00 -29.27 14.21
CA ALA B 434 5.60 -29.25 15.55
C ALA B 434 6.06 -30.63 15.97
N ALA B 435 5.31 -31.67 15.59
CA ALA B 435 5.76 -33.02 15.84
C ALA B 435 7.05 -33.31 15.09
N LEU B 436 7.09 -33.02 13.79
CA LEU B 436 8.28 -33.26 13.00
C LEU B 436 9.47 -32.45 13.52
N ALA B 437 9.22 -31.22 13.96
CA ALA B 437 10.31 -30.38 14.46
C ALA B 437 10.82 -30.86 15.81
N TYR B 438 9.90 -31.21 16.71
CA TYR B 438 10.29 -31.71 18.02
C TYR B 438 11.02 -33.04 17.90
N GLU B 439 10.51 -33.94 17.04
CA GLU B 439 11.14 -35.24 16.86
C GLU B 439 12.53 -35.09 16.24
N GLY B 440 12.63 -34.33 15.15
CA GLY B 440 13.92 -34.14 14.51
C GLY B 440 14.93 -33.48 15.42
N ALA B 441 14.48 -32.56 16.27
CA ALA B 441 15.38 -31.97 17.25
C ALA B 441 15.86 -33.00 18.26
N HIS B 442 15.04 -34.00 18.56
CA HIS B 442 15.46 -35.07 19.46
C HIS B 442 16.48 -35.97 18.79
N GLU B 443 16.27 -36.29 17.52
CA GLU B 443 17.25 -37.11 16.79
C GLU B 443 18.61 -36.44 16.73
N ARG B 444 18.63 -35.10 16.67
CA ARG B 444 19.89 -34.39 16.68
C ARG B 444 20.58 -34.43 18.03
N THR B 445 19.84 -34.62 19.12
CA THR B 445 20.45 -34.81 20.42
C THR B 445 21.34 -36.05 20.43
N GLY B 446 21.03 -37.03 19.58
CA GLY B 446 21.77 -38.27 19.54
C GLY B 446 21.37 -39.29 20.58
N SER B 447 20.47 -38.93 21.50
CA SER B 447 20.07 -39.86 22.55
C SER B 447 19.38 -41.08 21.94
N PRO B 448 19.71 -42.28 22.40
CA PRO B 448 19.13 -43.49 21.80
C PRO B 448 17.90 -44.00 22.55
N ASP B 449 16.77 -43.32 22.38
CA ASP B 449 15.51 -43.76 22.99
C ASP B 449 14.37 -43.35 22.06
N SER B 450 13.16 -43.67 22.49
CA SER B 450 11.99 -43.39 21.67
C SER B 450 11.81 -41.88 21.48
N PRO B 451 11.33 -41.44 20.31
CA PRO B 451 11.07 -40.01 20.12
C PRO B 451 9.98 -39.54 21.05
N PRO B 452 10.04 -38.28 21.50
CA PRO B 452 9.04 -37.79 22.45
C PRO B 452 7.66 -37.69 21.82
N ARG B 453 6.65 -37.90 22.66
CA ARG B 453 5.27 -37.85 22.19
C ARG B 453 4.87 -36.43 21.82
N THR B 454 4.04 -36.33 20.78
CA THR B 454 3.38 -35.09 20.41
C THR B 454 1.90 -35.39 20.26
N ILE B 455 1.09 -34.99 21.23
CA ILE B 455 -0.34 -35.22 21.18
C ILE B 455 -1.05 -33.88 21.15
N ALA B 456 -2.07 -33.77 20.30
CA ALA B 456 -2.80 -32.55 20.08
C ALA B 456 -4.27 -32.74 20.45
N LEU B 457 -4.89 -31.66 20.91
CA LEU B 457 -6.31 -31.65 21.27
C LEU B 457 -7.01 -30.57 20.46
N ILE B 458 -7.94 -30.97 19.59
CA ILE B 458 -8.66 -30.05 18.74
C ILE B 458 -10.12 -30.50 18.67
N GLY B 459 -11.01 -29.54 18.42
CA GLY B 459 -12.41 -29.86 18.19
C GLY B 459 -12.65 -30.43 16.81
N ASP B 460 -13.85 -30.95 16.60
CA ASP B 460 -14.19 -31.53 15.31
C ASP B 460 -14.23 -30.47 14.23
N LEU B 461 -14.81 -29.30 14.53
CA LEU B 461 -14.93 -28.23 13.55
C LEU B 461 -13.56 -27.83 13.01
N THR B 462 -12.58 -27.65 13.90
CA THR B 462 -11.24 -27.33 13.44
C THR B 462 -10.61 -28.51 12.73
N PHE B 463 -10.91 -29.75 13.16
CA PHE B 463 -10.33 -30.92 12.52
C PHE B 463 -10.85 -31.09 11.10
N VAL B 464 -12.16 -30.96 10.91
CA VAL B 464 -12.71 -31.15 9.57
C VAL B 464 -12.27 -30.03 8.63
N HIS B 465 -11.97 -28.86 9.18
CA HIS B 465 -11.55 -27.74 8.35
C HIS B 465 -10.14 -27.98 7.79
N ASP B 466 -9.21 -28.39 8.66
CA ASP B 466 -7.83 -28.62 8.27
C ASP B 466 -7.55 -30.10 7.96
N SER B 467 -8.59 -30.85 7.57
CA SER B 467 -8.37 -32.26 7.21
C SER B 467 -7.39 -32.39 6.06
N SER B 468 -7.28 -31.36 5.23
CA SER B 468 -6.31 -31.38 4.13
C SER B 468 -4.89 -31.57 4.63
N GLY B 469 -4.62 -31.18 5.88
CA GLY B 469 -3.27 -31.26 6.39
C GLY B 469 -2.79 -32.67 6.65
N LEU B 470 -3.72 -33.59 6.92
CA LEU B 470 -3.34 -34.99 7.13
C LEU B 470 -2.70 -35.60 5.89
N LEU B 471 -3.01 -35.07 4.71
CA LEU B 471 -2.51 -35.63 3.46
C LEU B 471 -1.02 -35.34 3.33
N ILE B 472 -0.21 -36.36 3.58
CA ILE B 472 1.24 -36.30 3.42
C ILE B 472 1.64 -37.30 2.35
N GLY B 473 2.49 -36.88 1.42
CA GLY B 473 2.96 -37.75 0.37
C GLY B 473 3.77 -38.91 0.91
N PRO B 474 3.90 -39.97 0.12
CA PRO B 474 4.65 -41.15 0.59
C PRO B 474 6.12 -40.86 0.84
N THR B 475 6.74 -40.01 0.02
CA THR B 475 8.14 -39.69 0.20
C THR B 475 8.39 -38.64 1.26
N GLU B 476 7.35 -37.91 1.68
CA GLU B 476 7.51 -36.78 2.57
C GLU B 476 7.59 -37.24 4.03
N PRO B 477 8.27 -36.48 4.89
CA PRO B 477 8.43 -36.89 6.28
C PRO B 477 7.09 -36.96 7.01
N ILE B 478 6.88 -38.06 7.72
CA ILE B 478 5.70 -38.26 8.55
C ILE B 478 6.14 -38.26 10.01
N PRO B 479 5.32 -37.74 10.93
CA PRO B 479 5.73 -37.73 12.34
C PRO B 479 5.83 -39.13 12.90
N ARG B 480 6.71 -39.29 13.89
CA ARG B 480 6.97 -40.60 14.49
C ARG B 480 6.05 -40.89 15.66
N SER B 481 5.67 -39.88 16.44
CA SER B 481 4.84 -40.08 17.63
C SER B 481 3.80 -38.96 17.75
N LEU B 482 2.94 -38.86 16.75
CA LEU B 482 1.87 -37.87 16.73
C LEU B 482 0.54 -38.56 16.97
N THR B 483 -0.23 -38.02 17.92
CA THR B 483 -1.58 -38.52 18.23
C THR B 483 -2.51 -37.32 18.31
N ILE B 484 -3.33 -37.14 17.28
CA ILE B 484 -4.31 -36.05 17.24
C ILE B 484 -5.56 -36.53 17.96
N VAL B 485 -5.90 -35.87 19.07
CA VAL B 485 -7.08 -36.19 19.86
C VAL B 485 -8.16 -35.19 19.49
N VAL B 486 -9.20 -35.64 18.78
CA VAL B 486 -10.31 -34.77 18.39
C VAL B 486 -11.48 -35.04 19.33
N SER B 487 -12.12 -33.97 19.79
CA SER B 487 -13.24 -34.05 20.73
C SER B 487 -14.48 -33.66 19.94
N ASN B 488 -15.16 -34.66 19.38
CA ASN B 488 -16.26 -34.41 18.46
C ASN B 488 -17.52 -34.05 19.23
N ASP B 489 -18.20 -33.01 18.74
CA ASP B 489 -19.54 -32.62 19.16
C ASP B 489 -20.08 -31.72 18.07
N ASN B 490 -21.41 -31.59 18.02
CA ASN B 490 -22.00 -30.66 17.07
C ASN B 490 -21.46 -29.26 17.31
N GLY B 491 -20.81 -28.68 16.30
CA GLY B 491 -20.19 -27.39 16.48
C GLY B 491 -18.90 -27.50 17.28
N GLY B 492 -18.55 -26.43 17.98
CA GLY B 492 -17.37 -26.40 18.84
C GLY B 492 -16.06 -26.63 18.10
N THR B 515 -25.83 -23.96 11.94
CA THR B 515 -24.62 -24.36 12.66
C THR B 515 -24.19 -25.84 12.66
N PRO B 516 -25.08 -26.82 12.42
CA PRO B 516 -24.70 -28.21 12.64
C PRO B 516 -23.85 -28.78 11.51
N HIS B 517 -23.24 -29.93 11.81
CA HIS B 517 -22.50 -30.72 10.84
C HIS B 517 -22.43 -32.15 11.36
N ASP B 518 -22.64 -33.10 10.46
CA ASP B 518 -22.48 -34.52 10.77
C ASP B 518 -21.47 -35.09 9.80
N VAL B 519 -20.38 -35.64 10.34
CA VAL B 519 -19.22 -36.01 9.53
C VAL B 519 -18.57 -37.26 10.12
N ASP B 520 -18.40 -38.29 9.28
CA ASP B 520 -17.72 -39.51 9.66
C ASP B 520 -16.22 -39.24 9.75
N VAL B 521 -15.74 -38.88 10.95
CA VAL B 521 -14.33 -38.57 11.15
C VAL B 521 -13.46 -39.74 10.73
N GLY B 522 -13.90 -40.97 11.00
CA GLY B 522 -13.15 -42.13 10.58
C GLY B 522 -13.01 -42.20 9.06
N ALA B 523 -14.05 -41.82 8.33
CA ALA B 523 -13.98 -41.83 6.87
C ALA B 523 -13.02 -40.76 6.35
N LEU B 524 -12.92 -39.63 7.04
CA LEU B 524 -11.90 -38.64 6.68
C LEU B 524 -10.51 -39.24 6.78
N CYS B 525 -10.17 -39.78 7.96
CA CYS B 525 -8.84 -40.32 8.16
C CYS B 525 -8.56 -41.46 7.21
N ARG B 526 -9.58 -42.27 6.90
CA ARG B 526 -9.42 -43.33 5.92
C ARG B 526 -9.09 -42.74 4.54
N ALA B 527 -9.70 -41.60 4.22
CA ALA B 527 -9.46 -40.98 2.91
C ALA B 527 -8.00 -40.57 2.76
N TYR B 528 -7.38 -40.10 3.84
CA TYR B 528 -5.98 -39.69 3.82
C TYR B 528 -5.04 -40.76 4.38
N HIS B 529 -5.53 -42.00 4.53
CA HIS B 529 -4.71 -43.13 4.94
C HIS B 529 -4.01 -42.86 6.28
N VAL B 530 -4.80 -42.46 7.27
CA VAL B 530 -4.33 -42.19 8.62
C VAL B 530 -5.10 -43.09 9.57
N GLU B 531 -4.37 -43.86 10.39
CA GLU B 531 -5.02 -44.76 11.32
C GLU B 531 -5.87 -43.98 12.32
N SER B 532 -7.11 -44.44 12.50
CA SER B 532 -8.06 -43.76 13.36
C SER B 532 -8.92 -44.76 14.11
N ARG B 533 -9.05 -44.56 15.42
CA ARG B 533 -9.94 -45.33 16.25
C ARG B 533 -10.82 -44.36 17.05
N GLN B 534 -12.04 -44.80 17.35
CA GLN B 534 -12.96 -44.02 18.18
C GLN B 534 -12.97 -44.60 19.58
N ILE B 535 -12.76 -43.73 20.57
CA ILE B 535 -12.51 -44.16 21.95
C ILE B 535 -13.52 -43.50 22.87
N GLU B 536 -13.63 -44.06 24.08
CA GLU B 536 -14.35 -43.45 25.18
C GLU B 536 -13.39 -42.57 25.99
N VAL B 537 -13.97 -41.72 26.85
CA VAL B 537 -13.17 -40.76 27.59
C VAL B 537 -12.22 -41.47 28.54
N ASP B 538 -12.72 -42.50 29.24
CA ASP B 538 -11.91 -43.18 30.25
C ASP B 538 -10.76 -43.98 29.65
N GLU B 539 -10.86 -44.40 28.39
CA GLU B 539 -9.82 -45.18 27.75
C GLU B 539 -8.75 -44.31 27.09
N LEU B 540 -8.84 -42.99 27.22
CA LEU B 540 -7.89 -42.11 26.53
C LEU B 540 -6.48 -42.27 27.08
N GLY B 541 -6.33 -42.16 28.40
CA GLY B 541 -5.05 -42.31 29.05
C GLY B 541 -4.29 -43.57 28.69
N PRO B 542 -4.92 -44.74 28.88
CA PRO B 542 -4.23 -45.99 28.51
C PRO B 542 -3.82 -46.06 27.04
N THR B 543 -4.71 -45.64 26.13
CA THR B 543 -4.35 -45.65 24.72
C THR B 543 -3.23 -44.66 24.42
N LEU B 544 -3.31 -43.46 25.00
CA LEU B 544 -2.22 -42.51 24.86
C LEU B 544 -0.92 -43.04 25.46
N ASP B 545 -1.02 -43.89 26.50
CA ASP B 545 0.18 -44.45 27.11
C ASP B 545 0.83 -45.48 26.20
N GLN B 546 0.02 -46.24 25.46
CA GLN B 546 0.53 -47.31 24.60
C GLN B 546 0.88 -46.75 23.23
N PRO B 547 2.15 -46.69 22.86
CA PRO B 547 2.51 -46.15 21.54
C PRO B 547 1.97 -47.03 20.41
N GLY B 548 1.68 -46.39 19.29
CA GLY B 548 1.15 -47.09 18.14
C GLY B 548 1.81 -46.68 16.83
N ALA B 549 0.99 -46.27 15.85
CA ALA B 549 1.52 -45.86 14.56
C ALA B 549 2.26 -44.52 14.70
N GLY B 550 2.98 -44.17 13.63
CA GLY B 550 3.68 -42.88 13.62
C GLY B 550 2.75 -41.71 13.74
N MET B 551 1.53 -41.81 13.19
CA MET B 551 0.56 -40.74 13.22
C MET B 551 -0.82 -41.36 13.30
N ARG B 552 -1.60 -40.94 14.30
CA ARG B 552 -2.92 -41.55 14.51
C ARG B 552 -3.87 -40.53 15.10
N VAL B 553 -5.16 -40.79 14.91
CA VAL B 553 -6.25 -39.92 15.36
C VAL B 553 -7.13 -40.71 16.31
N LEU B 554 -7.46 -40.09 17.44
CA LEU B 554 -8.35 -40.69 18.44
C LEU B 554 -9.56 -39.77 18.60
N GLU B 555 -10.72 -40.23 18.14
CA GLU B 555 -11.95 -39.45 18.21
C GLU B 555 -12.73 -39.82 19.46
N VAL B 556 -13.06 -38.82 20.26
CA VAL B 556 -13.84 -39.00 21.48
C VAL B 556 -15.17 -38.27 21.28
N LYS B 557 -16.26 -39.02 21.31
CA LYS B 557 -17.59 -38.42 21.20
C LYS B 557 -17.90 -37.64 22.48
N ALA B 558 -18.29 -36.37 22.31
CA ALA B 558 -18.65 -35.50 23.42
C ALA B 558 -19.95 -34.78 23.10
N ASP B 559 -20.57 -34.22 24.13
CA ASP B 559 -21.88 -33.61 24.02
C ASP B 559 -21.79 -32.13 24.37
N ARG B 560 -22.31 -31.27 23.49
CA ARG B 560 -22.28 -29.83 23.68
C ARG B 560 -23.51 -29.29 24.39
N SER B 561 -24.52 -30.12 24.65
CA SER B 561 -25.77 -29.62 25.22
C SER B 561 -25.56 -29.17 26.67
N SER B 562 -24.97 -30.02 27.50
CA SER B 562 -24.83 -29.74 28.92
C SER B 562 -23.67 -28.80 29.24
N LEU B 563 -22.99 -28.27 28.21
CA LEU B 563 -21.87 -27.37 28.46
C LEU B 563 -22.30 -26.16 29.29
N ARG B 564 -23.46 -25.59 28.98
CA ARG B 564 -23.95 -24.46 29.77
C ARG B 564 -24.37 -24.92 31.18
N GLN B 565 -24.94 -26.11 31.28
CA GLN B 565 -25.32 -26.63 32.59
C GLN B 565 -24.08 -26.89 33.46
N LEU B 566 -23.01 -27.41 32.86
CA LEU B 566 -21.79 -27.69 33.61
C LEU B 566 -21.09 -26.40 34.01
N HIS B 567 -20.87 -25.49 33.05
CA HIS B 567 -20.18 -24.25 33.34
C HIS B 567 -20.88 -23.47 34.46
N ALA B 568 -22.22 -23.42 34.41
CA ALA B 568 -22.95 -22.70 35.45
C ALA B 568 -22.74 -23.32 36.82
N ALA B 569 -22.62 -24.65 36.87
CA ALA B 569 -22.39 -25.33 38.15
C ALA B 569 -21.03 -24.96 38.72
N ILE B 570 -20.01 -24.87 37.88
CA ILE B 570 -18.68 -24.50 38.35
C ILE B 570 -18.69 -23.08 38.90
N LYS B 571 -19.32 -22.15 38.17
CA LYS B 571 -19.42 -20.77 38.67
C LYS B 571 -20.22 -20.72 39.96
N ALA B 572 -21.26 -21.55 40.06
CA ALA B 572 -22.08 -21.57 41.28
C ALA B 572 -21.35 -22.27 42.42
N ALA B 573 -20.45 -23.20 42.11
CA ALA B 573 -19.70 -23.89 43.15
C ALA B 573 -18.59 -23.05 43.76
N LEU B 574 -18.30 -21.88 43.19
CA LEU B 574 -17.25 -21.01 43.71
C LEU B 574 -17.77 -20.14 44.86
N PRO C 23 -31.81 1.47 15.94
CA PRO C 23 -30.45 2.01 15.96
C PRO C 23 -29.73 1.79 14.62
N SER C 24 -28.59 1.09 14.68
CA SER C 24 -27.87 0.74 13.46
C SER C 24 -28.63 -0.29 12.63
N THR C 25 -29.58 -1.01 13.24
CA THR C 25 -30.32 -2.02 12.50
C THR C 25 -31.18 -1.41 11.41
N THR C 26 -31.69 -0.19 11.63
CA THR C 26 -32.42 0.49 10.56
C THR C 26 -31.52 0.75 9.37
N GLN C 27 -30.27 1.16 9.62
CA GLN C 27 -29.29 1.29 8.55
C GLN C 27 -29.01 -0.06 7.90
N ALA C 28 -28.91 -1.11 8.70
CA ALA C 28 -28.69 -2.44 8.14
C ALA C 28 -29.88 -2.89 7.30
N ARG C 29 -31.10 -2.55 7.74
CA ARG C 29 -32.30 -2.99 7.04
C ARG C 29 -32.42 -2.34 5.67
N VAL C 30 -32.01 -1.07 5.56
CA VAL C 30 -32.10 -0.39 4.28
C VAL C 30 -30.93 -0.78 3.37
N VAL C 31 -29.75 -1.04 3.93
CA VAL C 31 -28.60 -1.43 3.12
C VAL C 31 -28.88 -2.73 2.39
N VAL C 32 -29.48 -3.70 3.08
CA VAL C 32 -29.84 -4.96 2.43
C VAL C 32 -30.93 -4.72 1.39
N ASP C 33 -31.90 -3.86 1.69
CA ASP C 33 -32.97 -3.59 0.73
C ASP C 33 -32.43 -3.03 -0.57
N GLU C 34 -31.42 -2.16 -0.50
CA GLU C 34 -30.83 -1.62 -1.72
C GLU C 34 -30.03 -2.67 -2.46
N LEU C 35 -29.40 -3.60 -1.75
CA LEU C 35 -28.73 -4.72 -2.40
C LEU C 35 -29.72 -5.56 -3.20
N ILE C 36 -30.84 -5.93 -2.58
CA ILE C 36 -31.87 -6.69 -3.27
C ILE C 36 -32.38 -5.90 -4.46
N ARG C 37 -32.61 -4.59 -4.27
CA ARG C 37 -33.04 -3.75 -5.39
C ARG C 37 -31.98 -3.70 -6.48
N GLY C 38 -30.71 -3.64 -6.09
CA GLY C 38 -29.64 -3.57 -7.05
C GLY C 38 -29.38 -4.85 -7.81
N GLY C 39 -29.93 -5.98 -7.36
CA GLY C 39 -29.75 -7.24 -8.06
C GLY C 39 -29.07 -8.33 -7.26
N VAL C 40 -28.71 -8.10 -6.00
CA VAL C 40 -28.10 -9.15 -5.19
C VAL C 40 -29.16 -10.20 -4.89
N ARG C 41 -28.88 -11.45 -5.27
CA ARG C 41 -29.78 -12.55 -5.00
C ARG C 41 -29.18 -13.63 -4.12
N ASP C 42 -27.88 -13.58 -3.84
CA ASP C 42 -27.23 -14.56 -2.99
C ASP C 42 -26.23 -13.84 -2.09
N VAL C 43 -26.24 -14.18 -0.81
CA VAL C 43 -25.26 -13.65 0.14
C VAL C 43 -24.65 -14.83 0.88
N VAL C 44 -23.32 -14.90 0.89
CA VAL C 44 -22.59 -15.97 1.57
C VAL C 44 -22.10 -15.43 2.91
N LEU C 45 -22.17 -16.26 3.94
CA LEU C 45 -21.87 -15.84 5.29
C LEU C 45 -21.06 -16.92 6.01
N CYS C 46 -20.23 -16.48 6.94
CA CYS C 46 -19.49 -17.38 7.82
C CYS C 46 -19.65 -16.92 9.26
N PRO C 47 -19.89 -17.84 10.19
CA PRO C 47 -19.82 -17.47 11.61
C PRO C 47 -18.41 -17.12 12.00
N GLY C 48 -18.28 -16.23 12.98
CA GLY C 48 -16.95 -15.78 13.33
C GLY C 48 -16.89 -15.07 14.68
N SER C 49 -15.76 -14.41 14.91
CA SER C 49 -15.42 -13.90 16.24
C SER C 49 -16.42 -12.84 16.69
N ARG C 50 -16.67 -11.84 15.87
CA ARG C 50 -17.66 -10.82 16.15
C ARG C 50 -18.88 -11.05 15.27
N ASN C 51 -20.05 -10.60 15.73
CA ASN C 51 -21.28 -10.81 14.99
C ASN C 51 -21.20 -10.17 13.61
N ALA C 52 -21.89 -10.77 12.65
CA ALA C 52 -21.74 -10.39 11.26
C ALA C 52 -22.26 -8.97 11.02
N PRO C 53 -21.68 -8.26 10.06
CA PRO C 53 -22.32 -7.03 9.57
C PRO C 53 -23.74 -7.34 9.09
N LEU C 54 -24.71 -6.57 9.60
CA LEU C 54 -26.12 -6.68 9.22
C LEU C 54 -26.59 -8.14 9.16
N ALA C 55 -26.19 -8.92 10.17
CA ALA C 55 -26.59 -10.33 10.20
C ALA C 55 -28.09 -10.47 10.38
N PHE C 56 -28.69 -9.61 11.21
CA PHE C 56 -30.12 -9.69 11.44
C PHE C 56 -30.92 -9.31 10.20
N ALA C 57 -30.46 -8.30 9.47
CA ALA C 57 -31.18 -7.84 8.28
C ALA C 57 -31.15 -8.89 7.17
N LEU C 58 -30.08 -9.66 7.07
CA LEU C 58 -30.00 -10.73 6.07
C LEU C 58 -30.94 -11.87 6.42
N GLN C 59 -31.06 -12.21 7.70
CA GLN C 59 -31.91 -13.32 8.12
C GLN C 59 -33.35 -13.08 7.71
N ASP C 60 -33.87 -11.88 7.99
CA ASP C 60 -35.26 -11.57 7.63
C ASP C 60 -35.47 -11.61 6.13
N ALA C 61 -34.53 -11.03 5.37
CA ALA C 61 -34.63 -11.10 3.91
C ALA C 61 -34.52 -12.54 3.42
N ASP C 62 -33.70 -13.35 4.08
CA ASP C 62 -33.63 -14.78 3.75
C ASP C 62 -34.96 -15.46 4.07
N ARG C 63 -35.52 -15.17 5.25
CA ARG C 63 -36.81 -15.76 5.62
C ARG C 63 -37.92 -15.28 4.70
N SER C 64 -37.88 -14.01 4.29
CA SER C 64 -38.90 -13.49 3.39
C SER C 64 -38.77 -14.04 1.98
N GLY C 65 -37.60 -14.52 1.60
CA GLY C 65 -37.38 -15.02 0.25
C GLY C 65 -36.88 -13.99 -0.74
N ARG C 66 -36.51 -12.80 -0.28
CA ARG C 66 -35.96 -11.80 -1.20
C ARG C 66 -34.55 -12.16 -1.62
N ILE C 67 -33.77 -12.81 -0.75
CA ILE C 67 -32.44 -13.30 -1.08
C ILE C 67 -32.30 -14.73 -0.59
N ARG C 68 -31.47 -15.49 -1.29
CA ARG C 68 -31.02 -16.78 -0.82
C ARG C 68 -29.73 -16.61 -0.05
N LEU C 69 -29.54 -17.44 0.98
CA LEU C 69 -28.42 -17.28 1.89
C LEU C 69 -27.71 -18.61 2.08
N HIS C 70 -26.37 -18.57 2.02
CA HIS C 70 -25.53 -19.76 2.15
C HIS C 70 -24.51 -19.52 3.24
N VAL C 71 -24.47 -20.40 4.23
CA VAL C 71 -23.47 -20.32 5.30
C VAL C 71 -22.46 -21.43 5.09
N ARG C 72 -21.22 -21.14 5.45
CA ARG C 72 -20.11 -22.08 5.31
C ARG C 72 -19.16 -21.91 6.49
N ILE C 73 -18.45 -22.99 6.81
CA ILE C 73 -17.43 -22.92 7.85
C ILE C 73 -16.10 -22.42 7.29
N ASP C 74 -15.73 -22.87 6.09
CA ASP C 74 -14.47 -22.46 5.49
C ASP C 74 -14.62 -21.09 4.84
N GLU C 75 -13.78 -20.15 5.28
CA GLU C 75 -13.82 -18.80 4.74
C GLU C 75 -13.32 -18.76 3.30
N ARG C 76 -12.26 -19.53 3.00
CA ARG C 76 -11.74 -19.56 1.64
C ARG C 76 -12.73 -20.21 0.68
N THR C 77 -13.37 -21.30 1.11
CA THR C 77 -14.38 -21.94 0.28
C THR C 77 -15.57 -21.02 0.06
N ALA C 78 -15.98 -20.29 1.10
CA ALA C 78 -17.13 -19.40 0.98
C ALA C 78 -16.93 -18.36 -0.12
N GLY C 79 -15.73 -17.76 -0.18
CA GLY C 79 -15.48 -16.76 -1.21
C GLY C 79 -15.56 -17.34 -2.61
N TYR C 80 -15.00 -18.54 -2.81
CA TYR C 80 -15.08 -19.17 -4.11
C TYR C 80 -16.51 -19.60 -4.43
N LEU C 81 -17.24 -20.05 -3.41
CA LEU C 81 -18.66 -20.35 -3.59
C LEU C 81 -19.41 -19.13 -4.12
N ALA C 82 -19.12 -17.96 -3.57
CA ALA C 82 -19.76 -16.73 -4.05
C ALA C 82 -19.37 -16.42 -5.48
N ILE C 83 -18.11 -16.68 -5.85
CA ILE C 83 -17.68 -16.46 -7.23
C ILE C 83 -18.52 -17.29 -8.18
N GLY C 84 -18.74 -18.56 -7.84
CA GLY C 84 -19.63 -19.37 -8.64
C GLY C 84 -21.03 -18.80 -8.69
N LEU C 85 -21.54 -18.36 -7.54
CA LEU C 85 -22.87 -17.75 -7.50
C LEU C 85 -22.95 -16.52 -8.39
N ALA C 86 -21.85 -15.79 -8.52
CA ALA C 86 -21.86 -14.58 -9.35
C ALA C 86 -21.74 -14.94 -10.84
N ILE C 87 -20.87 -15.88 -11.19
CA ILE C 87 -20.64 -16.21 -12.60
C ILE C 87 -21.64 -17.23 -13.14
N GLY C 88 -22.43 -17.87 -12.27
CA GLY C 88 -23.41 -18.82 -12.75
C GLY C 88 -24.51 -18.16 -13.56
N ALA C 89 -25.03 -17.03 -13.07
CA ALA C 89 -26.09 -16.31 -13.76
C ALA C 89 -25.71 -14.89 -14.16
N GLY C 90 -24.73 -14.29 -13.51
CA GLY C 90 -24.29 -12.95 -13.84
C GLY C 90 -24.70 -11.86 -12.88
N ALA C 91 -25.04 -12.19 -11.64
CA ALA C 91 -25.50 -11.21 -10.67
C ALA C 91 -24.43 -10.93 -9.62
N PRO C 92 -24.42 -9.73 -9.03
CA PRO C 92 -23.50 -9.47 -7.93
C PRO C 92 -23.83 -10.32 -6.72
N VAL C 93 -22.78 -10.71 -5.99
CA VAL C 93 -22.90 -11.56 -4.82
C VAL C 93 -22.11 -10.94 -3.67
N CYS C 94 -22.69 -10.97 -2.47
CA CYS C 94 -22.04 -10.42 -1.29
C CYS C 94 -21.49 -11.54 -0.41
N VAL C 95 -20.36 -11.24 0.25
CA VAL C 95 -19.75 -12.13 1.22
C VAL C 95 -19.59 -11.34 2.52
N ALA C 96 -20.24 -11.79 3.58
CA ALA C 96 -20.18 -11.15 4.89
C ALA C 96 -19.29 -11.97 5.79
N MET C 97 -18.17 -11.38 6.23
CA MET C 97 -17.14 -12.09 6.96
C MET C 97 -16.81 -11.35 8.24
N THR C 98 -16.53 -12.13 9.29
CA THR C 98 -16.61 -11.64 10.67
C THR C 98 -15.50 -12.25 11.52
N SER C 99 -14.25 -12.14 11.07
CA SER C 99 -13.16 -12.72 11.83
C SER C 99 -11.86 -12.02 11.47
N GLY C 100 -10.84 -12.22 12.32
CA GLY C 100 -9.52 -11.70 12.02
C GLY C 100 -8.86 -12.41 10.86
N THR C 101 -9.15 -13.70 10.68
CA THR C 101 -8.67 -14.45 9.53
C THR C 101 -9.55 -14.29 8.31
N ALA C 102 -10.63 -13.51 8.39
CA ALA C 102 -11.58 -13.40 7.29
C ALA C 102 -10.93 -12.74 6.07
N VAL C 103 -10.26 -11.61 6.26
CA VAL C 103 -9.69 -10.89 5.13
C VAL C 103 -8.59 -11.72 4.47
N ALA C 104 -7.78 -12.42 5.29
CA ALA C 104 -6.68 -13.20 4.73
C ALA C 104 -7.19 -14.40 3.95
N ASN C 105 -8.34 -14.96 4.34
CA ASN C 105 -8.84 -16.17 3.70
C ASN C 105 -9.60 -15.87 2.41
N LEU C 106 -10.09 -14.65 2.23
CA LEU C 106 -10.76 -14.28 0.99
C LEU C 106 -9.81 -13.80 -0.08
N GLY C 107 -8.53 -13.63 0.26
CA GLY C 107 -7.51 -13.19 -0.69
C GLY C 107 -7.59 -13.88 -2.04
N PRO C 108 -7.42 -15.20 -2.07
CA PRO C 108 -7.44 -15.91 -3.36
C PRO C 108 -8.71 -15.68 -4.17
N ALA C 109 -9.87 -15.66 -3.50
CA ALA C 109 -11.11 -15.42 -4.22
C ALA C 109 -11.21 -13.97 -4.71
N VAL C 110 -10.74 -13.02 -3.90
CA VAL C 110 -10.80 -11.62 -4.32
C VAL C 110 -9.84 -11.36 -5.48
N VAL C 111 -8.67 -11.98 -5.46
CA VAL C 111 -7.73 -11.82 -6.56
C VAL C 111 -8.32 -12.41 -7.84
N GLU C 112 -8.98 -13.57 -7.72
CA GLU C 112 -9.64 -14.17 -8.88
C GLU C 112 -10.76 -13.28 -9.39
N ALA C 113 -11.56 -12.71 -8.49
CA ALA C 113 -12.65 -11.83 -8.90
C ALA C 113 -12.12 -10.62 -9.66
N ASN C 114 -10.96 -10.10 -9.26
CA ASN C 114 -10.40 -8.94 -9.93
C ASN C 114 -9.93 -9.29 -11.33
N TYR C 115 -9.24 -10.41 -11.48
CA TYR C 115 -8.66 -10.78 -12.76
C TYR C 115 -9.64 -11.46 -13.69
N ALA C 116 -10.80 -11.90 -13.19
CA ALA C 116 -11.85 -12.44 -14.03
C ALA C 116 -13.02 -11.47 -14.18
N ARG C 117 -12.95 -10.30 -13.55
CA ARG C 117 -14.00 -9.28 -13.61
C ARG C 117 -15.34 -9.86 -13.15
N VAL C 118 -15.38 -10.25 -11.89
CA VAL C 118 -16.54 -10.89 -11.27
C VAL C 118 -17.09 -9.95 -10.21
N PRO C 119 -18.39 -9.63 -10.23
CA PRO C 119 -18.93 -8.64 -9.28
C PRO C 119 -19.10 -9.22 -7.89
N LEU C 120 -18.04 -9.15 -7.08
CA LEU C 120 -18.03 -9.72 -5.75
C LEU C 120 -17.96 -8.60 -4.72
N ILE C 121 -18.97 -8.53 -3.85
CA ILE C 121 -19.02 -7.51 -2.80
C ILE C 121 -18.64 -8.17 -1.49
N VAL C 122 -17.75 -7.53 -0.73
CA VAL C 122 -17.27 -8.04 0.54
C VAL C 122 -17.71 -7.09 1.64
N LEU C 123 -18.37 -7.62 2.66
CA LEU C 123 -19.00 -6.81 3.70
C LEU C 123 -18.17 -6.84 4.99
N SER C 124 -18.05 -5.67 5.61
CA SER C 124 -17.29 -5.48 6.84
C SER C 124 -18.11 -4.64 7.83
N ALA C 125 -17.67 -4.65 9.10
CA ALA C 125 -18.33 -3.86 10.15
C ALA C 125 -17.31 -3.50 11.22
N ASN C 126 -16.44 -2.53 10.91
CA ASN C 126 -15.47 -2.06 11.87
C ASN C 126 -16.10 -1.09 12.86
N ARG C 127 -15.68 -1.17 14.13
CA ARG C 127 -16.22 -0.32 15.17
C ARG C 127 -15.28 0.84 15.43
N PRO C 128 -15.69 2.09 15.16
CA PRO C 128 -14.75 3.22 15.22
C PRO C 128 -14.75 4.00 16.53
N TYR C 129 -15.27 3.42 17.60
CA TYR C 129 -15.30 4.12 18.88
C TYR C 129 -14.44 3.40 19.92
N LEU C 131 -10.81 1.94 19.45
CA LEU C 131 -9.44 2.36 19.12
C LEU C 131 -8.87 1.52 17.98
N LEU C 132 -7.96 2.13 17.21
CA LEU C 132 -7.36 1.47 16.06
C LEU C 132 -5.86 1.73 16.05
N GLY C 133 -5.11 0.77 15.50
CA GLY C 133 -3.67 0.88 15.44
C GLY C 133 -2.95 -0.33 16.00
N GLN C 142 -5.82 -7.17 8.06
CA GLN C 142 -6.00 -6.47 6.79
C GLN C 142 -4.70 -6.39 6.02
N LEU C 143 -4.57 -7.19 4.96
CA LEU C 143 -3.37 -7.22 4.14
C LEU C 143 -3.38 -6.06 3.15
N GLY C 144 -2.25 -5.90 2.45
CA GLY C 144 -2.09 -4.88 1.45
C GLY C 144 -2.75 -5.15 0.12
N TYR C 145 -3.31 -6.34 -0.07
CA TYR C 145 -3.91 -6.68 -1.36
C TYR C 145 -5.22 -5.94 -1.60
N PHE C 146 -5.87 -5.44 -0.55
CA PHE C 146 -7.15 -4.77 -0.73
C PHE C 146 -7.01 -3.53 -1.61
N GLY C 147 -5.91 -2.79 -1.45
CA GLY C 147 -5.70 -1.63 -2.30
C GLY C 147 -5.44 -1.98 -3.75
N THR C 148 -4.81 -3.13 -4.00
CA THR C 148 -4.46 -3.49 -5.37
C THR C 148 -5.61 -4.15 -6.11
N GLN C 149 -6.53 -4.81 -5.41
CA GLN C 149 -7.49 -5.69 -6.05
C GLN C 149 -8.89 -5.11 -6.13
N VAL C 150 -9.41 -4.50 -5.06
CA VAL C 150 -10.81 -4.08 -5.07
C VAL C 150 -10.98 -2.88 -5.99
N ARG C 151 -12.10 -2.87 -6.73
CA ARG C 151 -12.38 -1.76 -7.63
C ARG C 151 -12.64 -0.47 -6.87
N ALA C 152 -13.16 -0.58 -5.64
CA ALA C 152 -13.42 0.58 -4.80
C ALA C 152 -13.62 0.10 -3.38
N SER C 153 -13.31 0.98 -2.43
CA SER C 153 -13.50 0.70 -1.01
C SER C 153 -14.33 1.83 -0.41
N ILE C 154 -15.56 1.51 -0.02
CA ILE C 154 -16.50 2.48 0.51
C ILE C 154 -16.94 2.02 1.89
N SER C 155 -16.94 2.93 2.86
CA SER C 155 -17.46 2.69 4.19
C SER C 155 -18.58 3.68 4.46
N LEU C 156 -19.74 3.17 4.87
CA LEU C 156 -20.84 4.05 5.22
C LEU C 156 -20.52 4.83 6.48
N GLY C 157 -21.15 6.00 6.62
CA GLY C 157 -21.03 6.74 7.85
C GLY C 157 -21.69 6.01 9.00
N LEU C 158 -21.13 6.19 10.20
CA LEU C 158 -21.73 5.57 11.37
C LEU C 158 -23.13 6.12 11.59
N ALA C 159 -24.05 5.24 12.02
CA ALA C 159 -25.45 5.61 12.18
C ALA C 159 -25.61 6.57 13.35
N GLU C 160 -25.75 7.85 13.03
CA GLU C 160 -26.06 8.84 14.06
C GLU C 160 -27.47 8.63 14.59
N ASP C 161 -27.62 8.72 15.91
CA ASP C 161 -28.92 8.49 16.55
C ASP C 161 -29.71 9.78 16.58
N ALA C 162 -30.24 10.14 15.41
CA ALA C 162 -31.05 11.36 15.27
C ALA C 162 -32.24 11.08 14.35
N PRO C 163 -33.47 11.15 14.86
CA PRO C 163 -34.62 10.76 14.03
C PRO C 163 -34.98 11.78 12.97
N GLU C 164 -34.69 13.07 13.19
CA GLU C 164 -35.19 14.11 12.30
C GLU C 164 -34.47 14.10 10.95
N ARG C 165 -33.16 13.87 10.95
CA ARG C 165 -32.36 13.88 9.73
C ARG C 165 -32.34 12.53 9.02
N THR C 166 -33.15 11.56 9.48
CA THR C 166 -33.16 10.23 8.87
C THR C 166 -33.71 10.24 7.45
N SER C 167 -34.53 11.23 7.10
CA SER C 167 -35.03 11.33 5.73
C SER C 167 -33.87 11.47 4.75
N ALA C 168 -32.99 12.43 4.99
CA ALA C 168 -31.79 12.56 4.17
C ALA C 168 -30.79 11.44 4.47
N LEU C 169 -30.77 10.95 5.70
CA LEU C 169 -29.85 9.86 6.04
C LEU C 169 -30.20 8.58 5.28
N ASN C 170 -31.49 8.36 5.02
CA ASN C 170 -31.89 7.25 4.16
C ASN C 170 -31.28 7.39 2.76
N ALA C 171 -31.32 8.60 2.22
CA ALA C 171 -30.85 8.83 0.85
C ALA C 171 -29.37 8.54 0.72
N THR C 172 -28.55 9.11 1.62
CA THR C 172 -27.11 8.88 1.54
C THR C 172 -26.77 7.41 1.73
N TRP C 173 -27.50 6.72 2.62
CA TRP C 173 -27.32 5.29 2.79
C TRP C 173 -27.54 4.56 1.47
N ARG C 174 -28.69 4.81 0.83
CA ARG C 174 -28.99 4.15 -0.43
C ARG C 174 -28.14 4.69 -1.57
N SER C 175 -27.68 5.93 -1.49
CA SER C 175 -26.75 6.45 -2.48
C SER C 175 -25.42 5.71 -2.43
N ALA C 176 -24.95 5.38 -1.22
CA ALA C 176 -23.66 4.72 -1.08
C ALA C 176 -23.72 3.26 -1.47
N THR C 177 -24.82 2.57 -1.14
CA THR C 177 -24.95 1.16 -1.51
C THR C 177 -24.96 1.00 -3.03
N CYS C 178 -25.63 1.93 -3.74
CA CYS C 178 -25.62 1.88 -5.20
C CYS C 178 -24.21 2.09 -5.75
N ARG C 179 -23.43 2.96 -5.10
CA ARG C 179 -22.04 3.14 -5.50
C ARG C 179 -21.28 1.81 -5.45
N VAL C 180 -21.46 1.07 -4.36
CA VAL C 180 -20.83 -0.24 -4.23
C VAL C 180 -21.26 -1.16 -5.36
N LEU C 181 -22.57 -1.23 -5.60
CA LEU C 181 -23.08 -2.06 -6.69
C LEU C 181 -22.53 -1.62 -8.04
N ALA C 182 -22.55 -0.31 -8.30
CA ALA C 182 -22.06 0.20 -9.57
C ALA C 182 -20.57 -0.12 -9.76
N ALA C 183 -19.79 0.00 -8.69
CA ALA C 183 -18.38 -0.36 -8.78
C ALA C 183 -18.20 -1.86 -8.93
N ALA C 184 -19.08 -2.66 -8.32
CA ALA C 184 -18.94 -4.11 -8.36
C ALA C 184 -19.29 -4.65 -9.74
N THR C 185 -20.45 -4.27 -10.27
CA THR C 185 -20.86 -4.71 -11.60
C THR C 185 -20.22 -3.89 -12.72
N GLY C 186 -19.39 -2.91 -12.39
CA GLY C 186 -18.77 -2.08 -13.41
C GLY C 186 -19.77 -1.28 -14.22
N ALA C 187 -20.85 -0.82 -13.57
CA ALA C 187 -21.94 -0.19 -14.29
C ALA C 187 -21.48 1.06 -15.04
N ARG C 188 -20.57 1.83 -14.45
CA ARG C 188 -20.08 3.05 -15.08
C ARG C 188 -18.71 2.88 -15.71
N THR C 189 -18.00 1.78 -15.43
CA THR C 189 -16.61 1.63 -15.82
C THR C 189 -16.36 0.50 -16.81
N ALA C 190 -17.35 -0.34 -17.10
CA ALA C 190 -17.22 -1.51 -17.96
C ALA C 190 -16.20 -2.51 -17.45
N ASN C 191 -15.78 -2.40 -16.20
CA ASN C 191 -14.84 -3.34 -15.59
C ASN C 191 -15.39 -3.80 -14.24
N ALA C 192 -16.07 -4.93 -14.23
CA ALA C 192 -16.56 -5.50 -12.98
C ALA C 192 -15.39 -5.98 -12.12
N GLY C 193 -15.66 -6.20 -10.84
CA GLY C 193 -14.64 -6.67 -9.93
C GLY C 193 -15.05 -6.61 -8.48
N PRO C 194 -14.10 -6.92 -7.59
CA PRO C 194 -14.40 -6.98 -6.16
C PRO C 194 -14.48 -5.60 -5.53
N VAL C 195 -15.38 -5.45 -4.58
CA VAL C 195 -15.58 -4.20 -3.86
C VAL C 195 -15.63 -4.50 -2.37
N HIS C 196 -15.07 -3.60 -1.56
CA HIS C 196 -15.12 -3.69 -0.11
C HIS C 196 -16.12 -2.68 0.43
N PHE C 197 -17.18 -3.17 1.06
CA PHE C 197 -18.23 -2.34 1.65
C PHE C 197 -18.19 -2.53 3.16
N ASP C 198 -18.04 -1.43 3.90
CA ASP C 198 -17.94 -1.48 5.35
C ASP C 198 -19.11 -0.72 5.96
N ILE C 199 -19.87 -1.40 6.80
CA ILE C 199 -20.96 -0.78 7.57
C ILE C 199 -20.52 -0.72 9.03
N PRO C 200 -20.08 0.44 9.53
CA PRO C 200 -19.55 0.50 10.89
C PRO C 200 -20.64 0.35 11.93
N LEU C 201 -20.24 -0.18 13.09
CA LEU C 201 -21.17 -0.37 14.20
C LEU C 201 -20.89 0.62 15.33
N VAL C 215 -41.19 -0.14 11.17
CA VAL C 215 -41.04 -0.01 9.72
C VAL C 215 -39.61 0.38 9.39
N THR C 216 -39.23 0.15 8.13
CA THR C 216 -37.94 0.48 7.55
C THR C 216 -38.09 1.63 6.55
N PRO C 217 -37.12 2.54 6.49
CA PRO C 217 -37.22 3.67 5.55
C PRO C 217 -37.36 3.19 4.12
N PRO C 218 -38.32 3.73 3.37
CA PRO C 218 -38.63 3.17 2.06
C PRO C 218 -37.70 3.68 0.96
N GLY C 219 -37.47 2.81 -0.02
CA GLY C 219 -36.72 3.18 -1.20
C GLY C 219 -37.62 3.88 -2.20
N ARG C 220 -37.14 3.94 -3.43
CA ARG C 220 -37.95 4.56 -4.47
C ARG C 220 -39.05 3.60 -4.92
N PRO C 221 -40.16 4.14 -5.44
CA PRO C 221 -41.29 3.27 -5.80
C PRO C 221 -40.93 2.28 -6.90
N ALA C 222 -41.79 1.27 -7.05
CA ALA C 222 -41.62 0.17 -8.00
C ALA C 222 -40.35 -0.64 -7.73
N GLY C 223 -39.82 -0.56 -6.51
CA GLY C 223 -38.63 -1.33 -6.15
C GLY C 223 -37.41 -1.02 -6.97
N LYS C 224 -37.36 0.13 -7.63
CA LYS C 224 -36.20 0.50 -8.41
C LYS C 224 -35.07 0.99 -7.50
N PRO C 225 -33.83 0.88 -7.95
CA PRO C 225 -32.71 1.36 -7.12
C PRO C 225 -32.80 2.86 -6.87
N TRP C 226 -32.13 3.29 -5.80
CA TRP C 226 -32.16 4.70 -5.41
C TRP C 226 -31.48 5.56 -6.47
N THR C 227 -30.22 5.28 -6.76
CA THR C 227 -29.48 5.94 -7.83
C THR C 227 -29.43 4.99 -9.02
N TYR C 228 -30.24 5.26 -10.04
CA TYR C 228 -30.29 4.40 -11.20
C TYR C 228 -29.09 4.69 -12.09
N THR C 229 -28.25 3.70 -12.28
CA THR C 229 -27.13 3.79 -13.21
C THR C 229 -27.25 2.70 -14.27
N PRO C 230 -27.55 3.05 -15.53
CA PRO C 230 -27.71 2.02 -16.55
C PRO C 230 -26.38 1.42 -16.95
N PRO C 231 -26.37 0.21 -17.49
CA PRO C 231 -25.13 -0.37 -18.03
C PRO C 231 -24.56 0.50 -19.12
N VAL C 232 -23.34 0.98 -18.91
CA VAL C 232 -22.68 1.86 -19.88
C VAL C 232 -22.36 1.08 -21.14
N THR C 233 -22.26 1.79 -22.26
CA THR C 233 -21.89 1.20 -23.55
C THR C 233 -20.48 1.68 -23.86
N PHE C 234 -19.48 0.90 -23.45
CA PHE C 234 -18.10 1.19 -23.76
C PHE C 234 -17.84 0.84 -25.22
N ASP C 235 -17.42 1.83 -26.02
CA ASP C 235 -17.25 1.65 -27.45
C ASP C 235 -15.94 2.26 -27.90
N GLN C 236 -15.23 1.52 -28.77
CA GLN C 236 -13.94 1.90 -29.32
C GLN C 236 -13.71 1.15 -30.62
N PRO C 237 -13.90 1.77 -31.78
CA PRO C 237 -13.79 1.06 -33.05
C PRO C 237 -12.37 1.02 -33.58
N LEU C 238 -12.10 -0.02 -34.38
CA LEU C 238 -10.77 -0.23 -34.93
C LEU C 238 -10.89 -0.70 -36.37
N ASP C 239 -10.11 -0.07 -37.26
CA ASP C 239 -10.11 -0.43 -38.67
C ASP C 239 -9.28 -1.68 -38.89
N ILE C 240 -9.93 -2.77 -39.32
CA ILE C 240 -9.26 -4.03 -39.57
C ILE C 240 -9.58 -4.49 -40.99
N ASP C 241 -8.54 -4.85 -41.73
CA ASP C 241 -8.70 -5.36 -43.09
C ASP C 241 -8.83 -6.88 -43.03
N LEU C 242 -10.04 -7.39 -43.34
CA LEU C 242 -10.25 -8.83 -43.34
C LEU C 242 -9.73 -9.51 -44.59
N SER C 243 -9.39 -8.74 -45.64
CA SER C 243 -8.77 -9.34 -46.81
C SER C 243 -7.44 -10.00 -46.44
N VAL C 244 -6.67 -9.36 -45.55
CA VAL C 244 -5.45 -9.97 -45.05
C VAL C 244 -5.79 -11.24 -44.29
N ASP C 245 -4.92 -12.24 -44.41
CA ASP C 245 -5.15 -13.52 -43.73
C ASP C 245 -5.19 -13.33 -42.22
N THR C 246 -6.37 -13.55 -41.64
CA THR C 246 -6.62 -13.22 -40.25
C THR C 246 -7.10 -14.46 -39.51
N VAL C 247 -6.53 -14.70 -38.33
CA VAL C 247 -7.05 -15.68 -37.38
C VAL C 247 -7.48 -14.94 -36.13
N VAL C 248 -8.50 -15.47 -35.46
CA VAL C 248 -9.06 -14.85 -34.27
C VAL C 248 -8.78 -15.77 -33.08
N ILE C 249 -8.13 -15.22 -32.06
CA ILE C 249 -7.89 -15.94 -30.81
C ILE C 249 -8.77 -15.29 -29.75
N SER C 250 -9.75 -16.04 -29.26
CA SER C 250 -10.69 -15.54 -28.26
C SER C 250 -10.46 -16.25 -26.94
N GLY C 251 -10.23 -15.50 -25.87
CA GLY C 251 -9.98 -16.07 -24.57
C GLY C 251 -11.02 -15.70 -23.53
N HIS C 252 -10.67 -15.84 -22.26
CA HIS C 252 -11.58 -15.51 -21.18
C HIS C 252 -12.03 -14.07 -21.28
N GLY C 253 -13.33 -13.84 -21.11
CA GLY C 253 -13.84 -12.49 -21.14
C GLY C 253 -13.97 -11.88 -22.51
N ALA C 254 -13.97 -12.69 -23.56
CA ALA C 254 -14.09 -12.18 -24.91
C ALA C 254 -15.53 -11.74 -25.19
N GLY C 255 -15.67 -10.89 -26.21
CA GLY C 255 -16.99 -10.48 -26.66
C GLY C 255 -17.37 -11.14 -27.96
N VAL C 256 -18.65 -11.12 -28.31
CA VAL C 256 -19.11 -11.68 -29.57
C VAL C 256 -19.07 -10.60 -30.64
N HIS C 257 -18.60 -10.97 -31.82
CA HIS C 257 -18.46 -10.05 -32.95
C HIS C 257 -19.05 -10.72 -34.18
N PRO C 258 -20.29 -10.38 -34.55
CA PRO C 258 -20.91 -11.03 -35.72
C PRO C 258 -20.15 -10.77 -37.01
N ASN C 259 -19.58 -9.57 -37.17
CA ASN C 259 -18.80 -9.27 -38.37
C ASN C 259 -17.53 -10.09 -38.44
N LEU C 260 -17.10 -10.72 -37.35
CA LEU C 260 -15.94 -11.58 -37.33
C LEU C 260 -16.32 -13.06 -37.37
N ALA C 261 -17.60 -13.38 -37.56
CA ALA C 261 -18.05 -14.76 -37.50
C ALA C 261 -17.45 -15.62 -38.60
N ALA C 262 -17.13 -15.00 -39.75
CA ALA C 262 -16.65 -15.78 -40.89
C ALA C 262 -15.22 -16.27 -40.69
N LEU C 263 -14.40 -15.51 -39.97
CA LEU C 263 -12.99 -15.85 -39.82
C LEU C 263 -12.81 -17.13 -39.03
N PRO C 264 -11.72 -17.87 -39.26
CA PRO C 264 -11.43 -19.06 -38.44
C PRO C 264 -10.90 -18.64 -37.08
N THR C 265 -11.56 -19.09 -36.01
CA THR C 265 -11.29 -18.60 -34.67
C THR C 265 -10.87 -19.75 -33.76
N VAL C 266 -9.71 -19.62 -33.14
CA VAL C 266 -9.30 -20.52 -32.07
C VAL C 266 -9.88 -19.97 -30.77
N ALA C 267 -10.90 -20.65 -30.24
CA ALA C 267 -11.68 -20.16 -29.13
C ALA C 267 -11.44 -21.01 -27.89
N GLU C 268 -11.06 -20.36 -26.78
CA GLU C 268 -10.96 -21.04 -25.51
C GLU C 268 -12.33 -21.53 -25.06
N PRO C 269 -12.37 -22.50 -24.13
CA PRO C 269 -13.68 -22.97 -23.66
C PRO C 269 -14.55 -21.88 -23.07
N THR C 270 -14.02 -21.09 -22.14
CA THR C 270 -14.80 -20.02 -21.50
C THR C 270 -15.09 -18.85 -22.43
N ALA C 271 -14.68 -18.92 -23.70
CA ALA C 271 -14.91 -17.83 -24.64
C ALA C 271 -16.22 -18.03 -25.38
N PRO C 272 -17.07 -17.02 -25.45
CA PRO C 272 -18.31 -17.16 -26.24
C PRO C 272 -17.99 -17.22 -27.73
N ARG C 273 -18.57 -18.20 -28.41
CA ARG C 273 -18.34 -18.37 -29.84
C ARG C 273 -19.31 -17.48 -30.62
N SER C 274 -18.78 -16.79 -31.63
CA SER C 274 -19.57 -15.91 -32.47
C SER C 274 -19.73 -16.42 -33.89
N GLY C 275 -19.21 -17.60 -34.21
CA GLY C 275 -19.29 -18.12 -35.55
C GLY C 275 -19.27 -19.63 -35.60
N ASP C 276 -19.45 -20.16 -36.81
CA ASP C 276 -19.49 -21.60 -37.04
C ASP C 276 -18.26 -22.10 -37.79
N ASN C 277 -17.16 -21.34 -37.76
CA ASN C 277 -15.91 -21.69 -38.42
C ASN C 277 -14.83 -21.84 -37.35
N PRO C 278 -14.79 -22.97 -36.66
CA PRO C 278 -13.75 -23.17 -35.64
C PRO C 278 -12.42 -23.56 -36.24
N LEU C 279 -11.38 -23.42 -35.42
CA LEU C 279 -10.02 -23.80 -35.79
C LEU C 279 -9.35 -24.40 -34.57
N HIS C 280 -8.96 -25.66 -34.68
CA HIS C 280 -8.35 -26.35 -33.56
C HIS C 280 -7.05 -25.66 -33.16
N PRO C 281 -6.73 -25.64 -31.87
CA PRO C 281 -5.47 -25.00 -31.44
C PRO C 281 -4.22 -25.67 -32.01
N LEU C 282 -4.27 -26.97 -32.29
CA LEU C 282 -3.10 -27.69 -32.77
C LEU C 282 -2.85 -27.52 -34.26
N ALA C 283 -3.71 -26.81 -34.97
CA ALA C 283 -3.46 -26.49 -36.37
C ALA C 283 -2.69 -25.19 -36.53
N LEU C 284 -2.52 -24.42 -35.46
CA LEU C 284 -1.84 -23.13 -35.55
C LEU C 284 -0.40 -23.21 -36.05
N PRO C 285 0.43 -24.16 -35.62
CA PRO C 285 1.81 -24.21 -36.16
C PRO C 285 1.86 -24.47 -37.65
N LEU C 286 0.86 -25.13 -38.23
CA LEU C 286 0.85 -25.44 -39.65
C LEU C 286 0.33 -24.29 -40.51
N LEU C 287 0.08 -23.12 -39.91
CA LEU C 287 -0.52 -22.00 -40.62
C LEU C 287 0.35 -20.76 -40.46
N ARG C 288 0.25 -19.85 -41.44
CA ARG C 288 1.00 -18.60 -41.45
C ARG C 288 0.01 -17.45 -41.55
N PRO C 289 -0.62 -17.07 -40.43
CA PRO C 289 -1.54 -15.93 -40.48
C PRO C 289 -0.79 -14.62 -40.58
N GLN C 290 -1.30 -13.73 -41.42
CA GLN C 290 -0.73 -12.39 -41.57
C GLN C 290 -1.36 -11.38 -40.62
N GLN C 291 -2.43 -11.76 -39.92
CA GLN C 291 -3.11 -10.90 -38.97
C GLN C 291 -3.72 -11.76 -37.87
N VAL C 292 -3.78 -11.23 -36.66
CA VAL C 292 -4.37 -11.92 -35.52
C VAL C 292 -5.27 -10.97 -34.77
N ILE C 293 -6.52 -11.37 -34.56
CA ILE C 293 -7.48 -10.61 -33.78
C ILE C 293 -7.61 -11.28 -32.42
N MET C 294 -7.33 -10.54 -31.36
CA MET C 294 -7.29 -11.08 -30.00
C MET C 294 -8.54 -10.65 -29.26
N LEU C 295 -9.46 -11.59 -29.05
CA LEU C 295 -10.70 -11.31 -28.33
C LEU C 295 -10.52 -11.68 -26.86
N GLY C 296 -10.62 -10.70 -25.98
CA GLY C 296 -10.55 -10.95 -24.55
C GLY C 296 -9.15 -11.12 -24.03
N ARG C 297 -8.95 -12.12 -23.17
CA ARG C 297 -7.67 -12.35 -22.49
C ARG C 297 -7.30 -13.83 -22.61
N PRO C 298 -6.66 -14.22 -23.71
CA PRO C 298 -6.25 -15.62 -23.87
C PRO C 298 -5.11 -15.97 -22.93
N THR C 299 -5.15 -17.19 -22.42
CA THR C 299 -4.08 -17.72 -21.58
C THR C 299 -3.55 -19.05 -22.08
N LEU C 300 -4.43 -19.96 -22.50
CA LEU C 300 -4.07 -21.35 -22.73
C LEU C 300 -3.38 -21.52 -24.07
N HIS C 301 -2.81 -22.73 -24.25
CA HIS C 301 -2.22 -23.20 -25.49
C HIS C 301 -0.91 -22.48 -25.79
N ARG C 302 0.19 -23.23 -25.76
CA ARG C 302 1.49 -22.65 -26.10
C ARG C 302 1.52 -21.99 -27.48
N PRO C 303 1.00 -22.61 -28.56
CA PRO C 303 1.12 -21.97 -29.88
C PRO C 303 0.48 -20.59 -29.97
N VAL C 304 -0.59 -20.32 -29.21
CA VAL C 304 -1.18 -18.98 -29.28
C VAL C 304 -0.20 -17.95 -28.75
N SER C 305 0.49 -18.27 -27.64
CA SER C 305 1.45 -17.31 -27.09
C SER C 305 2.63 -17.10 -28.02
N VAL C 306 3.06 -18.16 -28.73
CA VAL C 306 4.11 -18.01 -29.72
C VAL C 306 3.65 -17.12 -30.86
N LEU C 307 2.43 -17.33 -31.34
CA LEU C 307 1.89 -16.48 -32.41
C LEU C 307 1.58 -15.08 -31.89
N LEU C 308 1.04 -14.97 -30.68
CA LEU C 308 0.71 -13.66 -30.14
C LEU C 308 1.96 -12.84 -29.84
N ALA C 309 3.07 -13.49 -29.52
CA ALA C 309 4.34 -12.82 -29.28
C ALA C 309 5.18 -12.66 -30.55
N ASP C 310 4.61 -12.98 -31.71
CA ASP C 310 5.34 -12.83 -32.97
C ASP C 310 5.50 -11.35 -33.31
N ALA C 311 6.75 -10.94 -33.56
CA ALA C 311 7.00 -9.54 -33.91
C ALA C 311 6.46 -9.20 -35.30
N GLU C 312 6.34 -10.18 -36.18
CA GLU C 312 6.00 -9.94 -37.58
C GLU C 312 4.50 -10.05 -37.87
N VAL C 313 3.68 -10.37 -36.89
CA VAL C 313 2.23 -10.48 -37.08
C VAL C 313 1.56 -9.36 -36.31
N PRO C 314 0.87 -8.44 -36.97
CA PRO C 314 0.10 -7.43 -36.23
C PRO C 314 -1.02 -8.07 -35.43
N VAL C 315 -1.09 -7.71 -34.15
CA VAL C 315 -2.10 -8.24 -33.24
C VAL C 315 -3.01 -7.09 -32.83
N PHE C 316 -4.31 -7.26 -33.06
CA PHE C 316 -5.32 -6.29 -32.68
C PHE C 316 -6.13 -6.88 -31.54
N ALA C 317 -6.06 -6.25 -30.37
CA ALA C 317 -6.74 -6.73 -29.18
C ALA C 317 -8.11 -6.07 -29.07
N LEU C 318 -9.16 -6.88 -29.12
CA LEU C 318 -10.54 -6.41 -28.96
C LEU C 318 -11.06 -6.92 -27.62
N THR C 319 -11.31 -6.01 -26.69
CA THR C 319 -11.78 -6.37 -25.36
C THR C 319 -13.12 -5.70 -25.09
N THR C 320 -13.81 -6.22 -24.08
CA THR C 320 -15.06 -5.64 -23.60
C THR C 320 -14.84 -4.74 -22.39
N GLY C 321 -13.61 -4.62 -21.92
CA GLY C 321 -13.29 -3.77 -20.79
C GLY C 321 -12.14 -2.83 -21.10
N PRO C 322 -11.80 -1.97 -20.14
CA PRO C 322 -10.69 -1.02 -20.37
C PRO C 322 -9.34 -1.70 -20.48
N ARG C 323 -9.11 -2.78 -19.73
CA ARG C 323 -7.81 -3.45 -19.80
C ARG C 323 -7.65 -4.19 -21.12
N TRP C 324 -6.39 -4.32 -21.56
CA TRP C 324 -6.05 -5.13 -22.71
C TRP C 324 -4.76 -5.87 -22.42
N PRO C 325 -4.62 -7.10 -22.88
CA PRO C 325 -3.38 -7.86 -22.67
C PRO C 325 -2.43 -7.72 -23.84
N ASP C 326 -1.15 -8.00 -23.55
CA ASP C 326 -0.12 -8.09 -24.58
C ASP C 326 0.80 -9.24 -24.23
N VAL C 327 1.43 -9.78 -25.26
CA VAL C 327 2.48 -10.78 -25.11
C VAL C 327 3.72 -10.22 -25.79
N SER C 328 4.76 -9.92 -25.01
CA SER C 328 5.97 -9.27 -25.52
C SER C 328 5.63 -7.95 -26.22
N GLY C 329 4.60 -7.27 -25.74
CA GLY C 329 4.21 -5.98 -26.27
C GLY C 329 3.97 -5.93 -27.77
N ASN C 330 3.30 -6.94 -28.32
CA ASN C 330 3.06 -7.01 -29.76
C ASN C 330 1.67 -6.53 -30.16
N SER C 331 0.87 -6.03 -29.23
CA SER C 331 -0.45 -5.52 -29.56
C SER C 331 -0.32 -4.17 -30.24
N GLN C 332 -0.51 -4.14 -31.56
CA GLN C 332 -0.37 -2.89 -32.30
C GLN C 332 -1.48 -1.90 -31.99
N ALA C 333 -2.67 -2.40 -31.62
CA ALA C 333 -3.81 -1.53 -31.38
C ALA C 333 -4.81 -2.25 -30.51
N THR C 334 -5.74 -1.48 -29.94
CA THR C 334 -6.77 -1.99 -29.06
C THR C 334 -8.11 -1.37 -29.42
N GLY C 335 -9.18 -2.10 -29.12
CA GLY C 335 -10.52 -1.60 -29.38
C GLY C 335 -11.55 -2.50 -28.71
N THR C 336 -12.81 -2.16 -28.93
CA THR C 336 -13.91 -2.96 -28.44
C THR C 336 -14.66 -3.69 -29.55
N ARG C 337 -14.72 -3.11 -30.74
CA ARG C 337 -15.34 -3.74 -31.90
C ARG C 337 -14.50 -3.44 -33.13
N ALA C 338 -14.78 -4.17 -34.20
CA ALA C 338 -14.04 -4.02 -35.45
C ALA C 338 -14.98 -3.55 -36.54
N VAL C 339 -14.56 -2.52 -37.28
CA VAL C 339 -15.18 -2.13 -38.54
C VAL C 339 -14.38 -2.78 -39.65
N THR C 340 -15.05 -3.62 -40.45
CA THR C 340 -14.35 -4.57 -41.32
C THR C 340 -14.33 -4.11 -42.76
N THR C 341 -13.22 -4.37 -43.43
CA THR C 341 -13.03 -4.08 -44.84
C THR C 341 -12.66 -5.36 -45.57
N GLY C 342 -13.39 -5.67 -46.64
CA GLY C 342 -13.10 -6.86 -47.41
C GLY C 342 -13.60 -8.12 -46.73
N ALA C 343 -13.06 -9.24 -47.17
CA ALA C 343 -13.44 -10.56 -46.67
C ALA C 343 -12.21 -11.46 -46.73
N PRO C 344 -12.17 -12.53 -45.94
CA PRO C 344 -11.00 -13.41 -45.97
C PRO C 344 -10.87 -14.11 -47.31
N ARG C 345 -9.62 -14.26 -47.75
CA ARG C 345 -9.34 -15.00 -48.98
C ARG C 345 -9.88 -16.41 -48.87
N PRO C 346 -10.62 -16.91 -49.86
CA PRO C 346 -11.15 -18.28 -49.76
C PRO C 346 -10.07 -19.34 -49.67
N ALA C 347 -8.92 -19.13 -50.32
CA ALA C 347 -7.81 -20.06 -50.17
C ALA C 347 -7.36 -20.12 -48.72
N TRP C 348 -7.23 -18.95 -48.07
CA TRP C 348 -6.90 -18.92 -46.65
C TRP C 348 -7.96 -19.63 -45.83
N LEU C 349 -9.24 -19.36 -46.10
CA LEU C 349 -10.31 -20.09 -45.42
C LEU C 349 -10.22 -21.58 -45.69
N ASP C 350 -9.99 -21.96 -46.94
CA ASP C 350 -9.85 -23.37 -47.31
C ASP C 350 -8.77 -24.04 -46.47
N ARG C 351 -7.56 -23.48 -46.50
CA ARG C 351 -6.43 -24.09 -45.80
C ARG C 351 -6.70 -24.21 -44.31
N CYS C 352 -7.20 -23.14 -43.70
CA CYS C 352 -7.50 -23.15 -42.26
C CYS C 352 -8.47 -24.28 -41.92
N ALA C 353 -9.58 -24.38 -42.66
CA ALA C 353 -10.53 -25.45 -42.41
C ALA C 353 -9.90 -26.82 -42.66
N ALA C 354 -9.02 -26.91 -43.67
CA ALA C 354 -8.35 -28.18 -43.96
C ALA C 354 -7.45 -28.60 -42.81
N MET C 355 -6.63 -27.67 -42.31
CA MET C 355 -5.77 -27.98 -41.18
C MET C 355 -6.57 -28.24 -39.91
N ASN C 356 -7.71 -27.57 -39.76
CA ASN C 356 -8.58 -27.83 -38.61
C ASN C 356 -9.07 -29.27 -38.63
N ARG C 357 -9.51 -29.75 -39.81
CA ARG C 357 -9.97 -31.13 -39.92
C ARG C 357 -8.84 -32.12 -39.65
N HIS C 358 -7.67 -31.85 -40.20
CA HIS C 358 -6.52 -32.75 -40.00
C HIS C 358 -6.16 -32.84 -38.52
N ALA C 359 -6.20 -31.71 -37.80
CA ALA C 359 -5.90 -31.72 -36.38
C ALA C 359 -7.00 -32.42 -35.59
N ILE C 360 -8.25 -32.22 -36.00
CA ILE C 360 -9.37 -32.90 -35.34
C ILE C 360 -9.20 -34.42 -35.45
N ALA C 361 -8.79 -34.89 -36.63
CA ALA C 361 -8.64 -36.33 -36.83
C ALA C 361 -7.48 -36.89 -36.02
N ALA C 362 -6.35 -36.17 -36.00
CA ALA C 362 -5.15 -36.68 -35.35
C ALA C 362 -5.40 -37.00 -33.87
N VAL C 363 -6.09 -36.09 -33.18
CA VAL C 363 -6.34 -36.31 -31.75
C VAL C 363 -7.36 -37.43 -31.57
N ARG C 364 -8.40 -37.47 -32.41
CA ARG C 364 -9.41 -38.51 -32.26
C ARG C 364 -8.83 -39.90 -32.53
N GLU C 365 -7.91 -40.01 -33.49
CA GLU C 365 -7.35 -41.30 -33.84
C GLU C 365 -6.34 -41.76 -32.80
N GLN C 366 -5.45 -40.86 -32.37
CA GLN C 366 -4.48 -41.22 -31.35
C GLN C 366 -5.14 -41.47 -30.00
N LEU C 367 -6.26 -40.79 -29.73
CA LEU C 367 -7.04 -41.11 -28.54
C LEU C 367 -7.55 -42.55 -28.59
N ALA C 368 -8.04 -42.97 -29.76
CA ALA C 368 -8.57 -44.31 -29.90
C ALA C 368 -7.45 -45.36 -29.90
N ALA C 369 -6.38 -45.10 -30.65
CA ALA C 369 -5.28 -46.05 -30.73
C ALA C 369 -4.60 -46.23 -29.38
N HIS C 370 -4.55 -45.19 -28.57
CA HIS C 370 -3.88 -45.27 -27.28
C HIS C 370 -4.62 -46.24 -26.37
N PRO C 371 -3.94 -47.18 -25.72
CA PRO C 371 -4.64 -48.18 -24.92
C PRO C 371 -5.21 -47.63 -23.62
N LEU C 372 -4.35 -46.99 -22.82
CA LEU C 372 -4.70 -46.60 -21.46
C LEU C 372 -5.65 -45.40 -21.49
N THR C 373 -6.25 -45.13 -20.34
CA THR C 373 -7.18 -44.03 -20.17
C THR C 373 -6.45 -42.85 -19.55
N THR C 374 -6.27 -41.79 -20.33
CA THR C 374 -5.59 -40.58 -19.89
C THR C 374 -6.62 -39.54 -19.48
N GLY C 375 -6.11 -38.40 -18.99
CA GLY C 375 -6.99 -37.29 -18.68
C GLY C 375 -7.62 -36.69 -19.93
N LEU C 376 -6.98 -36.87 -21.08
CA LEU C 376 -7.58 -36.43 -22.32
C LEU C 376 -8.80 -37.29 -22.69
N HIS C 377 -8.77 -38.57 -22.32
CA HIS C 377 -9.91 -39.44 -22.60
C HIS C 377 -11.13 -39.03 -21.78
N VAL C 378 -10.96 -38.85 -20.47
CA VAL C 378 -12.10 -38.43 -19.64
C VAL C 378 -12.58 -37.06 -20.09
N ALA C 379 -11.67 -36.18 -20.48
CA ALA C 379 -12.07 -34.88 -21.00
C ALA C 379 -12.83 -35.04 -22.32
N ALA C 380 -12.35 -35.93 -23.19
CA ALA C 380 -13.06 -36.17 -24.44
C ALA C 380 -14.42 -36.81 -24.19
N ALA C 381 -14.50 -37.68 -23.18
CA ALA C 381 -15.76 -38.34 -22.88
C ALA C 381 -16.80 -37.34 -22.36
N VAL C 382 -16.38 -36.48 -21.43
CA VAL C 382 -17.30 -35.47 -20.90
C VAL C 382 -17.80 -34.58 -22.02
N SER C 383 -16.90 -34.16 -22.91
CA SER C 383 -17.28 -33.25 -24.00
C SER C 383 -18.37 -33.85 -24.87
N HIS C 384 -18.23 -35.13 -25.22
CA HIS C 384 -19.22 -35.78 -26.08
C HIS C 384 -20.56 -35.92 -25.38
N ALA C 385 -20.56 -36.03 -24.05
CA ALA C 385 -21.79 -36.23 -23.30
C ALA C 385 -22.59 -34.95 -23.08
N LEU C 386 -22.02 -33.79 -23.39
CA LEU C 386 -22.71 -32.53 -23.12
C LEU C 386 -23.86 -32.32 -24.08
N ARG C 387 -24.91 -31.66 -23.58
CA ARG C 387 -26.09 -31.29 -24.35
C ARG C 387 -26.29 -29.78 -24.28
N PRO C 388 -26.84 -29.17 -25.33
CA PRO C 388 -27.13 -27.73 -25.27
C PRO C 388 -27.96 -27.37 -24.06
N GLY C 389 -27.70 -26.19 -23.51
CA GLY C 389 -28.31 -25.75 -22.28
C GLY C 389 -27.58 -26.18 -21.02
N ASP C 390 -26.64 -27.12 -21.13
CA ASP C 390 -25.89 -27.56 -19.98
C ASP C 390 -24.93 -26.46 -19.53
N GLN C 391 -24.53 -26.52 -18.26
CA GLN C 391 -23.47 -25.67 -17.73
C GLN C 391 -22.25 -26.53 -17.41
N LEU C 392 -21.08 -26.03 -17.80
CA LEU C 392 -19.83 -26.74 -17.63
C LEU C 392 -18.85 -25.88 -16.86
N VAL C 393 -18.25 -26.45 -15.81
CA VAL C 393 -17.23 -25.78 -15.01
C VAL C 393 -15.95 -26.61 -15.11
N LEU C 394 -14.84 -25.94 -15.38
CA LEU C 394 -13.59 -26.61 -15.73
C LEU C 394 -12.48 -26.26 -14.75
N GLY C 395 -11.76 -27.28 -14.28
CA GLY C 395 -10.59 -27.04 -13.46
C GLY C 395 -9.51 -26.31 -14.22
N ALA C 396 -8.71 -25.52 -13.48
CA ALA C 396 -7.81 -24.55 -14.08
C ALA C 396 -6.52 -25.16 -14.63
N SER C 397 -6.29 -26.46 -14.45
CA SER C 397 -5.05 -27.06 -14.94
C SER C 397 -5.25 -27.72 -16.30
N ASN C 398 -5.05 -29.04 -16.33
CA ASN C 398 -5.25 -29.78 -17.58
C ASN C 398 -6.69 -29.79 -18.07
N PRO C 399 -7.72 -29.92 -17.22
CA PRO C 399 -9.09 -30.03 -17.74
C PRO C 399 -9.51 -28.95 -18.73
N VAL C 400 -9.16 -27.68 -18.46
CA VAL C 400 -9.59 -26.62 -19.36
C VAL C 400 -8.81 -26.68 -20.68
N ARG C 401 -7.58 -27.21 -20.64
CA ARG C 401 -6.83 -27.46 -21.87
C ARG C 401 -7.31 -28.71 -22.58
N ASP C 402 -7.58 -29.78 -21.82
CA ASP C 402 -7.87 -31.08 -22.41
C ASP C 402 -9.19 -31.06 -23.17
N VAL C 403 -10.22 -30.42 -22.60
CA VAL C 403 -11.49 -30.33 -23.31
C VAL C 403 -11.38 -29.45 -24.54
N ALA C 404 -10.42 -28.53 -24.57
CA ALA C 404 -10.17 -27.75 -25.79
C ALA C 404 -9.53 -28.62 -26.87
N LEU C 405 -8.64 -29.52 -26.46
CA LEU C 405 -8.01 -30.44 -27.41
C LEU C 405 -9.01 -31.43 -28.00
N ALA C 406 -10.02 -31.83 -27.21
CA ALA C 406 -11.02 -32.78 -27.67
C ALA C 406 -12.02 -32.17 -28.66
N GLY C 407 -11.85 -30.90 -29.03
CA GLY C 407 -12.71 -30.28 -30.02
C GLY C 407 -14.12 -30.02 -29.55
N LEU C 408 -14.32 -29.72 -28.26
CA LEU C 408 -15.66 -29.52 -27.74
C LEU C 408 -16.31 -28.31 -28.40
N ASP C 409 -17.61 -28.45 -28.70
CA ASP C 409 -18.41 -27.39 -29.29
C ASP C 409 -19.17 -26.71 -28.14
N THR C 410 -18.76 -25.47 -27.82
CA THR C 410 -19.40 -24.74 -26.73
C THR C 410 -20.70 -24.05 -27.14
N ARG C 411 -21.12 -24.16 -28.40
CA ARG C 411 -22.36 -23.52 -28.81
C ARG C 411 -23.54 -24.16 -28.07
N GLY C 412 -24.31 -23.34 -27.36
CA GLY C 412 -25.45 -23.82 -26.63
C GLY C 412 -25.20 -24.15 -25.17
N ILE C 413 -23.93 -24.23 -24.74
CA ILE C 413 -23.60 -24.57 -23.37
C ILE C 413 -22.83 -23.41 -22.75
N ARG C 414 -22.96 -23.28 -21.43
CA ARG C 414 -22.31 -22.21 -20.67
C ARG C 414 -21.05 -22.77 -20.00
N VAL C 415 -19.91 -22.16 -20.28
CA VAL C 415 -18.61 -22.65 -19.83
C VAL C 415 -18.07 -21.71 -18.76
N ARG C 416 -17.57 -22.29 -17.67
CA ARG C 416 -17.05 -21.53 -16.53
C ARG C 416 -15.70 -22.07 -16.12
N SER C 417 -14.78 -21.16 -15.79
CA SER C 417 -13.50 -21.53 -15.22
C SER C 417 -12.90 -20.31 -14.55
N ASN C 418 -12.21 -20.54 -13.44
CA ASN C 418 -11.54 -19.47 -12.71
C ASN C 418 -10.21 -19.17 -13.39
N ARG C 419 -10.29 -18.45 -14.51
CA ARG C 419 -9.15 -18.17 -15.36
C ARG C 419 -8.41 -16.90 -14.98
N GLY C 420 -8.99 -16.05 -14.13
CA GLY C 420 -8.34 -14.79 -13.81
C GLY C 420 -6.94 -14.99 -13.25
N VAL C 421 -6.81 -15.88 -12.28
CA VAL C 421 -5.51 -16.26 -11.74
C VAL C 421 -5.17 -17.72 -12.07
N ALA C 422 -6.11 -18.47 -12.64
CA ALA C 422 -5.90 -19.87 -13.01
C ALA C 422 -5.51 -20.69 -11.78
N GLY C 423 -6.24 -20.48 -10.70
CA GLY C 423 -5.93 -21.15 -9.45
C GLY C 423 -6.57 -22.52 -9.34
N ILE C 424 -5.87 -23.42 -8.64
CA ILE C 424 -6.36 -24.78 -8.44
C ILE C 424 -7.33 -24.89 -7.28
N ASP C 425 -7.65 -23.78 -6.62
CA ASP C 425 -8.49 -23.81 -5.43
C ASP C 425 -9.92 -23.39 -5.75
N GLY C 426 -10.83 -23.78 -4.86
CA GLY C 426 -12.21 -23.33 -4.93
C GLY C 426 -13.00 -23.80 -6.11
N THR C 427 -12.57 -24.89 -6.78
CA THR C 427 -13.24 -25.29 -8.00
C THR C 427 -14.57 -25.98 -7.72
N VAL C 428 -14.63 -26.85 -6.71
CA VAL C 428 -15.88 -27.56 -6.46
C VAL C 428 -16.94 -26.59 -5.96
N SER C 429 -16.54 -25.61 -5.14
CA SER C 429 -17.50 -24.64 -4.62
C SER C 429 -17.85 -23.60 -5.65
N THR C 430 -16.94 -23.29 -6.58
CA THR C 430 -17.32 -22.46 -7.72
C THR C 430 -18.36 -23.17 -8.57
N ALA C 431 -18.21 -24.49 -8.76
CA ALA C 431 -19.22 -25.27 -9.47
C ALA C 431 -20.53 -25.30 -8.69
N ILE C 432 -20.45 -25.56 -7.38
CA ILE C 432 -21.65 -25.52 -6.52
C ILE C 432 -22.37 -24.19 -6.67
N GLY C 433 -21.63 -23.09 -6.47
CA GLY C 433 -22.24 -21.77 -6.60
C GLY C 433 -22.79 -21.52 -7.99
N ALA C 434 -22.07 -21.98 -9.02
CA ALA C 434 -22.56 -21.81 -10.39
C ALA C 434 -23.83 -22.61 -10.62
N ALA C 435 -23.86 -23.86 -10.15
CA ALA C 435 -25.05 -24.68 -10.30
C ALA C 435 -26.24 -24.07 -9.56
N LEU C 436 -26.01 -23.54 -8.36
CA LEU C 436 -27.09 -22.96 -7.58
C LEU C 436 -27.67 -21.74 -8.28
N ALA C 437 -26.80 -20.82 -8.71
CA ALA C 437 -27.28 -19.61 -9.39
C ALA C 437 -27.90 -19.94 -10.74
N TYR C 438 -27.39 -20.96 -11.43
CA TYR C 438 -27.94 -21.35 -12.71
C TYR C 438 -29.34 -21.94 -12.56
N GLU C 439 -29.51 -22.87 -11.62
CA GLU C 439 -30.81 -23.47 -11.39
C GLU C 439 -31.80 -22.44 -10.85
N GLY C 440 -31.35 -21.52 -10.01
CA GLY C 440 -32.23 -20.49 -9.50
C GLY C 440 -32.78 -19.61 -10.60
N ALA C 441 -31.94 -19.22 -11.56
CA ALA C 441 -32.43 -18.44 -12.68
C ALA C 441 -33.39 -19.26 -13.54
N HIS C 442 -33.08 -20.54 -13.76
CA HIS C 442 -34.00 -21.41 -14.48
C HIS C 442 -35.30 -21.61 -13.70
N GLU C 443 -35.21 -21.65 -12.37
CA GLU C 443 -36.40 -21.72 -11.54
C GLU C 443 -37.22 -20.44 -11.64
N ARG C 444 -36.56 -19.30 -11.86
CA ARG C 444 -37.28 -18.04 -12.06
C ARG C 444 -37.92 -17.97 -13.44
N THR C 445 -37.49 -18.80 -14.39
CA THR C 445 -38.20 -18.91 -15.64
C THR C 445 -39.59 -19.50 -15.43
N GLY C 446 -39.75 -20.34 -14.41
CA GLY C 446 -41.00 -21.02 -14.16
C GLY C 446 -41.26 -22.22 -15.05
N SER C 447 -40.33 -22.55 -15.93
CA SER C 447 -40.53 -23.65 -16.87
C SER C 447 -40.67 -24.97 -16.12
N PRO C 448 -41.41 -25.93 -16.68
CA PRO C 448 -41.68 -27.19 -15.96
C PRO C 448 -40.62 -28.24 -16.18
N ASP C 449 -39.80 -28.08 -17.23
CA ASP C 449 -38.76 -29.06 -17.53
C ASP C 449 -37.73 -29.10 -16.41
N SER C 450 -37.10 -30.26 -16.25
CA SER C 450 -36.18 -30.48 -15.15
C SER C 450 -35.03 -29.48 -15.20
N PRO C 451 -34.49 -29.08 -14.05
CA PRO C 451 -33.39 -28.09 -14.03
C PRO C 451 -32.22 -28.56 -14.85
N PRO C 452 -31.58 -27.65 -15.60
CA PRO C 452 -30.44 -28.06 -16.43
C PRO C 452 -29.27 -28.51 -15.58
N ARG C 453 -28.62 -29.59 -16.01
CA ARG C 453 -27.55 -30.18 -15.23
C ARG C 453 -26.26 -29.39 -15.40
N THR C 454 -25.58 -29.17 -14.27
CA THR C 454 -24.26 -28.56 -14.26
C THR C 454 -23.22 -29.65 -14.06
N ILE C 455 -22.30 -29.79 -15.01
CA ILE C 455 -21.25 -30.80 -14.96
C ILE C 455 -19.92 -30.10 -14.78
N ALA C 456 -19.07 -30.67 -13.93
CA ALA C 456 -17.75 -30.11 -13.65
C ALA C 456 -16.70 -31.19 -13.84
N LEU C 457 -15.67 -30.88 -14.62
CA LEU C 457 -14.52 -31.75 -14.82
C LEU C 457 -13.30 -31.10 -14.18
N ILE C 458 -12.75 -31.76 -13.16
CA ILE C 458 -11.61 -31.25 -12.41
C ILE C 458 -10.62 -32.37 -12.18
N GLY C 459 -9.35 -32.00 -12.00
CA GLY C 459 -8.32 -32.95 -11.66
C GLY C 459 -8.41 -33.38 -10.21
N ASP C 460 -7.54 -34.34 -9.86
CA ASP C 460 -7.49 -34.82 -8.48
C ASP C 460 -6.91 -33.77 -7.54
N LEU C 461 -5.82 -33.13 -7.94
CA LEU C 461 -5.19 -32.13 -7.08
C LEU C 461 -6.14 -30.99 -6.77
N THR C 462 -6.88 -30.52 -7.79
CA THR C 462 -7.89 -29.50 -7.55
C THR C 462 -9.03 -30.01 -6.68
N PHE C 463 -9.27 -31.33 -6.65
CA PHE C 463 -10.35 -31.86 -5.82
C PHE C 463 -9.96 -31.84 -4.35
N VAL C 464 -8.80 -32.43 -4.01
CA VAL C 464 -8.36 -32.45 -2.62
C VAL C 464 -8.08 -31.05 -2.11
N HIS C 465 -7.80 -30.10 -3.01
CA HIS C 465 -7.59 -28.73 -2.59
C HIS C 465 -8.86 -28.13 -2.01
N ASP C 466 -9.99 -28.35 -2.69
CA ASP C 466 -11.28 -27.78 -2.29
C ASP C 466 -12.24 -28.82 -1.76
N SER C 467 -11.72 -29.93 -1.22
CA SER C 467 -12.59 -31.00 -0.73
C SER C 467 -13.55 -30.49 0.33
N SER C 468 -13.08 -29.56 1.18
CA SER C 468 -13.92 -29.07 2.28
C SER C 468 -15.19 -28.39 1.80
N GLY C 469 -15.22 -27.87 0.58
CA GLY C 469 -16.41 -27.23 0.05
C GLY C 469 -17.59 -28.16 -0.13
N LEU C 470 -17.38 -29.47 -0.05
CA LEU C 470 -18.48 -30.41 -0.20
C LEU C 470 -19.41 -30.39 1.00
N LEU C 471 -18.88 -30.16 2.20
CA LEU C 471 -19.71 -30.18 3.40
C LEU C 471 -20.66 -29.00 3.37
N ILE C 472 -21.92 -29.27 3.04
CA ILE C 472 -22.98 -28.27 3.05
C ILE C 472 -24.05 -28.77 4.01
N GLY C 473 -24.35 -27.96 5.02
CA GLY C 473 -25.33 -28.33 6.02
C GLY C 473 -26.71 -28.52 5.41
N PRO C 474 -27.54 -29.31 6.08
CA PRO C 474 -28.93 -29.45 5.61
C PRO C 474 -29.69 -28.14 5.65
N THR C 475 -29.29 -27.23 6.56
CA THR C 475 -29.86 -25.89 6.60
C THR C 475 -29.61 -25.10 5.33
N GLU C 476 -28.58 -25.45 4.57
CA GLU C 476 -28.11 -24.64 3.46
C GLU C 476 -28.62 -25.15 2.13
N PRO C 477 -28.62 -24.31 1.10
CA PRO C 477 -29.03 -24.77 -0.24
C PRO C 477 -28.03 -25.75 -0.82
N ILE C 478 -28.55 -26.75 -1.52
CA ILE C 478 -27.74 -27.76 -2.20
C ILE C 478 -28.20 -27.84 -3.65
N PRO C 479 -27.28 -27.89 -4.61
CA PRO C 479 -27.69 -27.99 -6.02
C PRO C 479 -28.55 -29.22 -6.27
N ARG C 480 -29.30 -29.17 -7.37
CA ARG C 480 -30.20 -30.25 -7.73
C ARG C 480 -29.71 -31.07 -8.93
N SER C 481 -28.76 -30.55 -9.71
CA SER C 481 -28.31 -31.25 -10.90
C SER C 481 -26.81 -31.07 -11.12
N LEU C 482 -26.03 -30.95 -10.04
CA LEU C 482 -24.59 -30.81 -10.15
C LEU C 482 -23.94 -32.18 -10.21
N THR C 483 -23.07 -32.38 -11.19
CA THR C 483 -22.30 -33.61 -11.34
C THR C 483 -20.84 -33.25 -11.52
N ILE C 484 -19.98 -33.83 -10.68
CA ILE C 484 -18.56 -33.49 -10.65
C ILE C 484 -17.76 -34.70 -11.12
N VAL C 485 -17.01 -34.53 -12.21
CA VAL C 485 -16.20 -35.59 -12.78
C VAL C 485 -14.75 -35.35 -12.36
N VAL C 486 -14.19 -36.28 -11.60
CA VAL C 486 -12.84 -36.14 -11.08
C VAL C 486 -11.90 -36.98 -11.95
N SER C 487 -10.94 -36.33 -12.59
CA SER C 487 -9.91 -37.00 -13.37
C SER C 487 -8.73 -37.25 -12.45
N ASN C 488 -8.64 -38.46 -11.91
CA ASN C 488 -7.67 -38.80 -10.88
C ASN C 488 -6.43 -39.40 -11.53
N ASP C 489 -5.26 -38.78 -11.27
CA ASP C 489 -4.01 -39.33 -11.78
C ASP C 489 -2.81 -39.00 -10.90
N ASN C 490 -3.00 -38.53 -9.66
CA ASN C 490 -1.93 -38.16 -8.74
C ASN C 490 -0.98 -37.13 -9.37
N GLY C 491 -1.58 -36.00 -9.77
CA GLY C 491 -0.85 -34.91 -10.37
C GLY C 491 -1.00 -34.87 -11.88
N GLY C 492 -0.81 -33.68 -12.44
CA GLY C 492 -0.93 -33.49 -13.87
C GLY C 492 0.06 -32.46 -14.38
N GLY C 493 0.44 -32.60 -15.65
CA GLY C 493 1.37 -31.67 -16.27
C GLY C 493 0.78 -30.28 -16.45
N SER C 510 10.98 -36.05 -9.95
CA SER C 510 9.53 -36.04 -10.11
C SER C 510 8.84 -36.14 -8.76
N ARG C 511 9.63 -36.09 -7.68
CA ARG C 511 9.05 -35.97 -6.34
C ARG C 511 8.42 -34.61 -6.14
N ILE C 512 8.95 -33.58 -6.80
CA ILE C 512 8.43 -32.23 -6.69
C ILE C 512 7.46 -31.90 -7.83
N PHE C 513 7.80 -32.28 -9.06
CA PHE C 513 6.96 -31.91 -10.20
C PHE C 513 5.61 -32.59 -10.12
N GLY C 514 5.58 -33.87 -9.74
CA GLY C 514 4.33 -34.56 -9.48
C GLY C 514 4.25 -34.97 -8.03
N THR C 515 3.11 -34.71 -7.38
CA THR C 515 2.91 -35.03 -5.98
C THR C 515 1.97 -36.23 -5.86
N PRO C 516 2.50 -37.45 -5.78
CA PRO C 516 1.63 -38.61 -5.55
C PRO C 516 1.04 -38.54 -4.14
N HIS C 517 -0.28 -38.66 -4.05
CA HIS C 517 -0.97 -38.55 -2.77
C HIS C 517 -1.74 -39.79 -2.37
N ASP C 518 -2.23 -40.58 -3.35
CA ASP C 518 -2.88 -41.86 -3.09
C ASP C 518 -4.07 -41.71 -2.15
N VAL C 519 -5.04 -40.91 -2.58
CA VAL C 519 -6.21 -40.58 -1.78
C VAL C 519 -7.37 -41.45 -2.23
N ASP C 520 -8.19 -41.88 -1.27
CA ASP C 520 -9.46 -42.54 -1.56
C ASP C 520 -10.50 -41.45 -1.76
N VAL C 521 -10.81 -41.15 -3.02
CA VAL C 521 -11.83 -40.15 -3.31
C VAL C 521 -13.20 -40.63 -2.87
N GLY C 522 -13.45 -41.95 -2.96
CA GLY C 522 -14.73 -42.48 -2.51
C GLY C 522 -14.92 -42.31 -1.01
N ALA C 523 -13.89 -42.65 -0.23
CA ALA C 523 -13.99 -42.49 1.22
C ALA C 523 -14.12 -41.02 1.60
N LEU C 524 -13.51 -40.11 0.83
CA LEU C 524 -13.61 -38.69 1.13
C LEU C 524 -15.05 -38.19 0.93
N CYS C 525 -15.70 -38.61 -0.16
CA CYS C 525 -17.09 -38.23 -0.37
C CYS C 525 -18.01 -38.95 0.62
N ARG C 526 -17.73 -40.22 0.92
CA ARG C 526 -18.42 -40.91 2.00
C ARG C 526 -18.38 -40.07 3.27
N ALA C 527 -17.21 -39.49 3.57
CA ALA C 527 -17.05 -38.69 4.76
C ALA C 527 -17.98 -37.48 4.75
N TYR C 528 -18.12 -36.82 3.61
CA TYR C 528 -18.95 -35.62 3.49
C TYR C 528 -20.38 -35.93 3.08
N HIS C 529 -20.78 -37.21 3.09
CA HIS C 529 -22.14 -37.62 2.76
C HIS C 529 -22.55 -37.15 1.37
N VAL C 530 -21.67 -37.40 0.40
CA VAL C 530 -21.92 -37.09 -1.00
C VAL C 530 -21.96 -38.39 -1.80
N GLU C 531 -22.89 -38.49 -2.73
CA GLU C 531 -22.99 -39.67 -3.58
C GLU C 531 -21.78 -39.73 -4.51
N SER C 532 -21.12 -40.88 -4.55
CA SER C 532 -19.89 -41.05 -5.31
C SER C 532 -19.87 -42.40 -6.00
N ARG C 533 -19.29 -42.43 -7.19
CA ARG C 533 -19.18 -43.65 -7.98
C ARG C 533 -17.85 -43.65 -8.73
N GLN C 534 -17.17 -44.78 -8.72
CA GLN C 534 -15.89 -44.94 -9.42
C GLN C 534 -16.19 -45.72 -10.70
N ILE C 535 -16.58 -44.99 -11.75
CA ILE C 535 -16.95 -45.59 -13.02
C ILE C 535 -15.76 -45.59 -13.97
N GLU C 536 -16.00 -46.00 -15.22
CA GLU C 536 -14.99 -46.01 -16.27
C GLU C 536 -15.38 -45.02 -17.36
N VAL C 537 -14.46 -44.84 -18.31
CA VAL C 537 -14.67 -43.84 -19.36
C VAL C 537 -15.77 -44.27 -20.32
N ASP C 538 -15.81 -45.56 -20.67
CA ASP C 538 -16.84 -46.05 -21.57
C ASP C 538 -18.23 -45.80 -21.01
N GLU C 539 -18.38 -45.88 -19.68
CA GLU C 539 -19.67 -45.74 -19.03
C GLU C 539 -19.92 -44.34 -18.49
N LEU C 540 -19.05 -43.37 -18.79
CA LEU C 540 -19.25 -42.02 -18.30
C LEU C 540 -20.48 -41.38 -18.95
N GLY C 541 -20.60 -41.50 -20.27
CA GLY C 541 -21.73 -40.99 -21.00
C GLY C 541 -23.08 -41.46 -20.50
N PRO C 542 -23.26 -42.77 -20.35
CA PRO C 542 -24.56 -43.27 -19.84
C PRO C 542 -24.87 -42.81 -18.42
N THR C 543 -23.92 -42.96 -17.49
CA THR C 543 -24.15 -42.52 -16.12
C THR C 543 -24.45 -41.02 -16.05
N LEU C 544 -23.77 -40.24 -16.90
CA LEU C 544 -23.98 -38.78 -16.88
C LEU C 544 -25.40 -38.41 -17.30
N ASP C 545 -26.00 -39.19 -18.21
CA ASP C 545 -27.34 -38.87 -18.66
C ASP C 545 -28.38 -39.22 -17.59
N GLN C 546 -28.23 -40.37 -16.95
CA GLN C 546 -29.16 -40.80 -15.92
C GLN C 546 -29.02 -39.93 -14.68
N PRO C 547 -30.02 -39.12 -14.33
CA PRO C 547 -29.87 -38.22 -13.19
C PRO C 547 -29.78 -38.98 -11.88
N GLY C 548 -29.10 -38.37 -10.91
CA GLY C 548 -28.95 -38.96 -9.60
C GLY C 548 -29.20 -37.96 -8.49
N ALA C 549 -28.32 -37.93 -7.49
CA ALA C 549 -28.46 -36.97 -6.41
C ALA C 549 -28.22 -35.55 -6.92
N GLY C 550 -28.65 -34.57 -6.13
CA GLY C 550 -28.41 -33.19 -6.50
C GLY C 550 -26.94 -32.86 -6.57
N MET C 551 -26.15 -33.41 -5.66
CA MET C 551 -24.69 -33.27 -5.67
C MET C 551 -24.09 -34.67 -5.66
N ARG C 552 -23.54 -35.08 -6.80
CA ARG C 552 -22.91 -36.38 -6.94
C ARG C 552 -21.60 -36.23 -7.70
N VAL C 553 -20.66 -37.12 -7.41
CA VAL C 553 -19.36 -37.09 -8.06
C VAL C 553 -19.10 -38.45 -8.72
N LEU C 554 -18.33 -38.40 -9.81
CA LEU C 554 -17.92 -39.60 -10.53
C LEU C 554 -16.41 -39.55 -10.68
N GLU C 555 -15.71 -40.49 -10.06
CA GLU C 555 -14.26 -40.55 -10.10
C GLU C 555 -13.82 -41.54 -11.17
N VAL C 556 -13.01 -41.06 -12.12
CA VAL C 556 -12.45 -41.90 -13.18
C VAL C 556 -10.93 -41.83 -13.08
N LYS C 557 -10.32 -42.96 -12.70
CA LYS C 557 -8.87 -43.00 -12.60
C LYS C 557 -8.23 -42.83 -13.97
N ALA C 558 -7.06 -42.18 -13.98
CA ALA C 558 -6.32 -41.93 -15.21
C ALA C 558 -4.83 -42.10 -14.94
N ASP C 559 -4.09 -42.38 -15.99
CA ASP C 559 -2.66 -42.64 -15.90
C ASP C 559 -1.88 -41.45 -16.45
N ARG C 560 -0.86 -41.01 -15.70
CA ARG C 560 0.02 -39.94 -16.15
C ARG C 560 1.24 -40.46 -16.90
N SER C 561 1.61 -41.73 -16.71
CA SER C 561 2.81 -42.27 -17.34
C SER C 561 2.68 -42.29 -18.86
N SER C 562 1.53 -42.71 -19.37
CA SER C 562 1.33 -42.83 -20.81
C SER C 562 1.07 -41.51 -21.50
N LEU C 563 1.04 -40.40 -20.76
CA LEU C 563 0.69 -39.12 -21.34
C LEU C 563 1.77 -38.64 -22.31
N ARG C 564 3.04 -38.74 -21.90
CA ARG C 564 4.12 -38.31 -22.78
C ARG C 564 4.12 -39.07 -24.09
N GLN C 565 3.77 -40.36 -24.05
CA GLN C 565 3.69 -41.14 -25.28
C GLN C 565 2.48 -40.73 -26.12
N LEU C 566 1.35 -40.47 -25.47
CA LEU C 566 0.14 -40.11 -26.21
C LEU C 566 0.29 -38.78 -26.94
N HIS C 567 0.78 -37.75 -26.24
CA HIS C 567 0.98 -36.46 -26.88
C HIS C 567 1.98 -36.54 -28.01
N ALA C 568 3.00 -37.38 -27.87
CA ALA C 568 3.98 -37.56 -28.94
C ALA C 568 3.33 -38.14 -30.19
N ALA C 569 2.37 -39.05 -30.01
CA ALA C 569 1.69 -39.64 -31.15
C ALA C 569 0.87 -38.59 -31.89
N ILE C 570 0.24 -37.68 -31.16
CA ILE C 570 -0.50 -36.59 -31.80
C ILE C 570 0.45 -35.64 -32.51
N LYS C 571 1.62 -35.38 -31.91
CA LYS C 571 2.63 -34.60 -32.61
C LYS C 571 3.10 -35.31 -33.87
N ALA C 572 3.31 -36.63 -33.79
CA ALA C 572 3.74 -37.40 -34.95
C ALA C 572 2.64 -37.53 -35.99
N ALA C 573 1.37 -37.44 -35.58
CA ALA C 573 0.26 -37.57 -36.50
C ALA C 573 -0.19 -36.25 -37.09
N LEU C 574 0.37 -35.13 -36.65
CA LEU C 574 -0.03 -33.82 -37.14
C LEU C 574 0.70 -33.46 -38.42
N PRO D 23 -16.78 16.91 25.22
CA PRO D 23 -16.73 15.79 24.28
C PRO D 23 -15.43 15.72 23.49
N SER D 24 -15.43 16.24 22.26
CA SER D 24 -14.22 16.25 21.46
C SER D 24 -13.15 17.15 22.08
N THR D 25 -13.55 18.30 22.61
CA THR D 25 -12.59 19.22 23.21
C THR D 25 -12.03 18.67 24.52
N THR D 26 -12.84 17.91 25.27
CA THR D 26 -12.32 17.28 26.48
C THR D 26 -11.17 16.34 26.15
N GLN D 27 -11.29 15.56 25.07
CA GLN D 27 -10.21 14.65 24.72
C GLN D 27 -9.07 15.35 23.98
N ALA D 28 -9.32 16.52 23.40
CA ALA D 28 -8.22 17.27 22.80
C ALA D 28 -7.28 17.81 23.88
N ARG D 29 -7.84 18.31 24.99
CA ARG D 29 -7.04 18.88 26.05
C ARG D 29 -6.20 17.83 26.77
N VAL D 30 -6.73 16.61 26.91
CA VAL D 30 -6.04 15.56 27.65
C VAL D 30 -4.84 15.02 26.89
N VAL D 31 -4.97 14.79 25.58
CA VAL D 31 -3.82 14.29 24.83
C VAL D 31 -2.71 15.34 24.77
N VAL D 32 -3.08 16.62 24.78
CA VAL D 32 -2.07 17.67 24.76
C VAL D 32 -1.30 17.70 26.06
N ASP D 33 -2.01 17.52 27.19
CA ASP D 33 -1.32 17.44 28.48
C ASP D 33 -0.34 16.27 28.51
N GLU D 34 -0.76 15.12 28.00
CA GLU D 34 0.12 13.95 27.99
C GLU D 34 1.28 14.13 27.01
N LEU D 35 1.04 14.80 25.89
CA LEU D 35 2.12 15.10 24.96
C LEU D 35 3.21 15.91 25.63
N ILE D 36 2.83 16.95 26.37
CA ILE D 36 3.81 17.74 27.13
C ILE D 36 4.49 16.85 28.16
N ARG D 37 3.71 16.04 28.87
CA ARG D 37 4.29 15.14 29.86
C ARG D 37 5.28 14.17 29.23
N GLY D 38 5.03 13.75 27.99
CA GLY D 38 5.93 12.84 27.31
C GLY D 38 7.21 13.49 26.85
N GLY D 39 7.25 14.82 26.78
CA GLY D 39 8.48 15.51 26.42
C GLY D 39 8.35 16.47 25.27
N VAL D 40 7.16 16.57 24.68
CA VAL D 40 6.95 17.49 23.57
C VAL D 40 7.05 18.93 24.08
N ARG D 41 7.81 19.75 23.37
CA ARG D 41 7.97 21.15 23.73
C ARG D 41 7.49 22.12 22.66
N ASP D 42 7.62 21.78 21.38
CA ASP D 42 7.20 22.65 20.29
C ASP D 42 6.26 21.90 19.35
N VAL D 43 5.23 22.60 18.88
CA VAL D 43 4.24 22.05 17.96
C VAL D 43 4.15 22.97 16.75
N VAL D 44 4.16 22.40 15.55
CA VAL D 44 4.01 23.16 14.32
C VAL D 44 2.59 23.03 13.82
N LEU D 45 2.08 24.09 13.21
CA LEU D 45 0.66 24.15 12.87
C LEU D 45 0.47 24.96 11.59
N CYS D 46 -0.47 24.52 10.76
CA CYS D 46 -0.84 25.25 9.56
C CYS D 46 -2.31 25.62 9.62
N PRO D 47 -2.67 26.84 9.22
CA PRO D 47 -4.09 27.24 9.25
C PRO D 47 -4.89 26.50 8.19
N GLY D 48 -6.01 25.92 8.61
CA GLY D 48 -6.85 25.17 7.70
C GLY D 48 -8.21 24.94 8.32
N SER D 49 -9.10 24.37 7.51
CA SER D 49 -10.48 24.15 7.95
C SER D 49 -10.56 23.15 9.09
N ARG D 50 -9.93 21.98 8.92
CA ARG D 50 -10.08 20.89 9.86
C ARG D 50 -9.21 21.09 11.09
N ASN D 51 -9.26 20.10 11.99
CA ASN D 51 -8.42 20.04 13.20
C ASN D 51 -8.54 21.32 14.03
N ALA D 52 -9.78 21.72 14.29
CA ALA D 52 -10.03 22.90 15.10
C ALA D 52 -9.92 22.60 16.60
N PRO D 53 -10.61 21.59 17.14
CA PRO D 53 -10.56 21.38 18.61
C PRO D 53 -9.16 21.12 19.15
N LEU D 54 -8.40 20.24 18.49
CA LEU D 54 -7.02 20.00 18.92
C LEU D 54 -6.21 21.29 18.85
N ALA D 55 -6.45 22.12 17.84
CA ALA D 55 -5.72 23.39 17.72
C ALA D 55 -5.99 24.31 18.90
N PHE D 56 -7.25 24.38 19.34
CA PHE D 56 -7.59 25.27 20.45
C PHE D 56 -6.95 24.78 21.75
N ALA D 57 -6.96 23.48 21.99
CA ALA D 57 -6.30 22.95 23.18
C ALA D 57 -4.81 23.22 23.13
N LEU D 58 -4.21 23.20 21.94
CA LEU D 58 -2.80 23.53 21.81
C LEU D 58 -2.56 25.00 22.19
N GLN D 59 -3.34 25.92 21.62
CA GLN D 59 -3.12 27.33 21.89
C GLN D 59 -3.42 27.69 23.34
N ASP D 60 -4.32 26.93 23.99
CA ASP D 60 -4.49 27.06 25.43
C ASP D 60 -3.19 26.77 26.16
N ALA D 61 -2.51 25.68 25.77
CA ALA D 61 -1.23 25.36 26.39
C ALA D 61 -0.12 26.30 25.93
N ASP D 62 -0.22 26.84 24.71
CA ASP D 62 0.77 27.82 24.26
C ASP D 62 0.61 29.13 25.02
N ARG D 63 -0.63 29.55 25.25
CA ARG D 63 -0.86 30.75 26.06
C ARG D 63 -0.33 30.55 27.48
N SER D 64 -0.54 29.37 28.05
CA SER D 64 -0.03 29.10 29.40
C SER D 64 1.49 29.06 29.42
N GLY D 65 2.10 28.58 28.34
CA GLY D 65 3.55 28.47 28.26
C GLY D 65 4.11 27.07 28.42
N ARG D 66 3.25 26.05 28.50
CA ARG D 66 3.75 24.68 28.59
C ARG D 66 4.31 24.19 27.26
N ILE D 67 3.80 24.71 26.15
CA ILE D 67 4.35 24.44 24.83
C ILE D 67 4.50 25.74 24.06
N ARG D 68 5.33 25.70 23.03
CA ARG D 68 5.56 26.82 22.13
C ARG D 68 5.02 26.45 20.75
N LEU D 69 4.19 27.31 20.19
CA LEU D 69 3.48 27.04 18.94
C LEU D 69 4.10 27.85 17.80
N HIS D 70 4.20 27.22 16.63
CA HIS D 70 4.75 27.86 15.43
C HIS D 70 3.77 27.66 14.29
N VAL D 71 3.32 28.76 13.67
CA VAL D 71 2.34 28.71 12.59
C VAL D 71 3.03 29.11 11.30
N ARG D 72 2.82 28.32 10.25
CA ARG D 72 3.33 28.61 8.92
C ARG D 72 2.24 28.35 7.89
N ILE D 73 2.33 29.04 6.76
CA ILE D 73 1.38 28.83 5.67
C ILE D 73 1.77 27.61 4.85
N ASP D 74 3.02 27.57 4.38
CA ASP D 74 3.52 26.49 3.54
C ASP D 74 3.58 25.21 4.36
N GLU D 75 2.74 24.23 4.02
CA GLU D 75 2.70 22.98 4.76
C GLU D 75 4.01 22.20 4.63
N ARG D 76 4.66 22.29 3.47
CA ARG D 76 5.93 21.59 3.28
C ARG D 76 6.97 22.09 4.27
N THR D 77 7.16 23.40 4.34
CA THR D 77 8.24 23.96 5.16
C THR D 77 7.96 23.75 6.64
N ALA D 78 6.67 23.66 7.01
CA ALA D 78 6.32 23.36 8.40
C ALA D 78 6.85 21.99 8.81
N GLY D 79 6.71 21.01 7.92
CA GLY D 79 7.31 19.70 8.18
C GLY D 79 8.80 19.79 8.46
N TYR D 80 9.54 20.48 7.60
CA TYR D 80 10.98 20.65 7.82
C TYR D 80 11.27 21.50 9.06
N LEU D 81 10.42 22.50 9.32
CA LEU D 81 10.54 23.25 10.57
C LEU D 81 10.42 22.34 11.77
N ALA D 82 9.46 21.42 11.76
CA ALA D 82 9.31 20.47 12.85
C ALA D 82 10.52 19.56 12.95
N ILE D 83 11.09 19.16 11.80
CA ILE D 83 12.31 18.36 11.81
C ILE D 83 13.44 19.13 12.47
N GLY D 84 13.52 20.43 12.21
CA GLY D 84 14.55 21.24 12.86
C GLY D 84 14.37 21.30 14.36
N LEU D 85 13.14 21.58 14.82
CA LEU D 85 12.86 21.61 16.25
C LEU D 85 13.19 20.28 16.91
N ALA D 86 12.99 19.16 16.19
CA ALA D 86 13.28 17.86 16.77
C ALA D 86 14.78 17.65 16.90
N ILE D 87 15.51 17.78 15.79
CA ILE D 87 16.96 17.54 15.83
C ILE D 87 17.69 18.61 16.62
N GLY D 88 17.07 19.77 16.83
CA GLY D 88 17.74 20.82 17.60
C GLY D 88 17.98 20.41 19.03
N ALA D 89 16.99 19.82 19.68
CA ALA D 89 17.10 19.38 21.05
C ALA D 89 16.86 17.89 21.24
N GLY D 90 16.63 17.14 20.17
CA GLY D 90 16.38 15.71 20.30
C GLY D 90 15.05 15.36 20.91
N ALA D 91 14.06 16.23 20.78
CA ALA D 91 12.77 16.04 21.41
C ALA D 91 11.69 15.74 20.37
N PRO D 92 10.61 15.06 20.77
CA PRO D 92 9.50 14.84 19.84
C PRO D 92 8.79 16.13 19.50
N VAL D 93 8.48 16.30 18.22
CA VAL D 93 7.79 17.49 17.71
C VAL D 93 6.56 17.03 16.93
N CYS D 94 5.47 17.78 17.08
CA CYS D 94 4.22 17.46 16.40
C CYS D 94 3.97 18.45 15.27
N VAL D 95 3.23 17.98 14.25
CA VAL D 95 2.71 18.82 13.18
C VAL D 95 1.22 18.56 13.08
N ALA D 96 0.45 19.65 12.95
CA ALA D 96 -1.00 19.56 12.87
C ALA D 96 -1.44 19.69 11.42
N MET D 97 -2.09 18.64 10.90
CA MET D 97 -2.65 18.66 9.55
C MET D 97 -4.05 19.25 9.61
N THR D 98 -4.31 20.22 8.73
CA THR D 98 -5.60 20.91 8.71
C THR D 98 -6.18 21.02 7.30
N SER D 99 -5.69 20.23 6.37
CA SER D 99 -6.16 20.31 4.98
C SER D 99 -5.92 18.98 4.29
N GLY D 100 -6.49 18.87 3.09
CA GLY D 100 -6.21 17.73 2.24
C GLY D 100 -4.86 17.81 1.55
N THR D 101 -4.31 19.01 1.42
CA THR D 101 -2.98 19.20 0.86
C THR D 101 -1.87 18.82 1.83
N ALA D 102 -2.17 18.82 3.14
CA ALA D 102 -1.11 18.69 4.14
C ALA D 102 -0.42 17.33 4.06
N VAL D 103 -1.18 16.27 3.79
CA VAL D 103 -0.58 14.93 3.73
C VAL D 103 0.49 14.88 2.66
N ALA D 104 0.17 15.39 1.46
CA ALA D 104 1.15 15.39 0.38
C ALA D 104 2.33 16.30 0.69
N ASN D 105 2.07 17.47 1.25
CA ASN D 105 3.14 18.43 1.51
C ASN D 105 4.08 17.95 2.60
N LEU D 106 3.54 17.28 3.63
CA LEU D 106 4.39 16.76 4.70
C LEU D 106 5.15 15.51 4.28
N GLY D 107 4.90 14.98 3.07
CA GLY D 107 5.58 13.83 2.56
C GLY D 107 7.10 13.93 2.65
N PRO D 108 7.68 14.95 2.02
CA PRO D 108 9.15 15.12 2.10
C PRO D 108 9.71 15.10 3.50
N ALA D 109 9.10 15.84 4.43
CA ALA D 109 9.60 15.85 5.80
C ALA D 109 9.45 14.48 6.45
N VAL D 110 8.30 13.81 6.25
CA VAL D 110 8.08 12.51 6.87
C VAL D 110 9.06 11.48 6.32
N VAL D 111 9.39 11.57 5.04
CA VAL D 111 10.36 10.64 4.46
C VAL D 111 11.74 10.85 5.06
N GLU D 112 12.13 12.12 5.25
CA GLU D 112 13.40 12.41 5.92
C GLU D 112 13.38 11.89 7.36
N ALA D 113 12.31 12.18 8.10
CA ALA D 113 12.20 11.74 9.48
C ALA D 113 12.31 10.22 9.59
N ASN D 114 11.83 9.49 8.59
CA ASN D 114 11.94 8.04 8.60
C ASN D 114 13.39 7.59 8.44
N TYR D 115 14.06 8.09 7.39
CA TYR D 115 15.41 7.68 7.09
C TYR D 115 16.46 8.35 7.97
N ALA D 116 16.10 9.43 8.67
CA ALA D 116 17.00 10.08 9.60
C ALA D 116 16.65 9.78 11.06
N ARG D 117 15.60 8.99 11.30
CA ARG D 117 15.20 8.57 12.64
C ARG D 117 14.93 9.78 13.55
N VAL D 118 14.02 10.63 13.08
CA VAL D 118 13.64 11.87 13.74
C VAL D 118 12.25 11.68 14.36
N PRO D 119 12.08 11.91 15.66
CA PRO D 119 10.75 11.74 16.27
C PRO D 119 9.76 12.81 15.82
N LEU D 120 8.93 12.47 14.84
CA LEU D 120 7.99 13.41 14.26
C LEU D 120 6.57 12.83 14.36
N ILE D 121 5.72 13.49 15.13
CA ILE D 121 4.35 13.03 15.35
C ILE D 121 3.42 13.86 14.47
N VAL D 122 2.87 13.25 13.43
CA VAL D 122 1.94 13.92 12.54
C VAL D 122 0.52 13.71 13.07
N LEU D 123 -0.20 14.82 13.29
CA LEU D 123 -1.51 14.79 13.91
C LEU D 123 -2.59 15.02 12.87
N SER D 124 -3.66 14.21 12.92
CA SER D 124 -4.76 14.31 11.97
C SER D 124 -6.09 14.19 12.71
N ALA D 125 -7.15 14.66 12.06
CA ALA D 125 -8.52 14.58 12.58
C ALA D 125 -9.44 14.08 11.46
N ASN D 126 -9.45 12.78 11.26
CA ASN D 126 -10.36 12.18 10.31
C ASN D 126 -11.80 12.36 10.77
N ARG D 127 -12.72 12.46 9.81
CA ARG D 127 -14.14 12.60 10.09
C ARG D 127 -14.82 11.26 9.93
N PRO D 128 -15.38 10.67 10.99
CA PRO D 128 -15.85 9.28 10.91
C PRO D 128 -17.34 9.10 10.71
N TYR D 129 -18.12 10.19 10.73
CA TYR D 129 -19.55 10.11 10.47
C TYR D 129 -19.89 10.40 9.01
N GLU D 130 -18.89 10.54 8.15
CA GLU D 130 -19.09 10.79 6.74
C GLU D 130 -18.74 9.54 5.93
N LEU D 131 -19.28 9.47 4.72
CA LEU D 131 -19.06 8.30 3.86
C LEU D 131 -17.61 8.26 3.39
N LEU D 132 -17.06 7.03 3.37
CA LEU D 132 -15.68 6.79 2.95
C LEU D 132 -14.69 7.65 3.72
N GLU D 141 -6.88 13.90 0.08
CA GLU D 141 -6.80 12.44 0.12
C GLU D 141 -5.42 11.98 0.61
N GLN D 142 -5.18 10.67 0.65
CA GLN D 142 -4.00 10.11 1.29
C GLN D 142 -3.21 9.23 0.33
N LEU D 143 -1.90 9.39 0.35
CA LEU D 143 -1.00 8.58 -0.46
C LEU D 143 -0.46 7.41 0.36
N GLY D 144 0.25 6.51 -0.32
CA GLY D 144 0.74 5.30 0.28
C GLY D 144 2.06 5.40 1.01
N TYR D 145 2.66 6.59 1.11
CA TYR D 145 3.92 6.70 1.84
C TYR D 145 3.72 6.54 3.34
N PHE D 146 2.51 6.77 3.85
CA PHE D 146 2.26 6.56 5.27
C PHE D 146 2.51 5.10 5.66
N GLY D 147 2.19 4.17 4.77
CA GLY D 147 2.46 2.77 5.06
C GLY D 147 3.93 2.46 5.15
N THR D 148 4.72 3.00 4.22
CA THR D 148 6.14 2.65 4.13
C THR D 148 7.01 3.43 5.13
N GLN D 149 6.62 4.66 5.46
CA GLN D 149 7.52 5.57 6.16
C GLN D 149 7.32 5.64 7.67
N VAL D 150 6.11 5.38 8.15
CA VAL D 150 5.70 5.76 9.50
C VAL D 150 5.90 4.59 10.46
N ARG D 151 6.42 4.89 11.66
CA ARG D 151 6.64 3.86 12.67
C ARG D 151 5.34 3.23 13.14
N ALA D 152 4.28 4.03 13.25
CA ALA D 152 3.00 3.53 13.73
C ALA D 152 1.89 4.48 13.30
N SER D 153 0.82 3.91 12.73
CA SER D 153 -0.38 4.68 12.38
C SER D 153 -1.43 4.35 13.43
N ILE D 154 -1.59 5.25 14.40
CA ILE D 154 -2.46 5.03 15.55
C ILE D 154 -3.63 6.00 15.47
N SER D 155 -4.84 5.45 15.56
CA SER D 155 -6.07 6.25 15.52
C SER D 155 -6.78 6.10 16.86
N LEU D 156 -7.06 7.22 17.51
CA LEU D 156 -7.76 7.20 18.79
C LEU D 156 -9.23 6.87 18.58
N GLY D 157 -9.91 6.58 19.68
CA GLY D 157 -11.33 6.37 19.64
C GLY D 157 -12.10 7.67 19.50
N LEU D 158 -13.39 7.54 19.19
CA LEU D 158 -14.25 8.69 19.08
C LEU D 158 -14.63 9.20 20.46
N ALA D 159 -14.82 10.51 20.56
CA ALA D 159 -15.27 11.11 21.81
C ALA D 159 -16.63 10.53 22.19
N GLU D 160 -16.73 10.06 23.43
CA GLU D 160 -17.91 9.35 23.91
C GLU D 160 -18.61 10.17 24.98
N ASP D 161 -19.94 10.16 24.96
CA ASP D 161 -20.74 10.82 25.98
C ASP D 161 -21.09 9.80 27.08
N ALA D 162 -20.05 9.41 27.81
CA ALA D 162 -20.18 8.48 28.93
C ALA D 162 -19.45 9.10 30.12
N PRO D 163 -20.10 10.04 30.82
CA PRO D 163 -19.41 10.71 31.94
C PRO D 163 -18.98 9.77 33.05
N GLU D 164 -19.75 8.72 33.32
CA GLU D 164 -19.33 7.75 34.33
C GLU D 164 -18.04 7.04 33.92
N ARG D 165 -17.85 6.82 32.62
CA ARG D 165 -16.68 6.10 32.12
C ARG D 165 -15.52 7.02 31.75
N THR D 166 -15.71 8.35 31.77
CA THR D 166 -14.67 9.26 31.30
C THR D 166 -13.34 9.03 32.00
N SER D 167 -13.38 8.73 33.31
CA SER D 167 -12.15 8.39 34.00
C SER D 167 -11.51 7.11 33.44
N ALA D 168 -12.34 6.17 32.99
CA ALA D 168 -11.81 5.00 32.30
C ALA D 168 -11.35 5.34 30.88
N LEU D 169 -12.07 6.25 30.22
CA LEU D 169 -11.63 6.70 28.89
C LEU D 169 -10.36 7.54 28.97
N ASN D 170 -10.11 8.18 30.12
CA ASN D 170 -8.89 8.96 30.27
C ASN D 170 -7.66 8.08 30.15
N ALA D 171 -7.66 6.94 30.86
CA ALA D 171 -6.50 6.04 30.87
C ALA D 171 -6.11 5.63 29.47
N THR D 172 -7.09 5.23 28.64
CA THR D 172 -6.78 4.79 27.29
C THR D 172 -6.29 5.95 26.43
N TRP D 173 -6.88 7.14 26.60
CA TRP D 173 -6.39 8.31 25.88
C TRP D 173 -4.94 8.61 26.24
N ARG D 174 -4.61 8.55 27.53
CA ARG D 174 -3.24 8.79 27.96
C ARG D 174 -2.34 7.60 27.68
N SER D 175 -2.87 6.37 27.71
CA SER D 175 -2.08 5.21 27.34
C SER D 175 -1.79 5.19 25.85
N ALA D 176 -2.78 5.58 25.03
CA ALA D 176 -2.54 5.64 23.59
C ALA D 176 -1.55 6.73 23.23
N THR D 177 -1.66 7.88 23.89
CA THR D 177 -0.72 8.98 23.63
C THR D 177 0.71 8.57 24.00
N CYS D 178 0.87 7.73 25.03
CA CYS D 178 2.20 7.20 25.34
C CYS D 178 2.69 6.27 24.24
N ARG D 179 1.79 5.59 23.54
CA ARG D 179 2.21 4.68 22.48
C ARG D 179 2.78 5.43 21.28
N VAL D 180 2.19 6.58 20.93
CA VAL D 180 2.74 7.34 19.82
C VAL D 180 4.03 8.03 20.23
N LEU D 181 4.14 8.43 21.51
CA LEU D 181 5.36 9.05 21.98
C LEU D 181 6.50 8.03 22.05
N ALA D 182 6.20 6.82 22.49
CA ALA D 182 7.21 5.77 22.54
C ALA D 182 7.65 5.36 21.14
N ALA D 183 6.71 5.32 20.20
CA ALA D 183 7.06 4.92 18.84
C ALA D 183 7.81 6.03 18.10
N ALA D 184 7.48 7.29 18.40
CA ALA D 184 8.18 8.39 17.75
C ALA D 184 9.62 8.47 18.21
N THR D 185 9.84 8.38 19.53
CA THR D 185 11.18 8.46 20.10
C THR D 185 11.91 7.13 20.09
N GLY D 186 11.26 6.05 19.63
CA GLY D 186 11.88 4.74 19.62
C GLY D 186 12.22 4.24 21.02
N ALA D 187 11.29 4.40 21.96
CA ALA D 187 11.59 4.06 23.35
C ALA D 187 11.87 2.57 23.52
N ARG D 188 11.16 1.72 22.78
CA ARG D 188 11.39 0.27 22.85
C ARG D 188 12.08 -0.29 21.62
N THR D 189 12.10 0.44 20.50
CA THR D 189 12.67 -0.05 19.26
C THR D 189 14.10 0.40 19.03
N ALA D 190 14.56 1.42 19.77
CA ALA D 190 15.86 2.06 19.52
C ALA D 190 15.95 2.57 18.08
N ASN D 191 14.80 2.87 17.49
CA ASN D 191 14.70 3.32 16.10
C ASN D 191 13.60 4.38 16.05
N ALA D 192 13.98 5.63 16.32
CA ALA D 192 13.03 6.73 16.26
C ALA D 192 12.53 6.92 14.83
N GLY D 193 11.44 7.67 14.70
CA GLY D 193 10.87 7.93 13.40
C GLY D 193 9.53 8.65 13.47
N PRO D 194 8.90 8.84 12.32
CA PRO D 194 7.62 9.54 12.28
C PRO D 194 6.46 8.63 12.64
N VAL D 195 5.45 9.23 13.26
CA VAL D 195 4.25 8.53 13.71
C VAL D 195 3.03 9.28 13.24
N HIS D 196 1.99 8.55 12.86
CA HIS D 196 0.71 9.11 12.45
C HIS D 196 -0.29 8.94 13.59
N PHE D 197 -0.72 10.07 14.16
CA PHE D 197 -1.65 10.10 15.27
C PHE D 197 -2.96 10.72 14.77
N ASP D 198 -4.06 9.96 14.86
CA ASP D 198 -5.35 10.38 14.34
C ASP D 198 -6.36 10.47 15.47
N ILE D 199 -7.02 11.61 15.59
CA ILE D 199 -8.11 11.83 16.54
C ILE D 199 -9.38 12.04 15.72
N PRO D 200 -10.36 11.12 15.79
CA PRO D 200 -11.58 11.30 15.02
C PRO D 200 -12.44 12.43 15.60
N LEU D 201 -13.23 13.05 14.73
CA LEU D 201 -14.01 14.22 15.10
C LEU D 201 -15.41 14.13 14.52
N ARG D 202 -16.41 14.12 15.41
CA ARG D 202 -17.81 14.12 14.99
C ARG D 202 -18.15 15.38 14.18
N VAL D 215 -12.83 21.22 34.15
CA VAL D 215 -11.72 20.38 34.58
C VAL D 215 -11.45 19.24 33.58
N THR D 216 -10.18 19.05 33.27
CA THR D 216 -9.68 17.91 32.50
C THR D 216 -9.24 16.81 33.45
N PRO D 217 -9.50 15.55 33.12
CA PRO D 217 -9.05 14.44 33.96
C PRO D 217 -7.54 14.51 34.16
N PRO D 218 -7.07 14.38 35.40
CA PRO D 218 -5.65 14.56 35.67
C PRO D 218 -4.85 13.32 35.30
N GLY D 219 -3.55 13.54 35.15
CA GLY D 219 -2.61 12.44 34.95
C GLY D 219 -2.10 11.91 36.26
N ARG D 220 -0.97 11.21 36.18
CA ARG D 220 -0.31 10.76 37.38
C ARG D 220 0.34 11.94 38.10
N PRO D 221 0.68 11.78 39.38
CA PRO D 221 1.31 12.88 40.11
C PRO D 221 2.69 13.20 39.55
N ALA D 222 3.13 14.43 39.85
CA ALA D 222 4.46 14.91 39.52
C ALA D 222 4.69 14.94 38.00
N GLY D 223 3.63 15.26 37.26
CA GLY D 223 3.72 15.40 35.81
C GLY D 223 4.29 14.20 35.08
N LYS D 224 4.19 13.02 35.69
CA LYS D 224 4.74 11.82 35.10
C LYS D 224 3.84 11.31 33.97
N PRO D 225 4.41 10.68 32.96
CA PRO D 225 3.58 10.10 31.90
C PRO D 225 2.72 8.97 32.42
N TRP D 226 1.57 8.78 31.75
CA TRP D 226 0.64 7.73 32.18
C TRP D 226 1.32 6.38 32.21
N THR D 227 1.83 5.93 31.07
CA THR D 227 2.59 4.68 31.00
C THR D 227 4.05 5.05 30.78
N TYR D 228 4.87 4.80 31.80
CA TYR D 228 6.29 5.15 31.76
C TYR D 228 7.07 3.96 31.23
N THR D 229 7.68 4.13 30.06
CA THR D 229 8.60 3.12 29.55
C THR D 229 10.00 3.73 29.47
N PRO D 230 10.98 3.21 30.22
CA PRO D 230 12.31 3.79 30.18
C PRO D 230 12.99 3.50 28.86
N PRO D 231 13.86 4.39 28.38
CA PRO D 231 14.58 4.12 27.13
C PRO D 231 15.35 2.82 27.19
N VAL D 232 15.13 1.98 26.17
CA VAL D 232 15.76 0.67 26.14
C VAL D 232 17.24 0.81 25.79
N THR D 233 18.04 -0.14 26.27
CA THR D 233 19.46 -0.22 25.94
C THR D 233 19.64 -1.38 24.96
N PHE D 234 19.79 -1.03 23.69
CA PHE D 234 19.93 -1.97 22.59
C PHE D 234 21.39 -2.39 22.50
N ASP D 235 21.69 -3.64 22.84
CA ASP D 235 23.07 -4.08 23.04
C ASP D 235 23.36 -5.31 22.18
N GLN D 236 24.45 -5.25 21.42
CA GLN D 236 24.88 -6.33 20.53
C GLN D 236 26.39 -6.24 20.35
N PRO D 237 27.16 -7.06 21.04
CA PRO D 237 28.62 -6.95 20.98
C PRO D 237 29.21 -7.64 19.76
N LEU D 238 30.46 -7.27 19.45
CA LEU D 238 31.14 -7.78 18.27
C LEU D 238 32.64 -7.88 18.53
N ASP D 239 33.21 -9.06 18.30
CA ASP D 239 34.63 -9.25 18.45
C ASP D 239 35.37 -8.60 17.29
N ILE D 240 36.30 -7.71 17.60
CA ILE D 240 37.12 -7.06 16.58
C ILE D 240 38.55 -7.03 17.07
N ASP D 241 39.47 -7.55 16.27
CA ASP D 241 40.89 -7.45 16.56
C ASP D 241 41.37 -6.05 16.15
N LEU D 242 41.62 -5.17 17.14
CA LEU D 242 42.08 -3.82 16.77
C LEU D 242 43.38 -3.84 16.00
N SER D 243 44.34 -4.64 16.44
CA SER D 243 45.71 -4.52 15.95
C SER D 243 45.79 -4.61 14.43
N VAL D 244 44.84 -5.31 13.81
CA VAL D 244 44.74 -5.30 12.35
C VAL D 244 44.57 -3.86 11.88
N ASP D 245 45.22 -3.55 10.78
CA ASP D 245 45.09 -2.24 10.17
C ASP D 245 43.63 -1.89 9.96
N THR D 246 43.15 -0.90 10.72
CA THR D 246 41.74 -0.56 10.76
C THR D 246 41.57 0.94 10.53
N VAL D 247 40.63 1.29 9.67
CA VAL D 247 40.17 2.67 9.54
C VAL D 247 38.68 2.69 9.85
N VAL D 248 38.25 3.71 10.58
CA VAL D 248 36.88 3.82 11.06
C VAL D 248 36.16 4.88 10.23
N ILE D 249 35.05 4.49 9.61
CA ILE D 249 34.19 5.40 8.87
C ILE D 249 32.92 5.59 9.69
N SER D 250 32.68 6.82 10.16
CA SER D 250 31.48 7.14 10.91
C SER D 250 30.61 8.06 10.08
N GLY D 251 29.37 7.63 9.81
CA GLY D 251 28.42 8.40 9.06
C GLY D 251 27.28 8.91 9.92
N HIS D 252 26.16 9.20 9.28
CA HIS D 252 25.01 9.74 9.99
C HIS D 252 24.45 8.71 10.97
N GLY D 253 24.00 9.20 12.13
CA GLY D 253 23.46 8.33 13.15
C GLY D 253 24.48 7.53 13.93
N ALA D 254 25.76 7.76 13.69
CA ALA D 254 26.82 6.99 14.34
C ALA D 254 26.83 7.24 15.84
N GLY D 255 27.16 6.19 16.59
CA GLY D 255 27.33 6.32 18.02
C GLY D 255 28.77 6.56 18.40
N VAL D 256 28.99 6.88 19.68
CA VAL D 256 30.33 7.09 20.21
C VAL D 256 30.77 5.82 20.93
N HIS D 257 31.95 5.34 20.57
CA HIS D 257 32.57 4.19 21.23
C HIS D 257 33.94 4.62 21.74
N PRO D 258 34.09 4.86 23.04
CA PRO D 258 35.38 5.35 23.55
C PRO D 258 36.53 4.38 23.30
N ASN D 259 36.26 3.07 23.22
CA ASN D 259 37.33 2.12 22.96
C ASN D 259 37.87 2.21 21.53
N LEU D 260 37.17 2.92 20.64
CA LEU D 260 37.64 3.14 19.28
C LEU D 260 38.16 4.55 19.08
N ALA D 261 38.43 5.29 20.16
CA ALA D 261 38.86 6.68 20.05
C ALA D 261 40.25 6.79 19.42
N ALA D 262 41.11 5.81 19.65
CA ALA D 262 42.50 5.89 19.17
C ALA D 262 42.60 5.59 17.68
N LEU D 263 41.77 4.70 17.15
CA LEU D 263 41.89 4.28 15.77
C LEU D 263 41.71 5.45 14.82
N PRO D 264 42.37 5.43 13.65
CA PRO D 264 42.17 6.51 12.68
C PRO D 264 40.75 6.47 12.12
N THR D 265 40.11 7.63 12.09
CA THR D 265 38.68 7.69 11.80
C THR D 265 38.37 8.76 10.75
N VAL D 266 37.57 8.38 9.76
CA VAL D 266 37.06 9.30 8.75
C VAL D 266 35.60 9.59 9.13
N ALA D 267 35.37 10.74 9.74
CA ALA D 267 34.07 11.09 10.29
C ALA D 267 33.36 12.10 9.40
N GLU D 268 32.12 11.80 9.04
CA GLU D 268 31.29 12.76 8.35
C GLU D 268 31.02 13.95 9.28
N PRO D 269 30.65 15.11 8.73
CA PRO D 269 30.36 16.26 9.59
C PRO D 269 29.26 16.00 10.59
N THR D 270 28.23 15.26 10.19
CA THR D 270 27.08 15.02 11.07
C THR D 270 27.38 14.01 12.16
N ALA D 271 28.43 13.20 12.01
CA ALA D 271 28.71 12.19 13.00
C ALA D 271 29.42 12.79 14.21
N PRO D 272 29.15 12.28 15.40
CA PRO D 272 29.95 12.65 16.57
C PRO D 272 31.27 11.89 16.59
N ARG D 273 32.27 12.52 17.21
CA ARG D 273 33.63 12.01 17.20
C ARG D 273 33.96 11.42 18.57
N SER D 274 34.46 10.18 18.57
CA SER D 274 34.82 9.51 19.82
C SER D 274 36.24 9.82 20.27
N GLY D 275 37.14 10.10 19.34
CA GLY D 275 38.52 10.37 19.69
C GLY D 275 39.10 11.62 19.07
N ASP D 276 40.43 11.77 19.13
CA ASP D 276 41.11 12.95 18.63
C ASP D 276 42.14 12.58 17.57
N ASN D 277 41.88 11.52 16.80
CA ASN D 277 42.76 11.08 15.72
C ASN D 277 41.98 11.20 14.41
N PRO D 278 41.88 12.41 13.86
CA PRO D 278 41.10 12.58 12.62
C PRO D 278 41.84 12.02 11.42
N LEU D 279 41.06 11.70 10.39
CA LEU D 279 41.61 11.28 9.11
C LEU D 279 40.82 11.94 8.00
N HIS D 280 41.52 12.63 7.10
CA HIS D 280 40.87 13.33 6.01
C HIS D 280 40.25 12.32 5.04
N PRO D 281 39.10 12.63 4.46
CA PRO D 281 38.50 11.69 3.50
C PRO D 281 39.35 11.45 2.26
N LEU D 282 40.14 12.43 1.84
CA LEU D 282 40.94 12.29 0.63
C LEU D 282 42.23 11.50 0.83
N ALA D 283 42.64 11.27 2.09
CA ALA D 283 43.78 10.41 2.34
C ALA D 283 43.45 8.93 2.17
N LEU D 284 42.16 8.58 2.20
CA LEU D 284 41.74 7.18 2.14
C LEU D 284 42.23 6.43 0.91
N PRO D 285 42.21 6.99 -0.31
CA PRO D 285 42.76 6.23 -1.45
C PRO D 285 44.25 5.96 -1.34
N LEU D 286 45.00 6.82 -0.64
CA LEU D 286 46.43 6.60 -0.51
C LEU D 286 46.75 5.36 0.32
N LEU D 287 45.91 5.04 1.30
CA LEU D 287 46.15 3.89 2.15
C LEU D 287 45.40 2.67 1.63
N ARG D 288 45.74 1.51 2.18
CA ARG D 288 45.16 0.23 1.78
C ARG D 288 44.79 -0.57 3.02
N PRO D 289 43.72 -0.20 3.71
CA PRO D 289 43.39 -0.85 4.97
C PRO D 289 42.96 -2.31 4.78
N GLN D 290 43.05 -3.07 5.86
CA GLN D 290 42.67 -4.48 5.87
C GLN D 290 41.38 -4.75 6.63
N GLN D 291 40.92 -3.80 7.44
CA GLN D 291 39.62 -3.88 8.12
C GLN D 291 39.03 -2.49 8.17
N VAL D 292 37.69 -2.43 8.26
CA VAL D 292 36.99 -1.15 8.39
C VAL D 292 35.87 -1.32 9.40
N ILE D 293 35.86 -0.48 10.43
CA ILE D 293 34.74 -0.35 11.33
C ILE D 293 33.84 0.77 10.80
N MET D 294 32.55 0.49 10.72
CA MET D 294 31.58 1.41 10.12
C MET D 294 30.60 1.85 11.20
N LEU D 295 30.60 3.15 11.50
CA LEU D 295 29.70 3.70 12.51
C LEU D 295 28.55 4.39 11.80
N GLY D 296 27.35 3.86 11.98
CA GLY D 296 26.15 4.50 11.45
C GLY D 296 25.91 4.28 9.98
N ARG D 297 25.45 5.33 9.29
CA ARG D 297 25.12 5.27 7.86
C ARG D 297 26.01 6.24 7.10
N PRO D 298 27.20 5.82 6.69
CA PRO D 298 28.02 6.69 5.83
C PRO D 298 27.42 6.82 4.45
N THR D 299 27.42 8.05 3.93
CA THR D 299 26.79 8.35 2.66
C THR D 299 27.68 9.16 1.72
N LEU D 300 28.86 9.60 2.17
CA LEU D 300 29.67 10.58 1.45
C LEU D 300 30.96 9.98 0.91
N HIS D 301 31.49 10.64 -0.12
CA HIS D 301 32.84 10.43 -0.64
C HIS D 301 32.98 9.13 -1.44
N ARG D 302 33.32 9.30 -2.71
CA ARG D 302 33.58 8.17 -3.60
C ARG D 302 34.56 7.14 -3.04
N PRO D 303 35.71 7.49 -2.44
CA PRO D 303 36.57 6.43 -1.88
C PRO D 303 35.90 5.61 -0.80
N VAL D 304 35.08 6.23 0.05
CA VAL D 304 34.36 5.49 1.08
C VAL D 304 33.46 4.43 0.44
N SER D 305 32.81 4.78 -0.68
CA SER D 305 31.96 3.81 -1.37
C SER D 305 32.77 2.64 -1.90
N VAL D 306 33.95 2.90 -2.46
CA VAL D 306 34.74 1.83 -3.04
C VAL D 306 35.39 0.98 -1.94
N LEU D 307 35.84 1.61 -0.85
CA LEU D 307 36.48 0.87 0.22
C LEU D 307 35.50 -0.12 0.84
N LEU D 308 34.30 0.35 1.17
CA LEU D 308 33.28 -0.51 1.76
C LEU D 308 32.79 -1.58 0.79
N ALA D 309 32.88 -1.33 -0.52
CA ALA D 309 32.47 -2.30 -1.52
C ALA D 309 33.58 -3.28 -1.89
N ASP D 310 34.80 -3.07 -1.39
CA ASP D 310 35.92 -3.96 -1.72
C ASP D 310 35.72 -5.32 -1.07
N ALA D 311 35.61 -6.36 -1.89
CA ALA D 311 35.38 -7.70 -1.36
C ALA D 311 36.54 -8.20 -0.53
N GLU D 312 37.76 -7.72 -0.81
CA GLU D 312 38.92 -8.16 -0.05
C GLU D 312 38.95 -7.53 1.35
N VAL D 313 38.35 -6.36 1.51
CA VAL D 313 38.31 -5.67 2.80
C VAL D 313 37.02 -6.05 3.51
N PRO D 314 37.09 -6.64 4.71
CA PRO D 314 35.87 -6.89 5.47
C PRO D 314 35.41 -5.66 6.23
N VAL D 315 34.10 -5.49 6.33
CA VAL D 315 33.48 -4.30 6.91
C VAL D 315 32.61 -4.73 8.09
N PHE D 316 32.80 -4.06 9.23
CA PHE D 316 31.98 -4.26 10.42
C PHE D 316 31.18 -3.00 10.68
N ALA D 317 29.85 -3.11 10.68
CA ALA D 317 28.95 -1.97 10.85
C ALA D 317 28.45 -1.93 12.28
N LEU D 318 28.65 -0.79 12.95
CA LEU D 318 28.20 -0.57 14.32
C LEU D 318 27.16 0.54 14.31
N THR D 319 25.89 0.17 14.50
CA THR D 319 24.77 1.10 14.48
C THR D 319 24.15 1.20 15.87
N THR D 320 23.43 2.29 16.09
CA THR D 320 22.66 2.45 17.32
C THR D 320 21.20 2.00 17.16
N GLY D 321 20.80 1.62 15.95
CA GLY D 321 19.45 1.16 15.70
C GLY D 321 19.46 -0.14 14.91
N PRO D 322 18.28 -0.78 14.83
CA PRO D 322 18.22 -2.09 14.16
C PRO D 322 18.66 -2.09 12.71
N ARG D 323 18.50 -0.97 12.00
CA ARG D 323 18.91 -0.92 10.60
C ARG D 323 20.44 -0.92 10.50
N TRP D 324 20.94 -1.55 9.44
CA TRP D 324 22.38 -1.55 9.17
C TRP D 324 22.60 -1.41 7.67
N PRO D 325 23.56 -0.59 7.25
CA PRO D 325 23.81 -0.38 5.83
C PRO D 325 24.85 -1.33 5.27
N ASP D 326 24.83 -1.47 3.94
CA ASP D 326 25.84 -2.24 3.24
C ASP D 326 26.09 -1.60 1.88
N VAL D 327 27.32 -1.77 1.38
CA VAL D 327 27.70 -1.32 0.05
C VAL D 327 28.11 -2.56 -0.75
N SER D 328 27.37 -2.81 -1.84
CA SER D 328 27.58 -4.01 -2.65
C SER D 328 27.49 -5.28 -1.82
N GLY D 329 26.73 -5.23 -0.73
CA GLY D 329 26.55 -6.40 0.12
C GLY D 329 27.81 -6.87 0.82
N ASN D 330 28.70 -5.95 1.16
CA ASN D 330 30.00 -6.30 1.74
C ASN D 330 30.04 -6.16 3.26
N SER D 331 28.93 -5.76 3.89
CA SER D 331 28.89 -5.73 5.34
C SER D 331 29.08 -7.13 5.89
N GLN D 332 30.08 -7.30 6.75
CA GLN D 332 30.45 -8.62 7.26
C GLN D 332 29.77 -8.97 8.57
N ALA D 333 29.54 -7.99 9.43
CA ALA D 333 28.90 -8.22 10.72
C ALA D 333 28.24 -6.93 11.19
N THR D 334 27.27 -7.08 12.09
CA THR D 334 26.49 -5.96 12.61
C THR D 334 26.54 -5.99 14.13
N GLY D 335 26.64 -4.83 14.75
CA GLY D 335 26.72 -4.78 16.20
C GLY D 335 26.36 -3.42 16.74
N THR D 336 26.07 -3.40 18.05
CA THR D 336 25.89 -2.16 18.78
C THR D 336 27.24 -1.56 19.18
N ARG D 337 28.18 -2.42 19.55
CA ARG D 337 29.50 -2.01 19.99
C ARG D 337 30.47 -3.13 19.66
N ALA D 338 31.76 -2.84 19.83
CA ALA D 338 32.81 -3.80 19.54
C ALA D 338 33.65 -4.06 20.78
N VAL D 339 33.94 -5.33 21.04
CA VAL D 339 34.92 -5.70 22.04
C VAL D 339 36.28 -5.80 21.36
N THR D 340 37.28 -5.16 21.94
CA THR D 340 38.52 -4.87 21.25
C THR D 340 39.65 -5.68 21.85
N THR D 341 40.41 -6.35 20.99
CA THR D 341 41.55 -7.16 21.40
C THR D 341 42.81 -6.51 20.83
N GLY D 342 43.59 -5.87 21.70
CA GLY D 342 44.85 -5.29 21.30
C GLY D 342 44.74 -3.82 20.97
N ALA D 343 45.71 -3.35 20.18
CA ALA D 343 45.80 -1.97 19.75
C ALA D 343 46.59 -1.91 18.46
N PRO D 344 46.25 -1.02 17.54
CA PRO D 344 46.87 -1.05 16.20
C PRO D 344 48.34 -0.69 16.23
N ARG D 345 49.08 -1.21 15.23
CA ARG D 345 50.53 -1.03 15.19
C ARG D 345 50.86 0.41 14.77
N PRO D 346 51.77 1.08 15.47
CA PRO D 346 51.94 2.53 15.26
C PRO D 346 52.43 2.91 13.89
N ALA D 347 53.04 1.99 13.14
CA ALA D 347 53.42 2.31 11.76
C ALA D 347 52.17 2.49 10.90
N TRP D 348 51.13 1.69 11.14
CA TRP D 348 49.83 2.01 10.57
C TRP D 348 49.33 3.35 11.07
N LEU D 349 49.32 3.54 12.40
CA LEU D 349 48.85 4.79 12.98
C LEU D 349 49.60 6.00 12.40
N ASP D 350 50.91 5.88 12.23
CA ASP D 350 51.69 7.02 11.78
C ASP D 350 51.67 7.18 10.28
N ARG D 351 51.46 6.11 9.52
CA ARG D 351 51.26 6.26 8.09
C ARG D 351 49.99 7.06 7.81
N CYS D 352 48.88 6.70 8.46
CA CYS D 352 47.64 7.46 8.28
C CYS D 352 47.81 8.90 8.72
N ALA D 353 48.38 9.11 9.90
CA ALA D 353 48.48 10.47 10.46
C ALA D 353 49.31 11.37 9.58
N ALA D 354 50.36 10.82 8.95
CA ALA D 354 51.18 11.63 8.05
C ALA D 354 50.39 12.01 6.79
N MET D 355 49.72 11.03 6.18
CA MET D 355 48.91 11.31 4.99
C MET D 355 47.76 12.26 5.32
N ASN D 356 47.17 12.10 6.51
CA ASN D 356 46.11 13.01 6.94
C ASN D 356 46.60 14.46 6.90
N ARG D 357 47.80 14.70 7.43
CA ARG D 357 48.39 16.03 7.34
C ARG D 357 48.73 16.37 5.89
N HIS D 358 49.16 15.38 5.11
CA HIS D 358 49.46 15.61 3.70
C HIS D 358 48.21 16.04 2.95
N ALA D 359 47.08 15.37 3.19
CA ALA D 359 45.84 15.72 2.51
C ALA D 359 45.30 17.07 2.98
N ILE D 360 45.32 17.30 4.29
CA ILE D 360 44.81 18.56 4.82
C ILE D 360 45.64 19.73 4.31
N ALA D 361 46.96 19.56 4.26
CA ALA D 361 47.83 20.62 3.75
C ALA D 361 47.60 20.85 2.25
N ALA D 362 47.45 19.77 1.48
CA ALA D 362 47.22 19.91 0.05
C ALA D 362 45.95 20.69 -0.24
N VAL D 363 44.90 20.46 0.55
CA VAL D 363 43.66 21.20 0.38
C VAL D 363 43.84 22.65 0.80
N ARG D 364 44.48 22.88 1.95
CA ARG D 364 44.70 24.24 2.43
C ARG D 364 45.62 25.00 1.48
N GLU D 365 46.66 24.35 0.96
CA GLU D 365 47.59 25.02 0.06
C GLU D 365 46.93 25.33 -1.28
N GLN D 366 46.23 24.35 -1.86
CA GLN D 366 45.67 24.54 -3.19
C GLN D 366 44.50 25.50 -3.20
N LEU D 367 43.78 25.61 -2.08
CA LEU D 367 42.70 26.61 -1.99
C LEU D 367 43.27 28.02 -2.02
N ALA D 368 44.36 28.26 -1.29
CA ALA D 368 44.99 29.58 -1.30
C ALA D 368 45.51 29.93 -2.70
N ALA D 369 46.00 28.93 -3.43
CA ALA D 369 46.49 29.17 -4.78
C ALA D 369 45.38 29.58 -5.74
N HIS D 370 44.14 29.24 -5.45
CA HIS D 370 43.07 29.45 -6.41
C HIS D 370 42.62 30.91 -6.42
N PRO D 371 42.39 31.49 -7.60
CA PRO D 371 42.09 32.93 -7.68
C PRO D 371 40.74 33.30 -7.11
N LEU D 372 39.68 32.66 -7.60
CA LEU D 372 38.31 33.06 -7.29
C LEU D 372 37.78 32.31 -6.07
N THR D 373 36.82 32.94 -5.39
CA THR D 373 36.15 32.31 -4.27
C THR D 373 35.15 31.27 -4.78
N THR D 374 35.15 30.09 -4.16
CA THR D 374 34.27 29.00 -4.51
C THR D 374 33.57 28.49 -3.25
N GLY D 375 32.64 27.55 -3.45
CA GLY D 375 31.96 26.96 -2.31
C GLY D 375 32.91 26.28 -1.35
N LEU D 376 34.01 25.72 -1.85
CA LEU D 376 35.02 25.13 -0.97
C LEU D 376 35.71 26.20 -0.15
N HIS D 377 35.99 27.37 -0.76
CA HIS D 377 36.50 28.49 0.01
C HIS D 377 35.50 28.96 1.04
N VAL D 378 34.23 29.08 0.65
CA VAL D 378 33.19 29.50 1.58
C VAL D 378 33.04 28.49 2.71
N ALA D 379 33.09 27.20 2.38
CA ALA D 379 33.01 26.18 3.41
C ALA D 379 34.19 26.27 4.37
N ALA D 380 35.39 26.50 3.83
CA ALA D 380 36.57 26.66 4.68
C ALA D 380 36.44 27.90 5.56
N ALA D 381 35.87 28.97 5.01
CA ALA D 381 35.70 30.21 5.78
C ALA D 381 34.82 29.98 7.00
N VAL D 382 33.71 29.25 6.83
CA VAL D 382 32.81 28.99 7.95
C VAL D 382 33.49 28.11 8.99
N SER D 383 34.29 27.13 8.53
CA SER D 383 34.89 26.19 9.46
C SER D 383 35.88 26.88 10.40
N HIS D 384 36.67 27.81 9.87
CA HIS D 384 37.63 28.53 10.71
C HIS D 384 36.93 29.47 11.69
N ALA D 385 35.75 29.98 11.32
CA ALA D 385 35.04 30.95 12.14
C ALA D 385 34.19 30.33 13.23
N LEU D 386 34.15 29.01 13.34
CA LEU D 386 33.29 28.35 14.30
C LEU D 386 33.98 28.17 15.64
N ARG D 387 33.20 28.29 16.72
CA ARG D 387 33.66 28.16 18.09
C ARG D 387 32.78 27.18 18.83
N PRO D 388 33.32 26.45 19.81
CA PRO D 388 32.53 25.47 20.54
C PRO D 388 31.26 26.07 21.14
N GLY D 389 30.23 25.23 21.25
CA GLY D 389 28.90 25.67 21.63
C GLY D 389 28.00 26.02 20.47
N ASP D 390 28.56 26.24 19.29
CA ASP D 390 27.77 26.58 18.12
C ASP D 390 26.99 25.38 17.60
N GLN D 391 25.95 25.68 16.82
CA GLN D 391 25.20 24.68 16.06
C GLN D 391 25.38 24.97 14.58
N LEU D 392 25.77 23.93 13.83
CA LEU D 392 26.07 24.07 12.41
C LEU D 392 25.08 23.24 11.61
N VAL D 393 24.36 23.89 10.70
CA VAL D 393 23.39 23.23 9.84
C VAL D 393 23.90 23.31 8.41
N LEU D 394 23.97 22.16 7.74
CA LEU D 394 24.54 22.08 6.39
C LEU D 394 23.50 21.62 5.38
N GLY D 395 23.48 22.29 4.23
CA GLY D 395 22.68 21.80 3.13
C GLY D 395 23.18 20.46 2.65
N ALA D 396 22.24 19.59 2.24
CA ALA D 396 22.54 18.20 1.96
C ALA D 396 23.22 17.98 0.61
N SER D 397 23.67 19.03 -0.07
CA SER D 397 24.32 18.86 -1.37
C SER D 397 25.83 19.01 -1.24
N ASN D 398 26.38 20.06 -1.87
CA ASN D 398 27.80 20.38 -1.82
C ASN D 398 28.28 20.88 -0.45
N PRO D 399 27.52 21.72 0.27
CA PRO D 399 28.04 22.25 1.54
C PRO D 399 28.54 21.19 2.52
N VAL D 400 27.78 20.12 2.73
CA VAL D 400 28.22 19.08 3.65
C VAL D 400 29.48 18.39 3.09
N ARG D 401 29.52 18.16 1.78
CA ARG D 401 30.72 17.61 1.16
C ARG D 401 31.91 18.54 1.34
N ASP D 402 31.70 19.84 1.09
CA ASP D 402 32.81 20.80 1.10
C ASP D 402 33.41 20.96 2.50
N VAL D 403 32.56 20.98 3.53
CA VAL D 403 33.07 21.11 4.90
C VAL D 403 34.03 19.98 5.23
N ALA D 404 33.70 18.75 4.83
CA ALA D 404 34.61 17.63 5.06
C ALA D 404 35.92 17.83 4.32
N LEU D 405 35.86 18.32 3.09
CA LEU D 405 37.07 18.65 2.35
C LEU D 405 37.88 19.72 3.06
N ALA D 406 37.20 20.70 3.65
CA ALA D 406 37.88 21.73 4.43
C ALA D 406 38.40 21.21 5.77
N GLY D 407 38.14 19.95 6.10
CA GLY D 407 38.69 19.34 7.31
C GLY D 407 38.26 20.00 8.61
N LEU D 408 36.98 20.34 8.74
CA LEU D 408 36.48 20.98 9.94
C LEU D 408 36.54 20.02 11.13
N ASP D 409 36.96 20.53 12.28
CA ASP D 409 36.90 19.79 13.53
C ASP D 409 35.55 20.09 14.20
N THR D 410 34.78 19.04 14.48
CA THR D 410 33.41 19.20 14.94
C THR D 410 33.24 18.99 16.45
N ARG D 411 34.27 18.55 17.15
CA ARG D 411 34.14 18.34 18.59
C ARG D 411 33.81 19.65 19.28
N GLY D 412 32.82 19.61 20.17
CA GLY D 412 32.26 20.82 20.75
C GLY D 412 31.19 21.48 19.91
N ILE D 413 31.06 21.10 18.64
CA ILE D 413 30.05 21.65 17.73
C ILE D 413 28.97 20.60 17.52
N ARG D 414 27.73 21.06 17.43
CA ARG D 414 26.59 20.21 17.08
C ARG D 414 26.25 20.45 15.62
N VAL D 415 26.43 19.42 14.79
CA VAL D 415 26.26 19.52 13.34
C VAL D 415 24.99 18.80 12.95
N ARG D 416 24.09 19.50 12.26
CA ARG D 416 22.81 18.96 11.81
C ARG D 416 22.73 19.04 10.30
N SER D 417 22.20 17.99 9.68
CA SER D 417 21.97 18.00 8.24
C SER D 417 20.95 16.93 7.89
N ASN D 418 20.09 17.24 6.92
CA ASN D 418 19.06 16.32 6.46
C ASN D 418 19.72 15.28 5.55
N ARG D 419 20.34 14.28 6.18
CA ARG D 419 21.10 13.26 5.49
C ARG D 419 20.31 11.97 5.24
N GLY D 420 19.12 11.85 5.82
CA GLY D 420 18.38 10.61 5.68
C GLY D 420 18.03 10.29 4.24
N VAL D 421 17.55 11.30 3.51
CA VAL D 421 17.27 11.17 2.09
C VAL D 421 18.11 12.12 1.24
N ALA D 422 18.75 13.11 1.87
CA ALA D 422 19.72 14.00 1.21
C ALA D 422 19.04 14.90 0.19
N GLY D 423 17.90 15.47 0.58
CA GLY D 423 17.23 16.43 -0.27
C GLY D 423 17.72 17.85 -0.03
N ILE D 424 17.54 18.69 -1.05
CA ILE D 424 17.97 20.09 -0.98
C ILE D 424 16.80 20.93 -0.50
N ASP D 425 15.77 20.27 0.03
CA ASP D 425 14.54 20.93 0.43
C ASP D 425 14.54 21.20 1.91
N GLY D 426 13.85 22.29 2.29
CA GLY D 426 13.53 22.54 3.68
C GLY D 426 14.69 22.78 4.60
N THR D 427 15.87 23.13 4.06
CA THR D 427 17.02 23.34 4.94
C THR D 427 16.92 24.68 5.67
N VAL D 428 16.36 25.70 5.02
CA VAL D 428 16.17 26.99 5.68
C VAL D 428 15.31 26.82 6.94
N SER D 429 14.16 26.15 6.79
CA SER D 429 13.29 25.94 7.94
C SER D 429 13.94 25.01 8.97
N THR D 430 14.65 23.98 8.51
CA THR D 430 15.34 23.08 9.45
C THR D 430 16.29 23.87 10.36
N ALA D 431 17.03 24.82 9.80
CA ALA D 431 17.92 25.64 10.61
C ALA D 431 17.15 26.53 11.58
N ILE D 432 16.09 27.17 11.09
CA ILE D 432 15.25 28.00 11.95
C ILE D 432 14.72 27.18 13.13
N GLY D 433 14.22 25.98 12.85
CA GLY D 433 13.73 25.14 13.92
C GLY D 433 14.84 24.62 14.81
N ALA D 434 15.99 24.27 14.22
CA ALA D 434 17.12 23.82 15.02
C ALA D 434 17.58 24.90 15.99
N ALA D 435 17.63 26.15 15.52
CA ALA D 435 17.97 27.25 16.42
C ALA D 435 16.94 27.41 17.53
N LEU D 436 15.65 27.44 17.16
CA LEU D 436 14.61 27.66 18.15
C LEU D 436 14.60 26.58 19.22
N ALA D 437 14.92 25.34 18.84
CA ALA D 437 15.01 24.28 19.84
C ALA D 437 16.28 24.41 20.66
N TYR D 438 17.39 24.78 20.01
CA TYR D 438 18.66 24.94 20.70
C TYR D 438 18.62 26.13 21.65
N GLU D 439 18.20 27.30 21.14
CA GLU D 439 18.11 28.49 21.97
C GLU D 439 17.14 28.28 23.14
N GLY D 440 16.06 27.54 22.90
CA GLY D 440 15.12 27.25 23.97
C GLY D 440 15.75 26.46 25.10
N ALA D 441 16.66 25.55 24.76
CA ALA D 441 17.39 24.81 25.78
C ALA D 441 18.26 25.74 26.63
N HIS D 442 18.94 26.68 25.98
CA HIS D 442 19.73 27.67 26.71
C HIS D 442 18.85 28.54 27.60
N GLU D 443 17.68 28.92 27.11
CA GLU D 443 16.75 29.72 27.91
C GLU D 443 16.35 28.97 29.18
N ARG D 444 15.97 27.70 29.04
CA ARG D 444 15.63 26.90 30.21
C ARG D 444 16.86 26.58 31.05
N THR D 445 18.04 26.54 30.43
CA THR D 445 19.27 26.27 31.17
C THR D 445 19.49 27.29 32.28
N GLY D 446 18.95 28.50 32.12
CA GLY D 446 19.02 29.52 33.13
C GLY D 446 20.31 30.33 33.15
N SER D 447 21.28 29.97 32.31
CA SER D 447 22.52 30.73 32.26
C SER D 447 22.27 32.11 31.67
N PRO D 448 22.89 33.15 32.22
CA PRO D 448 22.77 34.51 31.65
C PRO D 448 23.81 34.77 30.57
N ASP D 449 23.83 33.91 29.56
CA ASP D 449 24.77 34.01 28.45
C ASP D 449 24.04 34.40 27.18
N SER D 450 24.80 34.93 26.23
CA SER D 450 24.28 35.10 24.88
C SER D 450 23.93 33.73 24.34
N PRO D 451 22.71 33.53 23.82
CA PRO D 451 22.32 32.21 23.33
C PRO D 451 23.27 31.73 22.26
N PRO D 452 23.53 30.43 22.20
CA PRO D 452 24.53 29.93 21.24
C PRO D 452 24.14 30.24 19.81
N ARG D 453 25.16 30.47 18.98
CA ARG D 453 24.91 30.75 17.58
C ARG D 453 24.46 29.50 16.85
N THR D 454 23.57 29.69 15.88
CA THR D 454 23.25 28.66 14.89
C THR D 454 23.68 29.19 13.54
N ILE D 455 24.58 28.47 12.87
CA ILE D 455 25.13 28.88 11.59
C ILE D 455 24.77 27.82 10.56
N ALA D 456 24.16 28.26 9.46
CA ALA D 456 23.74 27.37 8.38
C ALA D 456 24.50 27.70 7.12
N LEU D 457 24.90 26.66 6.39
CA LEU D 457 25.59 26.79 5.11
C LEU D 457 24.82 26.02 4.06
N ILE D 458 24.27 26.73 3.08
CA ILE D 458 23.42 26.13 2.06
C ILE D 458 23.79 26.68 0.69
N GLY D 459 23.62 25.85 -0.32
CA GLY D 459 23.73 26.33 -1.68
C GLY D 459 22.57 27.23 -2.06
N ASP D 460 22.76 27.94 -3.17
CA ASP D 460 21.69 28.79 -3.70
C ASP D 460 20.45 27.98 -4.05
N LEU D 461 20.64 26.84 -4.70
CA LEU D 461 19.51 25.98 -5.04
C LEU D 461 18.73 25.59 -3.80
N THR D 462 19.43 25.27 -2.71
CA THR D 462 18.76 24.99 -1.45
C THR D 462 18.02 26.22 -0.93
N PHE D 463 18.65 27.39 -0.99
CA PHE D 463 18.01 28.61 -0.52
C PHE D 463 16.73 28.89 -1.28
N VAL D 464 16.79 28.85 -2.61
CA VAL D 464 15.63 29.21 -3.42
C VAL D 464 14.50 28.21 -3.20
N HIS D 465 14.83 26.92 -3.14
CA HIS D 465 13.85 25.89 -2.80
C HIS D 465 13.05 26.29 -1.56
N ASP D 466 13.74 26.49 -0.44
CA ASP D 466 13.11 26.72 0.85
C ASP D 466 13.05 28.20 1.21
N SER D 467 13.10 29.09 0.21
CA SER D 467 13.06 30.52 0.50
C SER D 467 11.79 30.90 1.26
N SER D 468 10.71 30.15 1.06
CA SER D 468 9.45 30.43 1.74
C SER D 468 9.56 30.26 3.25
N GLY D 469 10.55 29.48 3.72
CA GLY D 469 10.74 29.29 5.15
C GLY D 469 11.13 30.54 5.90
N LEU D 470 11.57 31.58 5.19
CA LEU D 470 11.96 32.82 5.84
C LEU D 470 10.74 33.61 6.33
N LEU D 471 9.61 33.46 5.67
CA LEU D 471 8.39 34.19 6.05
C LEU D 471 7.89 33.65 7.39
N ILE D 472 7.96 34.48 8.43
CA ILE D 472 7.46 34.15 9.75
C ILE D 472 6.59 35.29 10.25
N GLY D 473 5.43 34.95 10.82
CA GLY D 473 4.55 35.94 11.37
C GLY D 473 5.16 36.67 12.54
N PRO D 474 4.68 37.89 12.80
CA PRO D 474 5.24 38.67 13.92
C PRO D 474 5.07 37.98 15.27
N THR D 475 3.91 37.38 15.51
CA THR D 475 3.64 36.70 16.77
C THR D 475 4.22 35.31 16.83
N GLU D 476 4.79 34.78 15.73
CA GLU D 476 5.35 33.44 15.80
C GLU D 476 6.81 33.49 16.25
N PRO D 477 7.23 32.47 17.01
CA PRO D 477 8.61 32.46 17.53
C PRO D 477 9.65 32.59 16.43
N ILE D 478 10.63 33.43 16.68
CA ILE D 478 11.70 33.72 15.74
C ILE D 478 13.03 33.49 16.44
N PRO D 479 13.99 32.82 15.82
CA PRO D 479 15.27 32.55 16.50
C PRO D 479 16.00 33.83 16.86
N ARG D 480 16.90 33.72 17.82
CA ARG D 480 17.61 34.86 18.38
C ARG D 480 19.05 35.00 17.90
N SER D 481 19.67 33.93 17.40
CA SER D 481 21.07 33.98 16.99
C SER D 481 21.31 33.02 15.83
N LEU D 482 20.57 33.22 14.74
CA LEU D 482 20.68 32.38 13.55
C LEU D 482 21.21 33.21 12.39
N THR D 483 22.19 32.66 11.68
CA THR D 483 22.78 33.32 10.52
C THR D 483 22.97 32.30 9.43
N ILE D 484 22.33 32.51 8.28
CA ILE D 484 22.31 31.54 7.19
C ILE D 484 23.27 32.02 6.11
N VAL D 485 24.40 31.34 5.96
CA VAL D 485 25.34 31.64 4.89
C VAL D 485 24.86 30.99 3.60
N VAL D 486 24.74 31.78 2.54
CA VAL D 486 24.28 31.29 1.25
C VAL D 486 25.44 31.45 0.27
N SER D 487 25.99 30.32 -0.18
CA SER D 487 27.07 30.31 -1.16
C SER D 487 26.46 30.20 -2.55
N ASN D 488 26.24 31.36 -3.18
CA ASN D 488 25.57 31.40 -4.49
C ASN D 488 26.58 31.11 -5.58
N ASP D 489 26.43 29.96 -6.24
CA ASP D 489 27.22 29.63 -7.42
C ASP D 489 26.35 29.40 -8.66
N ASN D 490 25.06 29.78 -8.59
CA ASN D 490 24.11 29.59 -9.69
C ASN D 490 23.98 28.12 -10.10
N GLY D 491 24.12 27.20 -9.14
CA GLY D 491 24.00 25.79 -9.46
C GLY D 491 24.40 24.93 -8.27
N GLY D 492 24.65 23.66 -8.57
CA GLY D 492 25.06 22.71 -7.55
C GLY D 492 25.58 21.45 -8.20
N GLY D 493 26.25 20.64 -7.40
CA GLY D 493 26.84 19.41 -7.88
C GLY D 493 27.15 18.40 -6.79
N SER D 510 24.83 21.26 -20.42
CA SER D 510 25.22 22.52 -19.78
C SER D 510 24.00 23.33 -19.38
N ARG D 511 22.87 23.06 -20.05
CA ARG D 511 21.61 23.69 -19.68
C ARG D 511 20.93 22.97 -18.53
N ILE D 512 21.07 21.65 -18.48
CA ILE D 512 20.31 20.82 -17.56
C ILE D 512 21.12 20.46 -16.31
N PHE D 513 22.39 20.09 -16.47
CA PHE D 513 23.21 19.69 -15.32
C PHE D 513 23.31 20.84 -14.31
N GLY D 514 23.75 22.00 -14.78
CA GLY D 514 23.71 23.22 -13.99
C GLY D 514 22.66 24.17 -14.57
N THR D 515 21.78 24.64 -13.71
CA THR D 515 20.72 25.54 -14.13
C THR D 515 20.96 26.93 -13.56
N PRO D 516 21.13 27.95 -14.40
CA PRO D 516 21.26 29.32 -13.88
C PRO D 516 19.89 29.94 -13.64
N HIS D 517 19.80 30.73 -12.58
CA HIS D 517 18.53 31.35 -12.20
C HIS D 517 18.57 32.87 -12.12
N ASP D 518 19.74 33.47 -11.87
CA ASP D 518 19.88 34.93 -11.80
C ASP D 518 18.90 35.53 -10.80
N VAL D 519 18.76 34.87 -9.65
CA VAL D 519 17.85 35.32 -8.61
C VAL D 519 18.58 36.32 -7.71
N ASP D 520 17.94 37.46 -7.47
CA ASP D 520 18.47 38.45 -6.53
C ASP D 520 18.11 37.99 -5.12
N VAL D 521 19.07 37.33 -4.46
CA VAL D 521 18.83 36.86 -3.10
C VAL D 521 18.57 38.02 -2.16
N GLY D 522 19.29 39.13 -2.35
CA GLY D 522 19.11 40.27 -1.47
C GLY D 522 17.71 40.83 -1.49
N ALA D 523 17.16 41.01 -2.70
CA ALA D 523 15.79 41.53 -2.81
C ALA D 523 14.78 40.55 -2.21
N LEU D 524 14.99 39.25 -2.43
CA LEU D 524 14.10 38.25 -1.85
C LEU D 524 14.10 38.35 -0.34
N CYS D 525 15.29 38.39 0.27
CA CYS D 525 15.38 38.55 1.71
C CYS D 525 14.75 39.86 2.17
N ARG D 526 14.94 40.92 1.39
CA ARG D 526 14.32 42.21 1.69
C ARG D 526 12.79 42.09 1.72
N ALA D 527 12.22 41.35 0.78
CA ALA D 527 10.76 41.26 0.67
C ALA D 527 10.14 40.56 1.87
N TYR D 528 10.82 39.55 2.41
CA TYR D 528 10.33 38.84 3.59
C TYR D 528 10.69 39.54 4.89
N HIS D 529 11.23 40.75 4.83
CA HIS D 529 11.60 41.54 6.01
C HIS D 529 12.63 40.80 6.87
N VAL D 530 13.70 40.33 6.22
CA VAL D 530 14.81 39.70 6.94
C VAL D 530 16.09 40.42 6.57
N GLU D 531 17.03 40.45 7.52
CA GLU D 531 18.27 41.17 7.33
C GLU D 531 19.20 40.40 6.40
N SER D 532 19.65 41.06 5.33
CA SER D 532 20.54 40.46 4.35
C SER D 532 21.71 41.40 4.10
N ARG D 533 22.82 40.81 3.66
CA ARG D 533 24.03 41.57 3.36
C ARG D 533 24.94 40.71 2.51
N GLN D 534 25.24 41.17 1.29
CA GLN D 534 26.18 40.48 0.42
C GLN D 534 27.60 40.81 0.85
N ILE D 535 28.40 39.79 1.14
CA ILE D 535 29.75 39.96 1.66
C ILE D 535 30.71 39.04 0.89
N GLU D 536 31.99 39.40 0.95
CA GLU D 536 33.04 38.58 0.38
C GLU D 536 33.55 37.58 1.43
N VAL D 537 34.45 36.69 1.00
CA VAL D 537 34.85 35.56 1.83
C VAL D 537 35.48 36.04 3.13
N ASP D 538 36.42 36.98 3.04
CA ASP D 538 37.13 37.44 4.23
C ASP D 538 36.20 38.12 5.24
N GLU D 539 35.07 38.65 4.79
CA GLU D 539 34.13 39.30 5.70
C GLU D 539 33.43 38.30 6.61
N LEU D 540 33.36 37.04 6.20
CA LEU D 540 32.51 36.05 6.85
C LEU D 540 32.84 35.89 8.33
N GLY D 541 34.05 35.41 8.63
CA GLY D 541 34.51 35.22 9.98
C GLY D 541 34.29 36.43 10.87
N PRO D 542 34.76 37.60 10.41
CA PRO D 542 34.49 38.83 11.18
C PRO D 542 33.01 39.13 11.36
N THR D 543 32.22 39.11 10.28
CA THR D 543 30.82 39.48 10.41
C THR D 543 30.00 38.43 11.16
N LEU D 544 30.46 37.18 11.18
CA LEU D 544 29.78 36.16 11.97
C LEU D 544 29.90 36.43 13.46
N ASP D 545 31.07 36.89 13.90
CA ASP D 545 31.28 37.19 15.31
C ASP D 545 30.46 38.40 15.75
N GLN D 546 30.28 39.37 14.86
CA GLN D 546 29.56 40.59 15.22
C GLN D 546 28.06 40.34 15.23
N PRO D 547 27.39 40.46 16.38
CA PRO D 547 25.95 40.21 16.41
C PRO D 547 25.16 41.25 15.63
N GLY D 548 24.11 40.79 14.97
CA GLY D 548 23.21 41.67 14.25
C GLY D 548 21.76 41.39 14.60
N ALA D 549 20.90 41.26 13.58
CA ALA D 549 19.53 40.86 13.84
C ALA D 549 19.47 39.39 14.24
N GLY D 550 18.40 39.04 14.96
CA GLY D 550 18.24 37.67 15.43
C GLY D 550 18.32 36.62 14.33
N MET D 551 17.80 36.96 13.15
CA MET D 551 17.91 36.10 11.97
C MET D 551 18.43 36.95 10.82
N ARG D 552 19.50 36.49 10.18
CA ARG D 552 20.12 37.21 9.08
C ARG D 552 20.61 36.22 8.03
N VAL D 553 20.58 36.65 6.77
CA VAL D 553 21.05 35.86 5.64
C VAL D 553 22.29 36.55 5.08
N LEU D 554 23.41 35.81 5.03
CA LEU D 554 24.66 36.33 4.52
C LEU D 554 24.95 35.67 3.17
N GLU D 555 24.95 36.47 2.11
CA GLU D 555 25.19 35.98 0.76
C GLU D 555 26.66 36.12 0.40
N VAL D 556 27.21 35.09 -0.23
CA VAL D 556 28.59 35.08 -0.71
C VAL D 556 28.59 34.58 -2.15
N LYS D 557 29.01 35.43 -3.07
CA LYS D 557 29.09 35.03 -4.46
C LYS D 557 30.17 33.96 -4.64
N ALA D 558 29.90 33.01 -5.55
CA ALA D 558 30.83 31.91 -5.80
C ALA D 558 30.87 31.61 -7.29
N ASP D 559 31.83 30.79 -7.69
CA ASP D 559 32.08 30.48 -9.09
C ASP D 559 32.11 28.96 -9.27
N ARG D 560 31.50 28.49 -10.35
CA ARG D 560 31.48 27.07 -10.69
C ARG D 560 32.54 26.69 -11.73
N SER D 561 32.79 27.55 -12.71
CA SER D 561 33.73 27.22 -13.77
C SER D 561 35.12 26.95 -13.21
N SER D 562 35.56 27.77 -12.26
CA SER D 562 36.88 27.59 -11.66
C SER D 562 36.91 26.38 -10.73
N LEU D 563 35.76 26.00 -10.18
CA LEU D 563 35.69 24.90 -9.22
C LEU D 563 36.11 23.57 -9.82
N ARG D 564 35.83 23.36 -11.10
CA ARG D 564 36.19 22.09 -11.74
C ARG D 564 37.72 21.92 -11.77
N GLN D 565 38.44 22.97 -12.17
CA GLN D 565 39.89 22.90 -12.21
C GLN D 565 40.49 22.83 -10.81
N LEU D 566 39.84 23.47 -9.83
CA LEU D 566 40.35 23.48 -8.47
C LEU D 566 40.50 22.06 -7.93
N HIS D 567 39.48 21.23 -8.12
CA HIS D 567 39.54 19.86 -7.63
C HIS D 567 40.60 19.04 -8.37
N ALA D 568 40.83 19.35 -9.65
CA ALA D 568 41.92 18.70 -10.37
C ALA D 568 43.28 19.09 -9.79
N ALA D 569 43.43 20.36 -9.37
CA ALA D 569 44.65 20.78 -8.70
C ALA D 569 44.78 20.13 -7.32
N ILE D 570 43.67 19.95 -6.62
CA ILE D 570 43.69 19.24 -5.35
C ILE D 570 44.11 17.79 -5.56
N LYS D 571 43.57 17.15 -6.59
CA LYS D 571 43.92 15.76 -6.89
C LYS D 571 45.34 15.62 -7.40
N ALA D 572 45.90 16.66 -8.01
CA ALA D 572 47.26 16.59 -8.53
C ALA D 572 48.31 16.76 -7.44
N ALA D 573 47.99 17.49 -6.37
CA ALA D 573 48.92 17.69 -5.27
C ALA D 573 48.94 16.52 -4.29
N LEU D 574 48.15 15.48 -4.53
CA LEU D 574 48.08 14.33 -3.64
C LEU D 574 48.98 13.19 -4.14
O1A DNA E . -16.65 14.57 -13.62
O1B DNA E . -14.72 15.57 -13.75
O1C DNA E . -12.27 14.24 -9.57
O1D DNA E . -17.60 13.88 -11.31
C1E DNA E . -15.25 12.73 -6.89
C1F DNA E . -16.58 12.64 -7.30
C1G DNA E . -14.25 13.22 -7.73
C1H DNA E . -16.95 13.03 -8.59
C1I DNA E . -13.92 14.53 -11.26
C1J DNA E . -15.56 14.90 -13.12
C1K DNA E . -13.56 14.14 -9.96
C1L DNA E . -15.23 14.46 -11.72
C1M DNA E . -16.33 13.95 -10.85
C1N DNA E . -14.59 13.61 -9.02
C1O DNA E . -15.99 13.51 -9.47
O1A DNA F . 4.55 -11.56 22.65
O1B DNA F . 5.17 -9.63 23.47
O1C DNA F . 2.11 -9.94 18.45
O1D DNA F . 2.82 -8.10 23.71
C1E DNA F . -0.27 -6.67 19.86
C1F DNA F . -0.10 -6.21 21.16
C1G DNA F . 0.49 -7.73 19.36
C1H DNA F . 0.83 -6.78 22.02
C1I DNA F . 3.20 -10.06 20.56
C1J DNA F . 4.44 -10.32 22.73
C1K DNA F . 2.26 -9.47 19.71
C1L DNA F . 3.42 -9.63 21.87
C1M DNA F . 2.61 -8.50 22.43
C1N DNA F . 1.43 -8.34 20.19
C1O DNA F . 1.61 -7.84 21.57
O1A DNA G . -11.02 -8.77 -20.55
O1B DNA G . -11.33 -10.38 -19.09
O1C DNA G . -7.89 -9.28 -15.53
O1D DNA G . -8.49 -8.12 -21.00
C1E DNA G . -4.69 -7.36 -17.62
C1F DNA G . -4.83 -7.07 -18.98
C1G DNA G . -5.71 -7.98 -16.91
C1H DNA G . -5.99 -7.40 -19.68
C1I DNA G . -9.19 -9.32 -17.53
C1J DNA G . -10.65 -9.43 -19.55
C1K DNA G . -8.01 -9.00 -16.84
C1L DNA G . -9.37 -9.06 -18.89
C1M DNA G . -8.30 -8.39 -19.67
C1N DNA G . -6.90 -8.33 -17.56
C1O DNA G . -7.03 -8.02 -19.00
O1A DNA H . 21.23 5.68 11.54
O1B DNA H . 22.15 3.69 11.57
O1C DNA H . 17.74 5.44 7.91
O1D DNA H . 21.95 2.12 9.58
C1E DNA H . 18.56 1.89 5.71
C1F DNA H . 19.60 1.05 6.11
C1G DNA H . 18.27 3.06 6.41
C1H DNA H . 20.39 1.34 7.22
C1I DNA H . 19.53 4.95 9.41
C1J DNA H . 21.38 4.53 11.06
C1K DNA H . 18.76 4.62 8.30
C1L DNA H . 20.59 4.15 9.85
C1M DNA H . 20.92 2.89 9.14
C1N DNA H . 19.03 3.39 7.51
C1O DNA H . 20.13 2.51 7.94
#